data_6MUJ
#
_entry.id   6MUJ
#
_cell.length_a   140.008
_cell.length_b   140.008
_cell.length_c   217.508
_cell.angle_alpha   90.000
_cell.angle_beta   90.000
_cell.angle_gamma   120.000
#
_symmetry.space_group_name_H-M   'P 31 2 1'
#
loop_
_entity.id
_entity.type
_entity.pdbx_description
1 polymer 'Formylglycine-generating enzyme'
2 non-polymer 'CALCIUM ION'
3 non-polymer 'COPPER (II) ION'
4 non-polymer IMIDAZOLE
5 non-polymer GLYCEROL
6 non-polymer 'FORMIC ACID'
7 non-polymer GLYCINE
8 non-polymer 2,3-DIHYDROXY-1,4-DITHIOBUTANE
9 water water
#
_entity_poly.entity_id   1
_entity_poly.type   'polypeptide(L)'
_entity_poly.pdbx_seq_one_letter_code
;GIDPFTAVAAPSPAAAAEPGPAARPRSTRGQVRLPGGEFAMGDAFGEGYPADGETPVHTVRLRPFHIDETAVTNARFAAF
VKATGHVTDAERFGSSAVFHLVVAAPDADVLGSAAGAPWWINVRGAHWRRPEGARSDITGRPNHPVVHVSWNDATAYARW
AGKRLPTEAEWEYAARGGLAGRRYAWGDELTPGGRWRCNIWQGRFPHVNTAEDGHLSTAPVKSYRPNGHGLWNTAGNVWE
WCSDWFSPTYYAESPTVDPHGPGTGAARVLRGGSYLCHDSYCNRYRVAARSSNTPDSSSGNLGFRCANDADLTSGSAAE
;
_entity_poly.pdbx_strand_id   A,B,C,D,E
#
loop_
_chem_comp.id
_chem_comp.type
_chem_comp.name
_chem_comp.formula
CA non-polymer 'CALCIUM ION' 'Ca 2'
CU non-polymer 'COPPER (II) ION' 'Cu 2'
DTT non-polymer 2,3-DIHYDROXY-1,4-DITHIOBUTANE 'C4 H10 O2 S2'
FMT non-polymer 'FORMIC ACID' 'C H2 O2'
GOL non-polymer GLYCEROL 'C3 H8 O3'
IMD non-polymer IMIDAZOLE 'C3 H5 N2 1'
#
# COMPACT_ATOMS: atom_id res chain seq x y z
N ALA A 23 -7.68 -24.37 1.64
CA ALA A 23 -7.57 -24.88 0.28
C ALA A 23 -8.94 -24.97 -0.41
N ARG A 24 -9.41 -23.84 -0.98
CA ARG A 24 -10.66 -23.70 -1.74
C ARG A 24 -10.72 -24.71 -2.89
N PRO A 25 -11.90 -24.98 -3.48
CA PRO A 25 -11.99 -26.08 -4.47
C PRO A 25 -11.12 -25.81 -5.70
N ARG A 26 -10.13 -26.68 -5.89
CA ARG A 26 -9.12 -26.51 -6.94
C ARG A 26 -9.76 -26.26 -8.30
N SER A 27 -9.13 -25.38 -9.08
CA SER A 27 -9.65 -24.93 -10.38
C SER A 27 -8.51 -24.87 -11.40
N THR A 28 -8.68 -25.55 -12.53
CA THR A 28 -7.71 -25.49 -13.62
C THR A 28 -8.21 -24.61 -14.77
N ARG A 29 -9.10 -23.67 -14.48
CA ARG A 29 -9.64 -22.82 -15.52
C ARG A 29 -8.52 -21.96 -16.10
N GLY A 30 -8.47 -21.88 -17.42
CA GLY A 30 -7.43 -21.14 -18.10
C GLY A 30 -6.04 -21.68 -17.90
N GLN A 31 -5.89 -22.95 -17.54
CA GLN A 31 -4.56 -23.51 -17.39
C GLN A 31 -4.39 -24.66 -18.37
N VAL A 32 -3.16 -24.84 -18.83
CA VAL A 32 -2.80 -26.00 -19.62
C VAL A 32 -2.10 -27.00 -18.72
N ARG A 33 -2.27 -28.29 -19.01
CA ARG A 33 -1.59 -29.35 -18.28
C ARG A 33 -0.31 -29.73 -19.01
N LEU A 34 0.82 -29.56 -18.33
CA LEU A 34 2.05 -29.90 -19.04
C LEU A 34 2.61 -31.23 -18.54
N PRO A 35 3.22 -32.01 -19.44
CA PRO A 35 3.68 -33.35 -19.02
C PRO A 35 4.70 -33.34 -17.90
N GLY A 36 5.68 -32.45 -17.98
CA GLY A 36 6.74 -32.41 -16.98
C GLY A 36 7.95 -33.18 -17.47
N GLY A 37 8.49 -34.03 -16.61
CA GLY A 37 9.67 -34.77 -16.99
C GLY A 37 10.92 -33.97 -16.75
N GLU A 38 11.95 -34.21 -17.56
CA GLU A 38 13.28 -33.69 -17.28
C GLU A 38 13.65 -32.61 -18.29
N PHE A 39 14.26 -31.54 -17.80
CA PHE A 39 14.78 -30.51 -18.69
C PHE A 39 16.02 -29.90 -18.06
N ALA A 40 16.77 -29.18 -18.90
CA ALA A 40 17.97 -28.44 -18.50
C ALA A 40 17.60 -27.01 -18.11
N MET A 41 17.68 -26.71 -16.81
CA MET A 41 17.36 -25.39 -16.27
C MET A 41 18.63 -24.56 -16.09
N GLY A 42 18.63 -23.35 -16.63
CA GLY A 42 19.74 -22.44 -16.45
C GLY A 42 20.15 -21.80 -17.76
N ASP A 43 21.10 -20.86 -17.65
CA ASP A 43 21.61 -20.12 -18.80
C ASP A 43 22.53 -21.00 -19.62
N ALA A 44 21.99 -21.64 -20.66
CA ALA A 44 22.74 -22.53 -21.54
C ALA A 44 23.88 -21.83 -22.29
N PHE A 45 23.96 -20.51 -22.27
CA PHE A 45 24.94 -19.77 -23.06
C PHE A 45 26.03 -19.10 -22.22
N GLY A 46 25.98 -19.24 -20.90
CA GLY A 46 26.89 -18.53 -20.01
C GLY A 46 26.98 -17.04 -20.24
N GLU A 47 25.90 -16.40 -20.71
CA GLU A 47 25.89 -14.98 -21.02
C GLU A 47 25.17 -14.14 -19.99
N GLY A 48 24.74 -14.74 -18.89
CA GLY A 48 23.91 -14.06 -17.92
C GLY A 48 24.68 -13.10 -17.01
N TYR A 49 23.93 -12.55 -16.07
CA TYR A 49 24.54 -11.67 -15.06
C TYR A 49 25.04 -12.51 -13.90
N PRO A 50 26.30 -12.38 -13.51
CA PRO A 50 26.87 -13.32 -12.53
C PRO A 50 26.19 -13.26 -11.17
N ALA A 51 25.67 -12.11 -10.77
CA ALA A 51 25.09 -11.99 -9.44
C ALA A 51 23.75 -12.71 -9.31
N ASP A 52 23.10 -13.04 -10.44
CA ASP A 52 21.78 -13.65 -10.43
C ASP A 52 21.81 -15.17 -10.31
N GLY A 53 22.97 -15.81 -10.50
CA GLY A 53 23.09 -17.25 -10.39
C GLY A 53 22.25 -18.01 -11.41
N GLU A 54 22.40 -17.68 -12.70
CA GLU A 54 21.71 -18.40 -13.77
C GLU A 54 22.37 -19.74 -14.08
N THR A 55 23.59 -19.94 -13.64
CA THR A 55 24.36 -21.16 -13.78
C THR A 55 24.63 -21.75 -12.40
N PRO A 56 24.96 -23.05 -12.30
CA PRO A 56 25.11 -24.04 -13.37
C PRO A 56 23.78 -24.51 -13.99
N VAL A 57 23.78 -24.73 -15.32
CA VAL A 57 22.73 -25.51 -15.97
C VAL A 57 22.62 -26.84 -15.23
N HIS A 58 21.43 -27.13 -14.71
CA HIS A 58 21.23 -28.30 -13.87
C HIS A 58 19.95 -29.02 -14.29
N THR A 59 19.96 -30.34 -14.15
CA THR A 59 18.85 -31.15 -14.63
C THR A 59 17.75 -31.22 -13.58
N VAL A 60 16.52 -30.87 -13.99
CA VAL A 60 15.38 -30.85 -13.10
C VAL A 60 14.33 -31.79 -13.64
N ARG A 61 13.59 -32.43 -12.75
CA ARG A 61 12.54 -33.39 -13.09
C ARG A 61 11.27 -32.95 -12.39
N LEU A 62 10.24 -32.65 -13.17
CA LEU A 62 9.01 -32.08 -12.67
C LEU A 62 7.86 -33.05 -12.88
N ARG A 63 7.07 -33.26 -11.84
CA ARG A 63 5.84 -33.98 -12.04
C ARG A 63 4.88 -33.12 -12.84
N PRO A 64 3.98 -33.74 -13.59
CA PRO A 64 2.99 -32.96 -14.35
C PRO A 64 2.30 -31.92 -13.48
N PHE A 65 2.01 -30.77 -14.08
CA PHE A 65 1.36 -29.67 -13.38
C PHE A 65 0.50 -28.87 -14.35
N HIS A 66 -0.31 -27.99 -13.78
CA HIS A 66 -1.03 -27.02 -14.57
C HIS A 66 -0.38 -25.65 -14.42
N ILE A 67 -0.49 -24.82 -15.45
CA ILE A 67 -0.01 -23.44 -15.37
C ILE A 67 -0.92 -22.55 -16.22
N ASP A 68 -1.07 -21.29 -15.81
CA ASP A 68 -1.93 -20.35 -16.54
C ASP A 68 -1.40 -20.09 -17.95
N GLU A 69 -2.31 -20.12 -18.94
CA GLU A 69 -1.94 -19.74 -20.30
C GLU A 69 -1.50 -18.27 -20.38
N THR A 70 -2.12 -17.38 -19.58
CA THR A 70 -1.77 -15.98 -19.58
C THR A 70 -1.49 -15.49 -18.17
N ALA A 71 -0.82 -14.34 -18.08
CA ALA A 71 -0.78 -13.65 -16.81
C ALA A 71 -2.20 -13.31 -16.35
N VAL A 72 -2.34 -13.10 -15.05
CA VAL A 72 -3.66 -12.83 -14.49
C VAL A 72 -4.11 -11.46 -14.96
N THR A 73 -5.38 -11.37 -15.38
CA THR A 73 -5.93 -10.17 -16.00
C THR A 73 -6.52 -9.24 -14.97
N ASN A 74 -6.73 -7.98 -15.38
CA ASN A 74 -7.46 -7.04 -14.54
C ASN A 74 -8.88 -7.53 -14.27
N ALA A 75 -9.52 -8.10 -15.29
CA ALA A 75 -10.90 -8.58 -15.13
C ALA A 75 -10.97 -9.67 -14.07
N ARG A 76 -10.04 -10.63 -14.12
CA ARG A 76 -10.07 -11.71 -13.14
CA ARG A 76 -10.07 -11.71 -13.14
C ARG A 76 -9.65 -11.23 -11.76
N PHE A 77 -8.59 -10.42 -11.68
CA PHE A 77 -8.19 -9.91 -10.37
C PHE A 77 -9.30 -9.06 -9.76
N ALA A 78 -10.10 -8.38 -10.58
CA ALA A 78 -11.16 -7.54 -10.02
C ALA A 78 -12.29 -8.38 -9.42
N ALA A 79 -12.59 -9.53 -10.02
CA ALA A 79 -13.58 -10.43 -9.42
C ALA A 79 -13.12 -10.93 -8.07
N PHE A 80 -11.83 -11.21 -7.93
CA PHE A 80 -11.23 -11.57 -6.65
C PHE A 80 -11.48 -10.50 -5.60
N VAL A 81 -11.24 -9.23 -5.95
CA VAL A 81 -11.42 -8.16 -4.98
C VAL A 81 -12.91 -7.96 -4.68
N LYS A 82 -13.77 -8.02 -5.70
CA LYS A 82 -15.20 -7.88 -5.45
C LYS A 82 -15.70 -8.93 -4.48
N ALA A 83 -15.13 -10.13 -4.54
CA ALA A 83 -15.61 -11.24 -3.72
C ALA A 83 -14.99 -11.30 -2.33
N THR A 84 -13.77 -10.78 -2.16
CA THR A 84 -13.10 -10.88 -0.87
C THR A 84 -12.75 -9.54 -0.25
N GLY A 85 -13.02 -8.42 -0.92
CA GLY A 85 -12.63 -7.14 -0.37
C GLY A 85 -11.16 -7.01 -0.05
N HIS A 86 -10.32 -7.79 -0.73
CA HIS A 86 -8.88 -7.73 -0.50
C HIS A 86 -8.36 -6.33 -0.75
N VAL A 87 -7.45 -5.89 0.13
CA VAL A 87 -6.79 -4.60 0.01
C VAL A 87 -5.33 -4.87 -0.29
N THR A 88 -4.87 -4.42 -1.46
CA THR A 88 -3.53 -4.74 -1.92
C THR A 88 -2.48 -3.97 -1.14
N ASP A 89 -1.30 -4.57 -1.00
CA ASP A 89 -0.19 -3.90 -0.32
C ASP A 89 0.04 -2.47 -0.80
N ALA A 90 -0.20 -2.21 -2.09
CA ALA A 90 -0.01 -0.86 -2.61
C ALA A 90 -1.08 0.09 -2.09
N GLU A 91 -2.28 -0.42 -1.77
CA GLU A 91 -3.28 0.44 -1.16
C GLU A 91 -2.98 0.70 0.30
N ARG A 92 -2.31 -0.24 0.99
CA ARG A 92 -1.96 -0.07 2.40
C ARG A 92 -0.78 0.89 2.57
N PHE A 93 0.34 0.60 1.91
CA PHE A 93 1.49 1.51 1.91
C PHE A 93 1.10 2.92 1.45
N GLY A 94 0.11 3.04 0.55
CA GLY A 94 -0.38 4.33 0.12
C GLY A 94 0.12 4.79 -1.24
N SER A 95 1.19 4.19 -1.75
CA SER A 95 1.69 4.53 -3.07
C SER A 95 2.35 3.31 -3.70
N SER A 96 2.43 3.33 -5.04
CA SER A 96 3.19 2.34 -5.79
C SER A 96 4.00 3.05 -6.86
N ALA A 97 5.02 2.33 -7.36
CA ALA A 97 5.92 2.88 -8.38
C ALA A 97 5.29 2.89 -9.76
N VAL A 98 5.38 4.03 -10.44
CA VAL A 98 4.85 4.25 -11.78
C VAL A 98 5.97 4.74 -12.69
N PHE A 99 6.01 4.24 -13.92
CA PHE A 99 7.03 4.71 -14.86
C PHE A 99 6.76 6.16 -15.22
N HIS A 100 7.84 6.96 -15.26
CA HIS A 100 7.66 8.41 -15.25
C HIS A 100 7.00 8.95 -16.50
N LEU A 101 7.17 8.28 -17.63
CA LEU A 101 6.55 8.76 -18.86
C LEU A 101 5.03 8.63 -18.87
N VAL A 102 4.45 7.76 -18.04
CA VAL A 102 3.02 7.47 -18.09
C VAL A 102 2.32 7.93 -16.83
N VAL A 103 3.02 8.64 -15.93
CA VAL A 103 2.36 9.16 -14.74
C VAL A 103 1.15 9.98 -15.16
N ALA A 104 0.01 9.70 -14.54
CA ALA A 104 -1.24 10.41 -14.79
C ALA A 104 -1.82 10.72 -13.42
N ALA A 105 -1.29 11.77 -12.78
CA ALA A 105 -1.69 12.14 -11.44
C ALA A 105 -1.61 13.66 -11.29
N PRO A 106 -2.33 14.24 -10.33
CA PRO A 106 -2.06 15.62 -9.94
C PRO A 106 -0.73 15.72 -9.23
N ASP A 107 -0.12 16.90 -9.35
CA ASP A 107 1.24 17.08 -8.84
C ASP A 107 1.32 16.86 -7.34
N ALA A 108 0.20 17.05 -6.63
CA ALA A 108 0.17 16.75 -5.20
C ALA A 108 0.57 15.30 -4.95
N ASP A 109 0.13 14.40 -5.83
CA ASP A 109 0.30 12.97 -5.61
C ASP A 109 1.72 12.48 -5.91
N VAL A 110 2.51 13.23 -6.69
CA VAL A 110 3.85 12.77 -7.04
C VAL A 110 4.77 12.89 -5.83
N LEU A 111 5.07 11.79 -5.17
CA LEU A 111 5.98 11.85 -4.03
C LEU A 111 7.44 11.81 -4.44
N GLY A 112 7.74 12.11 -5.71
CA GLY A 112 9.11 12.24 -6.16
C GLY A 112 9.73 10.94 -6.61
N SER A 113 10.80 11.08 -7.39
CA SER A 113 11.48 9.92 -7.97
C SER A 113 11.89 8.92 -6.89
N ALA A 114 11.73 7.64 -7.21
CA ALA A 114 12.33 6.59 -6.40
C ALA A 114 13.84 6.71 -6.48
N ALA A 115 14.51 6.44 -5.37
CA ALA A 115 15.95 6.59 -5.33
C ALA A 115 16.61 5.35 -5.92
N GLY A 116 17.70 5.58 -6.67
CA GLY A 116 18.44 4.52 -7.30
C GLY A 116 17.98 4.21 -8.71
N ALA A 117 16.82 4.71 -9.11
CA ALA A 117 16.26 4.48 -10.43
C ALA A 117 15.27 5.61 -10.70
N PRO A 118 15.76 6.79 -11.06
CA PRO A 118 14.88 7.96 -11.12
C PRO A 118 13.79 7.88 -12.17
N TRP A 119 13.73 6.85 -13.00
CA TRP A 119 12.62 6.77 -13.93
C TRP A 119 11.35 6.22 -13.29
N TRP A 120 11.41 5.77 -12.04
CA TRP A 120 10.24 5.29 -11.31
C TRP A 120 9.76 6.38 -10.35
N ILE A 121 8.53 6.84 -10.54
CA ILE A 121 7.93 7.87 -9.71
C ILE A 121 7.03 7.20 -8.67
N ASN A 122 7.27 7.49 -7.39
CA ASN A 122 6.32 7.10 -6.34
C ASN A 122 5.08 7.95 -6.45
N VAL A 123 3.96 7.33 -6.73
CA VAL A 123 2.72 8.04 -6.98
C VAL A 123 1.73 7.61 -5.92
N ARG A 124 1.26 8.57 -5.13
CA ARG A 124 0.26 8.25 -4.12
C ARG A 124 -1.04 7.89 -4.82
N GLY A 125 -1.72 6.88 -4.30
CA GLY A 125 -2.97 6.46 -4.89
C GLY A 125 -2.83 5.55 -6.09
N ALA A 126 -1.61 5.21 -6.48
CA ALA A 126 -1.38 4.32 -7.61
C ALA A 126 -1.50 2.88 -7.14
N HIS A 127 -2.49 2.15 -7.67
CA HIS A 127 -2.69 0.76 -7.35
C HIS A 127 -3.27 0.10 -8.60
N TRP A 128 -3.67 -1.17 -8.46
CA TRP A 128 -4.03 -1.97 -9.63
C TRP A 128 -5.23 -1.37 -10.38
N ARG A 129 -6.19 -0.78 -9.67
CA ARG A 129 -7.35 -0.23 -10.37
C ARG A 129 -7.02 1.08 -11.06
N ARG A 130 -6.07 1.85 -10.54
CA ARG A 130 -5.64 3.12 -11.13
C ARG A 130 -4.13 3.04 -11.29
N PRO A 131 -3.65 2.33 -12.32
CA PRO A 131 -2.23 1.91 -12.33
C PRO A 131 -1.24 2.99 -12.72
N GLU A 132 -1.70 4.09 -13.33
CA GLU A 132 -0.86 5.23 -13.61
C GLU A 132 -1.10 6.39 -12.64
N GLY A 133 -1.97 6.21 -11.67
CA GLY A 133 -2.26 7.22 -10.68
C GLY A 133 -3.73 7.55 -10.65
N ALA A 134 -4.06 8.62 -9.93
CA ALA A 134 -5.46 8.92 -9.64
C ALA A 134 -6.25 9.24 -10.90
N ARG A 135 -5.59 9.73 -11.94
CA ARG A 135 -6.31 10.14 -13.16
C ARG A 135 -6.41 9.03 -14.19
N SER A 136 -6.14 7.78 -13.83
CA SER A 136 -6.24 6.66 -14.75
C SER A 136 -7.25 5.64 -14.24
N ASP A 137 -7.77 4.82 -15.16
CA ASP A 137 -8.62 3.69 -14.82
C ASP A 137 -8.25 2.51 -15.70
N ILE A 138 -8.87 1.35 -15.45
CA ILE A 138 -8.62 0.17 -16.25
C ILE A 138 -9.89 -0.32 -16.93
N THR A 139 -10.80 0.62 -17.22
CA THR A 139 -12.06 0.27 -17.89
C THR A 139 -11.83 -0.26 -19.30
N GLY A 140 -10.86 0.30 -20.02
CA GLY A 140 -10.53 -0.15 -21.34
C GLY A 140 -9.52 -1.27 -21.42
N ARG A 141 -9.04 -1.78 -20.27
CA ARG A 141 -7.96 -2.78 -20.25
C ARG A 141 -8.31 -3.98 -19.37
N PRO A 142 -9.48 -4.60 -19.57
CA PRO A 142 -9.79 -5.78 -18.73
C PRO A 142 -8.88 -6.94 -19.02
N ASN A 143 -8.40 -7.05 -20.26
CA ASN A 143 -7.54 -8.15 -20.68
C ASN A 143 -6.06 -7.78 -20.64
N HIS A 144 -5.71 -6.69 -19.93
CA HIS A 144 -4.31 -6.42 -19.67
C HIS A 144 -3.87 -7.12 -18.39
N PRO A 145 -2.60 -7.46 -18.22
CA PRO A 145 -2.21 -8.09 -16.96
C PRO A 145 -2.36 -7.10 -15.82
N VAL A 146 -2.78 -7.61 -14.67
CA VAL A 146 -2.93 -6.76 -13.51
C VAL A 146 -1.55 -6.40 -12.98
N VAL A 147 -1.36 -5.14 -12.59
CA VAL A 147 -0.08 -4.72 -12.04
C VAL A 147 -0.30 -4.10 -10.67
N HIS A 148 0.78 -3.59 -10.06
CA HIS A 148 0.75 -3.09 -8.68
C HIS A 148 0.28 -4.17 -7.71
N VAL A 149 0.73 -5.40 -7.94
CA VAL A 149 0.38 -6.53 -7.08
C VAL A 149 1.66 -7.11 -6.49
N SER A 150 1.67 -7.27 -5.17
CA SER A 150 2.82 -7.83 -4.47
C SER A 150 2.78 -9.35 -4.50
N TRP A 151 3.87 -9.96 -4.02
CA TRP A 151 3.87 -11.41 -3.84
C TRP A 151 2.74 -11.84 -2.92
N ASN A 152 2.44 -11.03 -1.90
CA ASN A 152 1.32 -11.36 -1.00
C ASN A 152 0.00 -11.29 -1.74
N ASP A 153 -0.21 -10.25 -2.55
CA ASP A 153 -1.44 -10.15 -3.33
C ASP A 153 -1.54 -11.31 -4.32
N ALA A 154 -0.43 -11.62 -4.98
CA ALA A 154 -0.41 -12.74 -5.93
C ALA A 154 -0.79 -14.06 -5.27
N THR A 155 -0.12 -14.44 -4.17
CA THR A 155 -0.46 -15.70 -3.55
C THR A 155 -1.86 -15.69 -2.94
N ALA A 156 -2.35 -14.52 -2.52
CA ALA A 156 -3.72 -14.41 -2.04
C ALA A 156 -4.71 -14.75 -3.13
N TYR A 157 -4.63 -14.05 -4.28
CA TYR A 157 -5.48 -14.36 -5.42
C TYR A 157 -5.46 -15.86 -5.74
N ALA A 158 -4.25 -16.42 -5.93
CA ALA A 158 -4.11 -17.84 -6.27
C ALA A 158 -4.88 -18.72 -5.30
N ARG A 159 -4.67 -18.51 -4.00
CA ARG A 159 -5.43 -19.25 -3.00
C ARG A 159 -6.92 -19.16 -3.28
N TRP A 160 -7.44 -17.93 -3.36
CA TRP A 160 -8.87 -17.76 -3.60
C TRP A 160 -9.32 -18.43 -4.88
N ALA A 161 -8.50 -18.35 -5.93
CA ALA A 161 -8.88 -18.89 -7.23
C ALA A 161 -8.76 -20.40 -7.34
N GLY A 162 -8.34 -21.07 -6.26
CA GLY A 162 -8.09 -22.50 -6.34
C GLY A 162 -6.83 -22.85 -7.10
N LYS A 163 -5.78 -22.03 -6.96
CA LYS A 163 -4.52 -22.28 -7.64
C LYS A 163 -3.39 -21.98 -6.66
N ARG A 164 -2.17 -21.90 -7.18
CA ARG A 164 -1.01 -21.53 -6.41
C ARG A 164 -0.07 -20.80 -7.36
N LEU A 165 1.01 -20.26 -6.83
CA LEU A 165 2.01 -19.73 -7.76
C LEU A 165 2.87 -20.85 -8.31
N PRO A 166 3.47 -20.67 -9.47
CA PRO A 166 4.42 -21.66 -9.97
C PRO A 166 5.72 -21.57 -9.20
N THR A 167 6.41 -22.71 -9.09
CA THR A 167 7.81 -22.64 -8.68
C THR A 167 8.63 -22.05 -9.82
N GLU A 168 9.83 -21.54 -9.49
CA GLU A 168 10.70 -21.01 -10.53
C GLU A 168 10.97 -22.07 -11.60
N ALA A 169 11.28 -23.30 -11.20
CA ALA A 169 11.60 -24.36 -12.18
C ALA A 169 10.41 -24.66 -13.07
N GLU A 170 9.22 -24.82 -12.48
CA GLU A 170 7.99 -24.96 -13.27
C GLU A 170 7.81 -23.82 -14.27
N TRP A 171 8.10 -22.57 -13.85
CA TRP A 171 7.94 -21.44 -14.75
C TRP A 171 8.91 -21.51 -15.93
N GLU A 172 10.19 -21.79 -15.64
CA GLU A 172 11.15 -21.80 -16.74
C GLU A 172 10.85 -22.93 -17.72
N TYR A 173 10.49 -24.11 -17.21
CA TYR A 173 10.19 -25.22 -18.10
C TYR A 173 8.97 -24.89 -18.95
N ALA A 174 7.87 -24.48 -18.31
CA ALA A 174 6.72 -23.98 -19.06
C ALA A 174 7.11 -22.87 -20.04
N ALA A 175 7.98 -21.96 -19.63
CA ALA A 175 8.33 -20.85 -20.52
C ALA A 175 9.13 -21.32 -21.72
N ARG A 176 9.96 -22.35 -21.54
CA ARG A 176 10.79 -22.84 -22.63
C ARG A 176 9.95 -23.50 -23.72
N GLY A 177 8.74 -23.94 -23.41
CA GLY A 177 7.80 -24.38 -24.42
C GLY A 177 8.19 -25.64 -25.15
N GLY A 178 8.80 -26.60 -24.45
CA GLY A 178 9.19 -27.85 -25.05
C GLY A 178 10.51 -27.80 -25.79
N LEU A 179 11.11 -26.64 -25.97
CA LEU A 179 12.44 -26.58 -26.56
C LEU A 179 13.48 -26.67 -25.45
N ALA A 180 14.66 -27.18 -25.81
CA ALA A 180 15.74 -27.40 -24.85
C ALA A 180 16.90 -26.45 -25.15
N GLY A 181 17.39 -25.77 -24.12
CA GLY A 181 18.60 -24.98 -24.24
C GLY A 181 18.52 -23.77 -25.16
N ARG A 182 17.33 -23.23 -25.40
CA ARG A 182 17.21 -22.04 -26.24
C ARG A 182 17.37 -20.77 -25.40
N ARG A 183 17.67 -19.67 -26.11
CA ARG A 183 17.81 -18.39 -25.41
C ARG A 183 16.44 -17.85 -24.97
N TYR A 184 15.44 -17.92 -25.84
CA TYR A 184 14.13 -17.34 -25.59
C TYR A 184 13.05 -18.42 -25.67
N ALA A 185 11.82 -18.06 -25.27
CA ALA A 185 10.73 -19.02 -25.26
C ALA A 185 10.47 -19.66 -26.63
N TRP A 186 10.86 -18.99 -27.71
CA TRP A 186 10.59 -19.44 -29.06
C TRP A 186 11.83 -19.87 -29.83
N GLY A 187 13.02 -19.77 -29.24
CA GLY A 187 14.25 -20.00 -29.97
C GLY A 187 15.36 -19.05 -29.56
N ASP A 188 16.29 -18.76 -30.48
CA ASP A 188 17.51 -18.03 -30.14
C ASP A 188 17.62 -16.65 -30.78
N GLU A 189 16.90 -16.39 -31.86
CA GLU A 189 16.85 -15.04 -32.41
C GLU A 189 15.84 -14.21 -31.63
N LEU A 190 16.23 -13.02 -31.18
CA LEU A 190 15.29 -12.23 -30.39
C LEU A 190 14.06 -11.83 -31.18
N THR A 191 14.26 -11.43 -32.44
CA THR A 191 13.20 -11.01 -33.34
C THR A 191 13.25 -11.87 -34.61
N PRO A 192 12.77 -13.12 -34.55
CA PRO A 192 12.78 -13.98 -35.75
C PRO A 192 12.19 -13.26 -36.94
N GLY A 193 12.77 -13.50 -38.11
CA GLY A 193 12.31 -12.84 -39.31
C GLY A 193 12.33 -11.33 -39.27
N GLY A 194 13.09 -10.74 -38.33
CA GLY A 194 13.12 -9.31 -38.14
C GLY A 194 11.84 -8.72 -37.59
N ARG A 195 11.02 -9.54 -36.93
CA ARG A 195 9.71 -9.13 -36.43
CA ARG A 195 9.73 -9.10 -36.42
C ARG A 195 9.62 -9.39 -34.92
N TRP A 196 8.81 -8.59 -34.25
CA TRP A 196 8.61 -8.72 -32.80
C TRP A 196 7.50 -9.72 -32.49
N ARG A 197 7.73 -10.53 -31.45
CA ARG A 197 6.71 -11.41 -30.88
C ARG A 197 6.67 -11.31 -29.35
N CYS A 198 7.22 -10.25 -28.76
CA CYS A 198 7.08 -10.04 -27.32
C CYS A 198 7.19 -8.54 -27.06
N ASN A 199 6.68 -8.12 -25.89
CA ASN A 199 6.59 -6.69 -25.57
C ASN A 199 7.69 -6.29 -24.58
N ILE A 200 8.78 -5.72 -25.10
CA ILE A 200 9.80 -5.10 -24.28
C ILE A 200 9.99 -3.66 -24.76
N TRP A 201 11.21 -3.13 -24.64
CA TRP A 201 11.47 -1.73 -24.93
C TRP A 201 12.32 -1.61 -26.20
N GLN A 202 12.01 -0.60 -27.01
CA GLN A 202 12.94 -0.22 -28.09
C GLN A 202 13.17 1.28 -28.00
N GLY A 203 14.39 1.70 -28.35
CA GLY A 203 14.72 3.11 -28.28
C GLY A 203 15.79 3.39 -27.24
N ARG A 204 15.84 4.64 -26.77
CA ARG A 204 16.87 5.10 -25.84
C ARG A 204 16.26 5.12 -24.44
N PHE A 205 16.46 4.02 -23.71
CA PHE A 205 15.98 3.95 -22.34
C PHE A 205 16.74 4.91 -21.43
N PRO A 206 16.06 5.65 -20.54
CA PRO A 206 14.63 5.54 -20.24
C PRO A 206 13.77 6.62 -20.87
N HIS A 207 14.27 7.30 -21.91
CA HIS A 207 13.64 8.53 -22.37
C HIS A 207 12.73 8.34 -23.58
N VAL A 208 13.05 7.43 -24.51
CA VAL A 208 12.28 7.33 -25.74
C VAL A 208 11.98 5.86 -26.02
N ASN A 209 10.71 5.57 -26.25
CA ASN A 209 10.24 4.23 -26.59
C ASN A 209 9.58 4.32 -27.97
N THR A 210 10.19 3.67 -28.96
CA THR A 210 9.75 3.70 -30.36
C THR A 210 8.60 2.76 -30.66
N ALA A 211 8.25 1.86 -29.73
CA ALA A 211 7.06 1.00 -29.84
C ALA A 211 7.06 0.17 -31.13
N GLU A 212 8.24 -0.30 -31.54
CA GLU A 212 8.31 -1.23 -32.66
C GLU A 212 7.48 -2.48 -32.41
N ASP A 213 7.40 -2.95 -31.16
CA ASP A 213 6.66 -4.16 -30.84
C ASP A 213 5.16 -3.92 -30.69
N GLY A 214 4.67 -2.70 -30.94
CA GLY A 214 3.26 -2.39 -30.89
C GLY A 214 2.79 -1.73 -29.60
N HIS A 215 3.61 -1.71 -28.55
CA HIS A 215 3.09 -1.34 -27.24
C HIS A 215 4.10 -0.52 -26.43
N LEU A 216 3.62 0.62 -25.92
CA LEU A 216 4.42 1.42 -25.00
C LEU A 216 4.48 0.81 -23.60
N SER A 217 3.33 0.74 -22.92
CA SER A 217 3.29 0.07 -21.62
C SER A 217 2.80 -1.37 -21.77
N THR A 218 1.89 -1.81 -20.89
CA THR A 218 1.42 -3.19 -20.96
C THR A 218 0.65 -3.45 -22.24
N ALA A 219 0.70 -4.69 -22.69
CA ALA A 219 -0.06 -5.20 -23.81
C ALA A 219 -1.14 -6.16 -23.34
N PRO A 220 -2.18 -6.39 -24.13
CA PRO A 220 -3.16 -7.42 -23.78
C PRO A 220 -2.50 -8.77 -23.56
N VAL A 221 -3.09 -9.58 -22.67
CA VAL A 221 -2.43 -10.81 -22.25
C VAL A 221 -2.15 -11.78 -23.38
N LYS A 222 -2.93 -11.74 -24.45
CA LYS A 222 -2.73 -12.69 -25.56
C LYS A 222 -2.17 -12.01 -26.81
N SER A 223 -1.30 -11.02 -26.62
CA SER A 223 -0.63 -10.40 -27.76
C SER A 223 0.34 -11.40 -28.43
N TYR A 224 0.56 -11.18 -29.73
CA TYR A 224 1.54 -11.92 -30.51
C TYR A 224 1.12 -13.37 -30.67
N ARG A 225 1.77 -14.32 -29.99
CA ARG A 225 1.45 -15.73 -30.17
C ARG A 225 2.02 -16.53 -29.01
N PRO A 226 1.42 -17.67 -28.68
CA PRO A 226 1.90 -18.45 -27.53
C PRO A 226 3.16 -19.24 -27.88
N ASN A 227 3.78 -19.82 -26.86
CA ASN A 227 4.96 -20.64 -27.06
C ASN A 227 4.56 -22.10 -27.25
N GLY A 228 5.55 -22.99 -27.23
CA GLY A 228 5.31 -24.39 -27.56
C GLY A 228 4.33 -25.09 -26.62
N HIS A 229 4.25 -24.66 -25.36
CA HIS A 229 3.34 -25.25 -24.39
C HIS A 229 2.01 -24.54 -24.30
N GLY A 230 1.85 -23.43 -25.03
CA GLY A 230 0.62 -22.67 -25.00
C GLY A 230 0.61 -21.44 -24.12
N LEU A 231 1.77 -21.03 -23.57
CA LEU A 231 1.84 -19.90 -22.66
C LEU A 231 2.09 -18.63 -23.46
N TRP A 232 1.28 -17.61 -23.20
CA TRP A 232 1.40 -16.31 -23.84
C TRP A 232 2.25 -15.35 -23.02
N ASN A 233 3.26 -14.76 -23.66
CA ASN A 233 4.01 -13.64 -23.11
C ASN A 233 4.76 -13.99 -21.83
N THR A 234 5.42 -15.16 -21.80
CA THR A 234 6.34 -15.37 -20.69
C THR A 234 7.50 -14.39 -20.76
N ALA A 235 7.90 -13.99 -21.95
CA ALA A 235 8.94 -12.98 -22.09
C ALA A 235 8.29 -11.61 -22.21
N GLY A 236 8.74 -10.64 -21.41
CA GLY A 236 8.26 -9.29 -21.54
C GLY A 236 6.85 -9.09 -21.00
N ASN A 237 6.25 -7.97 -21.40
CA ASN A 237 5.00 -7.43 -20.85
C ASN A 237 5.18 -7.05 -19.38
N VAL A 238 4.98 -8.00 -18.45
CA VAL A 238 5.21 -7.74 -17.03
C VAL A 238 6.07 -8.84 -16.42
N TRP A 239 6.78 -8.48 -15.34
CA TRP A 239 7.44 -9.47 -14.49
C TRP A 239 6.40 -10.37 -13.83
N GLU A 240 6.81 -11.58 -13.46
CA GLU A 240 5.86 -12.52 -12.89
C GLU A 240 6.39 -13.14 -11.60
N TRP A 241 5.60 -13.02 -10.53
CA TRP A 241 5.96 -13.59 -9.24
C TRP A 241 6.00 -15.11 -9.31
N CYS A 242 7.01 -15.71 -8.68
CA CYS A 242 7.07 -17.15 -8.47
C CYS A 242 6.98 -17.47 -6.98
N SER A 243 6.85 -18.75 -6.65
CA SER A 243 6.73 -19.12 -5.25
C SER A 243 8.07 -19.05 -4.53
N ASP A 244 9.18 -19.25 -5.23
CA ASP A 244 10.47 -19.47 -4.58
C ASP A 244 10.98 -18.21 -3.86
N TRP A 245 11.80 -18.45 -2.82
CA TRP A 245 12.78 -17.48 -2.38
C TRP A 245 13.94 -17.47 -3.36
N PHE A 246 14.52 -16.29 -3.57
CA PHE A 246 15.65 -16.14 -4.48
C PHE A 246 16.96 -16.41 -3.75
N SER A 247 17.88 -17.08 -4.44
CA SER A 247 19.23 -17.27 -3.98
C SER A 247 20.05 -17.48 -5.24
N PRO A 248 21.17 -16.78 -5.38
CA PRO A 248 22.04 -17.00 -6.55
C PRO A 248 22.88 -18.27 -6.45
N THR A 249 22.74 -19.05 -5.39
CA THR A 249 23.46 -20.33 -5.30
C THR A 249 22.52 -21.52 -5.30
N TYR A 250 21.21 -21.33 -5.40
CA TYR A 250 20.29 -22.47 -5.38
C TYR A 250 20.59 -23.44 -6.50
N TYR A 251 21.01 -22.96 -7.67
CA TYR A 251 21.18 -23.86 -8.81
C TYR A 251 22.21 -24.94 -8.51
N ALA A 252 23.36 -24.55 -7.94
CA ALA A 252 24.40 -25.52 -7.64
C ALA A 252 24.05 -26.44 -6.46
N GLU A 253 23.01 -26.16 -5.68
CA GLU A 253 22.65 -27.01 -4.54
C GLU A 253 21.25 -27.59 -4.68
N SER A 254 20.70 -27.60 -5.88
CA SER A 254 19.26 -27.86 -5.97
C SER A 254 18.97 -29.36 -5.93
N PRO A 255 17.82 -29.75 -5.39
CA PRO A 255 17.36 -31.12 -5.59
C PRO A 255 17.15 -31.39 -7.07
N THR A 256 16.93 -32.66 -7.41
CA THR A 256 16.60 -32.99 -8.78
C THR A 256 15.09 -33.01 -9.04
N VAL A 257 14.29 -33.31 -8.02
CA VAL A 257 12.86 -33.51 -8.21
C VAL A 257 12.09 -32.38 -7.51
N ASP A 258 11.27 -31.68 -8.30
CA ASP A 258 10.37 -30.64 -7.82
C ASP A 258 11.05 -29.59 -6.92
N PRO A 259 12.11 -28.93 -7.39
CA PRO A 259 12.79 -27.90 -6.57
C PRO A 259 11.84 -26.77 -6.19
N HIS A 260 11.71 -26.52 -4.89
CA HIS A 260 10.84 -25.47 -4.38
C HIS A 260 11.59 -24.21 -3.95
N GLY A 261 12.92 -24.16 -4.15
CA GLY A 261 13.74 -23.05 -3.69
C GLY A 261 14.21 -23.23 -2.26
N PRO A 262 15.13 -22.38 -1.79
CA PRO A 262 15.65 -22.52 -0.43
C PRO A 262 14.59 -22.16 0.61
N GLY A 263 14.86 -22.61 1.86
CA GLY A 263 13.84 -22.59 2.90
C GLY A 263 13.49 -21.21 3.42
N THR A 264 14.46 -20.31 3.43
CA THR A 264 14.22 -18.92 3.81
C THR A 264 14.88 -18.02 2.78
N GLY A 265 14.53 -16.74 2.82
CA GLY A 265 15.23 -15.78 2.00
C GLY A 265 14.73 -14.36 2.24
N ALA A 266 15.34 -13.44 1.49
CA ALA A 266 15.05 -12.01 1.54
C ALA A 266 14.02 -11.58 0.50
N ALA A 267 14.10 -12.10 -0.73
CA ALA A 267 13.23 -11.70 -1.83
C ALA A 267 12.71 -12.92 -2.57
N ARG A 268 11.44 -12.83 -3.02
CA ARG A 268 10.86 -13.86 -3.86
C ARG A 268 11.22 -13.64 -5.32
N VAL A 269 11.21 -14.73 -6.09
CA VAL A 269 11.73 -14.78 -7.46
C VAL A 269 10.76 -14.10 -8.42
N LEU A 270 11.32 -13.40 -9.40
CA LEU A 270 10.57 -12.84 -10.52
C LEU A 270 11.16 -13.34 -11.81
N ARG A 271 10.30 -13.69 -12.79
CA ARG A 271 10.80 -14.11 -14.08
C ARG A 271 10.09 -13.35 -15.18
N GLY A 272 10.71 -13.34 -16.37
CA GLY A 272 10.05 -12.95 -17.60
C GLY A 272 10.48 -11.61 -18.18
N GLY A 273 10.91 -10.68 -17.36
CA GLY A 273 11.13 -9.32 -17.86
C GLY A 273 9.81 -8.62 -18.13
N SER A 274 9.90 -7.40 -18.64
CA SER A 274 8.72 -6.54 -18.76
C SER A 274 8.87 -5.59 -19.95
N TYR A 275 7.83 -4.76 -20.16
CA TYR A 275 7.86 -3.81 -21.26
C TYR A 275 8.93 -2.74 -21.13
N LEU A 276 9.67 -2.68 -20.01
CA LEU A 276 10.80 -1.77 -19.87
C LEU A 276 12.15 -2.42 -20.18
N CYS A 277 12.21 -3.75 -20.30
CA CYS A 277 13.51 -4.39 -20.48
C CYS A 277 14.15 -3.93 -21.78
N HIS A 278 15.44 -3.65 -21.70
CA HIS A 278 16.23 -3.26 -22.86
C HIS A 278 17.64 -3.80 -22.71
N ASP A 279 18.28 -4.08 -23.85
CA ASP A 279 19.59 -4.71 -23.81
C ASP A 279 20.62 -3.82 -23.12
N SER A 280 20.44 -2.50 -23.17
CA SER A 280 21.44 -1.59 -22.63
C SER A 280 21.66 -1.77 -21.13
N TYR A 281 20.69 -2.30 -20.38
CA TYR A 281 20.84 -2.33 -18.92
C TYR A 281 20.20 -3.54 -18.25
N CYS A 282 19.27 -4.21 -18.94
CA CYS A 282 18.58 -5.35 -18.35
C CYS A 282 17.90 -6.14 -19.46
N ASN A 283 18.53 -7.23 -19.90
CA ASN A 283 17.98 -8.17 -20.87
C ASN A 283 17.41 -9.41 -20.22
N ARG A 284 16.71 -9.27 -19.10
CA ARG A 284 16.24 -10.42 -18.35
C ARG A 284 14.95 -11.03 -18.92
N TYR A 285 14.62 -10.74 -20.19
CA TYR A 285 13.59 -11.48 -20.91
C TYR A 285 14.14 -12.79 -21.47
N ARG A 286 15.45 -12.99 -21.47
CA ARG A 286 16.01 -14.31 -21.72
C ARG A 286 15.32 -15.34 -20.83
N VAL A 287 14.95 -16.48 -21.42
CA VAL A 287 14.13 -17.46 -20.72
C VAL A 287 14.82 -17.97 -19.46
N ALA A 288 16.14 -17.85 -19.36
CA ALA A 288 16.87 -18.34 -18.20
C ALA A 288 17.22 -17.24 -17.20
N ALA A 289 16.90 -15.98 -17.51
CA ALA A 289 17.24 -14.88 -16.61
C ALA A 289 16.36 -14.90 -15.37
N ARG A 290 16.92 -14.40 -14.27
CA ARG A 290 16.25 -14.41 -12.99
C ARG A 290 16.32 -13.03 -12.37
N SER A 291 15.32 -12.71 -11.57
CA SER A 291 15.38 -11.55 -10.69
C SER A 291 14.52 -11.83 -9.47
N SER A 292 14.52 -10.87 -8.55
CA SER A 292 13.81 -11.01 -7.29
C SER A 292 13.35 -9.64 -6.82
N ASN A 293 12.47 -9.66 -5.82
CA ASN A 293 12.12 -8.46 -5.08
C ASN A 293 11.43 -8.85 -3.79
N THR A 294 11.42 -7.90 -2.86
CA THR A 294 10.86 -8.17 -1.54
C THR A 294 9.35 -8.40 -1.66
N PRO A 295 8.79 -9.32 -0.88
CA PRO A 295 7.43 -9.80 -1.16
C PRO A 295 6.33 -8.77 -1.06
N ASP A 296 6.54 -7.62 -0.42
CA ASP A 296 5.50 -6.61 -0.41
C ASP A 296 5.72 -5.52 -1.45
N SER A 297 6.66 -5.72 -2.38
CA SER A 297 6.91 -4.71 -3.40
C SER A 297 5.80 -4.71 -4.45
N SER A 298 5.56 -3.53 -5.02
CA SER A 298 4.65 -3.41 -6.15
C SER A 298 5.17 -2.35 -7.09
N SER A 299 4.76 -2.44 -8.35
CA SER A 299 5.14 -1.47 -9.37
C SER A 299 4.27 -1.71 -10.60
N GLY A 300 4.35 -0.78 -11.53
CA GLY A 300 3.47 -0.82 -12.68
C GLY A 300 3.85 -1.79 -13.77
N ASN A 301 4.91 -2.61 -13.57
CA ASN A 301 5.34 -3.59 -14.56
C ASN A 301 5.47 -4.98 -13.94
N LEU A 302 4.74 -5.24 -12.86
CA LEU A 302 4.93 -6.44 -12.06
C LEU A 302 3.57 -7.08 -11.81
N GLY A 303 3.38 -8.31 -12.30
CA GLY A 303 2.17 -9.09 -12.13
C GLY A 303 2.51 -10.56 -11.88
N PHE A 304 1.65 -11.48 -12.32
CA PHE A 304 1.88 -12.89 -12.04
C PHE A 304 0.95 -13.74 -12.91
N ARG A 305 1.20 -15.06 -12.88
CA ARG A 305 0.32 -16.09 -13.44
C ARG A 305 0.31 -17.28 -12.49
N CYS A 306 -0.82 -17.99 -12.44
CA CYS A 306 -0.97 -19.07 -11.48
C CYS A 306 -0.58 -20.44 -12.06
N ALA A 307 -0.62 -21.44 -11.18
CA ALA A 307 -0.33 -22.85 -11.49
C ALA A 307 -1.20 -23.74 -10.61
N ASN A 308 -0.93 -25.05 -10.64
CA ASN A 308 -1.61 -26.04 -9.81
C ASN A 308 -0.91 -27.41 -9.98
N ASP A 309 -1.02 -28.25 -8.95
CA ASP A 309 -0.59 -29.63 -9.09
C ASP A 309 -1.47 -30.35 -10.13
N ALA A 310 -1.05 -31.55 -10.54
CA ALA A 310 -1.86 -32.31 -11.48
C ALA A 310 -2.49 -33.53 -10.81
N ASP A 311 -3.34 -34.23 -11.56
CA ASP A 311 -4.03 -35.45 -11.11
C ASP A 311 -4.93 -35.21 -9.91
N GLU B 18 16.56 28.75 20.70
CA GLU B 18 16.87 27.95 21.87
C GLU B 18 17.48 26.58 21.50
N PRO B 19 18.54 26.18 22.20
CA PRO B 19 19.08 24.82 22.04
C PRO B 19 18.50 23.85 23.06
N GLY B 20 18.20 22.63 22.59
CA GLY B 20 17.60 21.60 23.42
C GLY B 20 18.49 21.22 24.59
N PRO B 21 17.88 20.78 25.69
CA PRO B 21 18.68 20.41 26.88
C PRO B 21 19.54 19.18 26.66
N ALA B 22 19.15 18.28 25.75
CA ALA B 22 19.93 17.11 25.39
C ALA B 22 21.09 17.43 24.46
N ALA B 23 21.18 18.66 23.96
CA ALA B 23 22.23 19.06 23.02
C ALA B 23 23.60 19.02 23.71
N ARG B 24 24.54 18.33 23.08
CA ARG B 24 25.92 18.33 23.53
C ARG B 24 26.57 19.69 23.24
N PRO B 25 27.67 20.02 23.92
CA PRO B 25 28.32 21.30 23.65
C PRO B 25 28.66 21.42 22.18
N ARG B 26 28.26 22.55 21.59
CA ARG B 26 28.47 22.76 20.17
C ARG B 26 29.94 22.61 19.80
N SER B 27 30.20 22.08 18.61
CA SER B 27 31.54 22.07 18.04
C SER B 27 31.47 22.48 16.58
N THR B 28 32.36 23.38 16.16
CA THR B 28 32.44 23.78 14.77
C THR B 28 33.76 23.31 14.17
N ARG B 29 34.30 22.23 14.71
CA ARG B 29 35.53 21.65 14.21
C ARG B 29 35.34 21.21 12.76
N GLY B 30 36.20 21.68 11.88
CA GLY B 30 36.07 21.38 10.47
C GLY B 30 34.89 22.02 9.77
N GLN B 31 34.33 23.09 10.34
CA GLN B 31 33.27 23.82 9.67
C GLN B 31 33.73 25.21 9.31
N VAL B 32 33.31 25.69 8.13
CA VAL B 32 33.47 27.08 7.75
C VAL B 32 32.19 27.81 8.08
N ARG B 33 32.35 29.03 8.60
CA ARG B 33 31.21 29.91 8.84
C ARG B 33 30.87 30.65 7.55
N LEU B 34 29.65 30.52 7.09
CA LEU B 34 29.31 31.28 5.88
C LEU B 34 28.40 32.45 6.25
N PRO B 35 28.40 33.53 5.46
CA PRO B 35 27.65 34.73 5.89
C PRO B 35 26.15 34.55 5.80
N GLY B 36 25.68 33.84 4.79
CA GLY B 36 24.26 33.74 4.57
C GLY B 36 23.78 34.80 3.61
N GLY B 37 22.64 35.42 3.92
CA GLY B 37 22.11 36.41 2.99
C GLY B 37 21.06 35.81 2.07
N GLU B 38 20.92 36.38 0.89
CA GLU B 38 19.90 35.98 -0.06
C GLU B 38 20.55 35.34 -1.28
N PHE B 39 19.86 34.35 -1.86
CA PHE B 39 20.34 33.74 -3.10
C PHE B 39 19.15 33.13 -3.84
N ALA B 40 19.35 32.86 -5.13
CA ALA B 40 18.34 32.22 -5.97
C ALA B 40 18.50 30.71 -5.87
N MET B 41 17.60 30.06 -5.13
CA MET B 41 17.60 28.61 -4.94
C MET B 41 16.84 27.93 -6.08
N GLY B 42 17.44 26.91 -6.68
CA GLY B 42 16.74 26.09 -7.66
C GLY B 42 17.37 26.18 -9.03
N ASP B 43 16.74 25.47 -9.98
CA ASP B 43 17.32 25.21 -11.30
C ASP B 43 17.13 26.43 -12.20
N ALA B 44 18.19 27.23 -12.32
CA ALA B 44 18.16 28.46 -13.12
C ALA B 44 18.08 28.21 -14.62
N PHE B 45 18.06 26.96 -15.07
CA PHE B 45 18.08 26.66 -16.49
C PHE B 45 16.84 25.95 -17.00
N GLY B 46 15.96 25.48 -16.12
CA GLY B 46 14.87 24.64 -16.56
C GLY B 46 15.32 23.39 -17.29
N GLU B 47 16.39 22.74 -16.83
CA GLU B 47 16.79 21.43 -17.36
C GLU B 47 16.42 20.28 -16.46
N GLY B 48 15.87 20.53 -15.27
CA GLY B 48 15.76 19.48 -14.27
C GLY B 48 14.88 18.31 -14.63
N TYR B 49 14.68 17.43 -13.68
CA TYR B 49 13.69 16.37 -13.82
C TYR B 49 12.37 16.86 -13.22
N PRO B 50 11.29 16.98 -14.02
CA PRO B 50 10.06 17.62 -13.49
C PRO B 50 9.52 17.00 -12.21
N ALA B 51 9.60 15.67 -12.06
CA ALA B 51 9.13 15.02 -10.84
C ALA B 51 9.97 15.37 -9.61
N ASP B 52 11.11 16.05 -9.79
CA ASP B 52 11.95 16.43 -8.67
C ASP B 52 11.59 17.80 -8.10
N GLY B 53 10.87 18.61 -8.86
CA GLY B 53 10.51 19.93 -8.38
C GLY B 53 11.72 20.82 -8.18
N GLU B 54 12.56 20.96 -9.22
CA GLU B 54 13.74 21.81 -9.12
C GLU B 54 13.40 23.28 -9.33
N THR B 55 12.25 23.56 -9.91
CA THR B 55 11.68 24.87 -10.09
C THR B 55 10.42 25.00 -9.22
N PRO B 56 9.99 26.24 -8.90
CA PRO B 56 10.51 27.53 -9.37
C PRO B 56 11.79 28.02 -8.65
N VAL B 57 12.71 28.65 -9.38
CA VAL B 57 13.77 29.44 -8.76
C VAL B 57 13.11 30.42 -7.81
N HIS B 58 13.47 30.36 -6.54
CA HIS B 58 12.87 31.21 -5.51
C HIS B 58 13.99 31.83 -4.69
N THR B 59 13.72 33.01 -4.15
CA THR B 59 14.71 33.72 -3.36
C THR B 59 14.64 33.27 -1.91
N VAL B 60 15.77 32.82 -1.37
CA VAL B 60 15.85 32.35 0.01
C VAL B 60 16.81 33.25 0.77
N ARG B 61 16.50 33.52 2.04
CA ARG B 61 17.33 34.33 2.94
C ARG B 61 17.80 33.45 4.10
N LEU B 62 19.10 33.46 4.38
CA LEU B 62 19.66 32.55 5.36
C LEU B 62 20.49 33.30 6.38
N ARG B 63 20.28 32.98 7.66
CA ARG B 63 21.15 33.45 8.72
C ARG B 63 22.55 32.87 8.54
N PRO B 64 23.57 33.50 9.09
CA PRO B 64 24.89 32.86 9.09
C PRO B 64 24.85 31.48 9.73
N PHE B 65 25.67 30.58 9.21
CA PHE B 65 25.69 29.21 9.74
C PHE B 65 27.03 28.57 9.41
N HIS B 66 27.35 27.50 10.14
CA HIS B 66 28.55 26.71 9.90
C HIS B 66 28.17 25.44 9.14
N ILE B 67 29.04 25.00 8.24
CA ILE B 67 28.84 23.76 7.49
C ILE B 67 30.19 23.04 7.34
N ASP B 68 30.16 21.71 7.47
CA ASP B 68 31.37 20.91 7.33
C ASP B 68 32.07 21.21 6.00
N GLU B 69 33.41 21.38 6.07
CA GLU B 69 34.18 21.54 4.84
C GLU B 69 34.09 20.30 3.96
N THR B 70 34.03 19.11 4.57
CA THR B 70 33.99 17.84 3.88
C THR B 70 32.83 17.00 4.40
N ALA B 71 32.45 16.01 3.61
CA ALA B 71 31.60 14.94 4.13
C ALA B 71 32.24 14.25 5.33
N VAL B 72 31.41 13.57 6.11
CA VAL B 72 31.92 12.91 7.31
C VAL B 72 32.74 11.69 6.89
N THR B 73 33.89 11.50 7.53
CA THR B 73 34.85 10.46 7.13
C THR B 73 34.63 9.18 7.91
N ASN B 74 35.11 8.08 7.32
CA ASN B 74 35.19 6.82 8.04
C ASN B 74 35.85 7.00 9.40
N ALA B 75 36.95 7.79 9.45
CA ALA B 75 37.67 7.97 10.71
C ALA B 75 36.79 8.61 11.78
N ARG B 76 36.01 9.64 11.41
CA ARG B 76 35.19 10.35 12.38
C ARG B 76 33.99 9.51 12.80
N PHE B 77 33.31 8.89 11.83
CA PHE B 77 32.18 8.03 12.18
C PHE B 77 32.63 6.89 13.09
N ALA B 78 33.82 6.31 12.84
CA ALA B 78 34.35 5.29 13.75
C ALA B 78 34.51 5.80 15.19
N ALA B 79 35.00 7.03 15.37
CA ALA B 79 35.07 7.61 16.72
C ALA B 79 33.68 7.71 17.35
N PHE B 80 32.67 8.02 16.54
CA PHE B 80 31.30 8.10 17.05
C PHE B 80 30.82 6.72 17.52
N VAL B 81 31.02 5.70 16.69
CA VAL B 81 30.59 4.35 17.06
C VAL B 81 31.36 3.82 18.28
N LYS B 82 32.64 4.20 18.43
CA LYS B 82 33.39 3.79 19.61
C LYS B 82 32.82 4.42 20.88
N ALA B 83 32.35 5.68 20.78
CA ALA B 83 31.85 6.44 21.94
C ALA B 83 30.44 6.06 22.35
N THR B 84 29.58 5.66 21.40
CA THR B 84 28.17 5.41 21.67
C THR B 84 27.72 3.96 21.49
N GLY B 85 28.47 3.16 20.74
CA GLY B 85 28.01 1.82 20.42
C GLY B 85 26.90 1.80 19.39
N HIS B 86 26.71 2.91 18.67
CA HIS B 86 25.66 3.04 17.68
C HIS B 86 25.69 1.89 16.68
N VAL B 87 24.52 1.32 16.43
CA VAL B 87 24.30 0.31 15.39
C VAL B 87 23.54 0.98 14.25
N THR B 88 24.15 1.00 13.05
CA THR B 88 23.56 1.61 11.87
C THR B 88 22.39 0.79 11.36
N ASP B 89 21.55 1.43 10.56
CA ASP B 89 20.36 0.75 10.06
C ASP B 89 20.74 -0.45 9.19
N ALA B 90 21.74 -0.28 8.33
CA ALA B 90 22.22 -1.39 7.51
C ALA B 90 22.60 -2.60 8.35
N GLU B 91 23.11 -2.37 9.56
CA GLU B 91 23.42 -3.51 10.43
C GLU B 91 22.14 -4.11 10.99
N ARG B 92 21.23 -3.27 11.48
CA ARG B 92 19.96 -3.76 12.01
C ARG B 92 19.19 -4.55 10.96
N PHE B 93 19.08 -4.00 9.75
CA PHE B 93 18.39 -4.69 8.68
C PHE B 93 19.15 -5.95 8.24
N GLY B 94 20.49 -5.90 8.24
CA GLY B 94 21.31 -7.06 7.95
C GLY B 94 21.95 -7.07 6.58
N SER B 95 21.58 -6.15 5.69
CA SER B 95 22.23 -5.99 4.40
C SER B 95 22.15 -4.53 3.99
N SER B 96 22.90 -4.19 2.95
CA SER B 96 22.85 -2.86 2.36
C SER B 96 23.21 -2.96 0.89
N ALA B 97 22.95 -1.89 0.14
CA ALA B 97 23.14 -1.89 -1.30
C ALA B 97 24.61 -1.68 -1.66
N VAL B 98 25.13 -2.53 -2.54
CA VAL B 98 26.50 -2.45 -3.00
C VAL B 98 26.47 -2.48 -4.52
N PHE B 99 27.33 -1.68 -5.16
CA PHE B 99 27.38 -1.65 -6.61
C PHE B 99 28.00 -2.94 -7.14
N HIS B 100 27.37 -3.52 -8.17
CA HIS B 100 27.64 -4.91 -8.52
C HIS B 100 29.07 -5.14 -8.95
N LEU B 101 29.72 -4.14 -9.54
CA LEU B 101 31.12 -4.29 -9.96
C LEU B 101 32.09 -4.38 -8.77
N VAL B 102 31.73 -3.91 -7.59
CA VAL B 102 32.69 -3.83 -6.48
C VAL B 102 32.32 -4.78 -5.35
N VAL B 103 31.34 -5.67 -5.55
CA VAL B 103 30.97 -6.59 -4.48
C VAL B 103 32.18 -7.44 -4.09
N ALA B 104 32.43 -7.56 -2.80
CA ALA B 104 33.49 -8.44 -2.27
C ALA B 104 32.85 -9.21 -1.13
N ALA B 105 32.18 -10.31 -1.47
CA ALA B 105 31.50 -11.10 -0.47
C ALA B 105 31.44 -12.54 -0.94
N PRO B 106 31.23 -13.48 -0.01
CA PRO B 106 30.89 -14.84 -0.44
C PRO B 106 29.58 -14.85 -1.21
N ASP B 107 29.43 -15.87 -2.06
CA ASP B 107 28.20 -16.00 -2.84
C ASP B 107 26.99 -16.22 -1.95
N ALA B 108 27.18 -16.85 -0.79
CA ALA B 108 26.09 -16.97 0.18
C ALA B 108 25.52 -15.60 0.59
N ASP B 109 26.35 -14.56 0.56
CA ASP B 109 25.94 -13.27 1.10
C ASP B 109 25.19 -12.39 0.08
N VAL B 110 25.12 -12.80 -1.18
CA VAL B 110 24.42 -12.03 -2.20
C VAL B 110 22.94 -12.40 -2.16
N LEU B 111 22.09 -11.43 -1.84
CA LEU B 111 20.66 -11.68 -1.69
C LEU B 111 19.83 -11.19 -2.87
N GLY B 112 20.47 -10.80 -3.98
CA GLY B 112 19.75 -10.48 -5.21
C GLY B 112 19.77 -8.99 -5.54
N SER B 113 19.22 -8.68 -6.72
CA SER B 113 19.25 -7.35 -7.31
C SER B 113 18.18 -6.46 -6.69
N ALA B 114 18.42 -5.15 -6.75
CA ALA B 114 17.59 -4.19 -6.05
C ALA B 114 16.24 -4.02 -6.75
N ALA B 115 15.37 -3.22 -6.09
CA ALA B 115 14.00 -2.92 -6.52
C ALA B 115 14.04 -1.99 -7.72
N GLY B 116 14.21 -2.60 -8.91
CA GLY B 116 14.13 -1.91 -10.18
C GLY B 116 15.40 -1.27 -10.68
N ALA B 117 16.53 -1.56 -10.06
CA ALA B 117 17.84 -1.08 -10.52
C ALA B 117 18.81 -2.22 -10.30
N PRO B 118 18.86 -3.16 -11.25
CA PRO B 118 19.53 -4.45 -11.00
C PRO B 118 21.05 -4.39 -10.90
N TRP B 119 21.67 -3.22 -11.08
CA TRP B 119 23.11 -3.10 -10.86
C TRP B 119 23.46 -2.90 -9.38
N TRP B 120 22.46 -2.81 -8.52
CA TRP B 120 22.64 -2.71 -7.08
C TRP B 120 22.39 -4.08 -6.47
N ILE B 121 23.36 -4.58 -5.72
CA ILE B 121 23.27 -5.90 -5.11
C ILE B 121 23.05 -5.74 -3.61
N ASN B 122 22.03 -6.40 -3.07
CA ASN B 122 21.81 -6.44 -1.62
C ASN B 122 22.75 -7.47 -1.02
N VAL B 123 23.76 -7.01 -0.30
CA VAL B 123 24.82 -7.87 0.20
C VAL B 123 24.69 -7.96 1.70
N ARG B 124 24.53 -9.18 2.22
CA ARG B 124 24.46 -9.37 3.66
C ARG B 124 25.75 -8.95 4.34
N GLY B 125 25.63 -8.22 5.45
CA GLY B 125 26.77 -7.75 6.18
C GLY B 125 27.40 -6.48 5.63
N ALA B 126 27.05 -6.07 4.42
CA ALA B 126 27.52 -4.79 3.91
C ALA B 126 27.08 -3.66 4.85
N HIS B 127 28.06 -2.92 5.35
CA HIS B 127 27.79 -1.75 6.18
C HIS B 127 29.05 -0.89 6.15
N TRP B 128 29.03 0.20 6.93
CA TRP B 128 30.08 1.20 6.79
C TRP B 128 31.47 0.60 6.99
N ARG B 129 31.64 -0.29 7.98
CA ARG B 129 32.95 -0.88 8.23
C ARG B 129 33.44 -1.74 7.08
N ARG B 130 32.53 -2.40 6.36
CA ARG B 130 32.89 -3.28 5.24
C ARG B 130 31.96 -2.95 4.08
N PRO B 131 32.28 -1.87 3.34
CA PRO B 131 31.27 -1.27 2.44
C PRO B 131 31.02 -2.06 1.18
N GLU B 132 31.77 -3.14 0.92
CA GLU B 132 31.54 -3.96 -0.24
C GLU B 132 31.10 -5.36 0.11
N GLY B 133 30.94 -5.67 1.39
CA GLY B 133 30.67 -7.02 1.85
C GLY B 133 31.68 -7.47 2.89
N ALA B 134 31.53 -8.73 3.30
CA ALA B 134 32.31 -9.25 4.41
C ALA B 134 33.80 -9.29 4.11
N ARG B 135 34.18 -9.36 2.83
CA ARG B 135 35.58 -9.48 2.44
C ARG B 135 36.23 -8.14 2.15
N SER B 136 35.74 -7.05 2.73
CA SER B 136 36.29 -5.73 2.48
C SER B 136 36.55 -5.05 3.83
N ASP B 137 37.39 -4.03 3.82
CA ASP B 137 37.60 -3.23 5.02
C ASP B 137 37.88 -1.78 4.65
N ILE B 138 37.89 -0.90 5.64
CA ILE B 138 38.15 0.53 5.40
C ILE B 138 39.49 0.96 5.99
N THR B 139 40.44 0.02 6.15
CA THR B 139 41.77 0.36 6.68
C THR B 139 42.54 1.28 5.72
N GLY B 140 42.41 1.07 4.41
CA GLY B 140 42.95 2.03 3.46
C GLY B 140 42.15 3.32 3.29
N ARG B 141 40.95 3.41 3.85
CA ARG B 141 40.12 4.55 3.50
C ARG B 141 39.66 5.37 4.71
N PRO B 142 40.56 5.72 5.63
CA PRO B 142 40.11 6.45 6.81
C PRO B 142 39.57 7.81 6.48
N ASN B 143 40.02 8.41 5.37
CA ASN B 143 39.63 9.77 4.96
C ASN B 143 38.68 9.80 3.77
N HIS B 144 38.10 8.65 3.42
CA HIS B 144 37.00 8.57 2.49
C HIS B 144 35.70 8.83 3.23
N PRO B 145 34.66 9.26 2.53
CA PRO B 145 33.38 9.49 3.22
C PRO B 145 32.78 8.18 3.71
N VAL B 146 32.21 8.20 4.91
CA VAL B 146 31.51 7.02 5.40
C VAL B 146 30.28 6.78 4.55
N VAL B 147 30.04 5.52 4.17
CA VAL B 147 28.83 5.19 3.43
C VAL B 147 28.01 4.15 4.18
N HIS B 148 26.93 3.67 3.57
CA HIS B 148 26.00 2.74 4.23
C HIS B 148 25.41 3.34 5.49
N VAL B 149 25.29 4.66 5.53
CA VAL B 149 24.73 5.35 6.69
C VAL B 149 23.40 5.96 6.28
N SER B 150 22.39 5.79 7.13
CA SER B 150 21.05 6.28 6.89
C SER B 150 20.86 7.66 7.51
N TRP B 151 19.77 8.33 7.11
CA TRP B 151 19.41 9.62 7.71
C TRP B 151 19.36 9.54 9.24
N ASN B 152 18.80 8.46 9.79
CA ASN B 152 18.87 8.26 11.24
C ASN B 152 20.32 8.17 11.72
N ASP B 153 21.17 7.40 11.00
CA ASP B 153 22.57 7.34 11.39
C ASP B 153 23.22 8.71 11.31
N ALA B 154 22.90 9.47 10.26
CA ALA B 154 23.46 10.82 10.08
C ALA B 154 23.13 11.73 11.25
N THR B 155 21.86 11.75 11.68
CA THR B 155 21.49 12.72 12.70
C THR B 155 21.91 12.26 14.10
N ALA B 156 22.05 10.96 14.34
CA ALA B 156 22.61 10.54 15.63
C ALA B 156 24.10 10.84 15.72
N TYR B 157 24.83 10.76 14.59
CA TYR B 157 26.23 11.21 14.59
C TYR B 157 26.31 12.70 14.90
N ALA B 158 25.55 13.51 14.14
CA ALA B 158 25.55 14.96 14.36
C ALA B 158 25.33 15.31 15.82
N ARG B 159 24.30 14.71 16.43
CA ARG B 159 24.00 15.02 17.83
C ARG B 159 25.17 14.69 18.75
N TRP B 160 25.79 13.52 18.56
CA TRP B 160 26.96 13.19 19.37
C TRP B 160 28.13 14.14 19.12
N ALA B 161 28.31 14.55 17.86
CA ALA B 161 29.37 15.47 17.46
C ALA B 161 29.11 16.92 17.84
N GLY B 162 27.94 17.25 18.38
CA GLY B 162 27.63 18.64 18.66
C GLY B 162 27.30 19.44 17.42
N LYS B 163 26.55 18.86 16.50
CA LYS B 163 26.16 19.53 15.27
C LYS B 163 24.77 19.03 14.88
N ARG B 164 24.39 19.28 13.64
CA ARG B 164 23.12 18.90 13.07
C ARG B 164 23.33 18.70 11.58
N LEU B 165 22.31 18.20 10.89
CA LEU B 165 22.41 18.20 9.43
C LEU B 165 22.07 19.59 8.89
N PRO B 166 22.48 19.88 7.66
CA PRO B 166 22.05 21.13 7.02
C PRO B 166 20.64 21.02 6.49
N THR B 167 19.96 22.16 6.42
CA THR B 167 18.74 22.18 5.63
C THR B 167 19.11 22.08 4.17
N GLU B 168 18.13 21.71 3.35
CA GLU B 168 18.39 21.64 1.92
C GLU B 168 18.81 22.99 1.36
N ALA B 169 18.19 24.08 1.84
CA ALA B 169 18.54 25.42 1.35
C ALA B 169 19.97 25.80 1.74
N GLU B 170 20.32 25.59 3.01
CA GLU B 170 21.70 25.77 3.44
C GLU B 170 22.65 24.97 2.54
N TRP B 171 22.29 23.73 2.21
CA TRP B 171 23.19 22.90 1.39
C TRP B 171 23.44 23.53 0.03
N GLU B 172 22.39 24.01 -0.63
CA GLU B 172 22.57 24.55 -1.98
C GLU B 172 23.35 25.85 -1.94
N TYR B 173 23.07 26.71 -0.97
CA TYR B 173 23.86 27.92 -0.83
C TYR B 173 25.34 27.60 -0.67
N ALA B 174 25.66 26.73 0.30
CA ALA B 174 27.04 26.29 0.47
C ALA B 174 27.62 25.73 -0.82
N ALA B 175 26.88 24.84 -1.50
CA ALA B 175 27.42 24.22 -2.71
C ALA B 175 27.62 25.23 -3.83
N ARG B 176 26.73 26.23 -3.95
CA ARG B 176 26.91 27.23 -5.01
C ARG B 176 28.20 28.01 -4.85
N GLY B 177 28.76 28.05 -3.64
CA GLY B 177 30.09 28.60 -3.43
C GLY B 177 30.21 30.09 -3.62
N GLY B 178 29.13 30.84 -3.43
CA GLY B 178 29.12 32.27 -3.64
C GLY B 178 28.88 32.70 -5.06
N LEU B 179 28.79 31.77 -6.00
CA LEU B 179 28.39 32.14 -7.34
C LEU B 179 26.87 32.18 -7.43
N ALA B 180 26.36 32.82 -8.49
CA ALA B 180 24.93 33.00 -8.68
C ALA B 180 24.44 32.26 -9.91
N GLY B 181 23.39 31.44 -9.72
CA GLY B 181 22.65 30.82 -10.80
C GLY B 181 23.42 29.95 -11.77
N ARG B 182 24.63 29.51 -11.41
CA ARG B 182 25.38 28.64 -12.31
C ARG B 182 24.83 27.21 -12.24
N ARG B 183 25.25 26.39 -13.21
CA ARG B 183 24.76 25.02 -13.28
C ARG B 183 25.45 24.14 -12.24
N TYR B 184 26.76 24.31 -12.06
CA TYR B 184 27.54 23.52 -11.11
C TYR B 184 28.21 24.43 -10.08
N ALA B 185 28.79 23.77 -9.05
CA ALA B 185 29.30 24.51 -7.91
C ALA B 185 30.44 25.46 -8.28
N TRP B 186 31.16 25.17 -9.37
CA TRP B 186 32.28 25.99 -9.81
C TRP B 186 31.98 26.84 -11.04
N GLY B 187 30.88 26.56 -11.74
CA GLY B 187 30.64 27.24 -13.00
C GLY B 187 29.51 26.57 -13.76
N ASP B 188 29.47 26.84 -15.07
CA ASP B 188 28.45 26.25 -15.92
C ASP B 188 28.95 25.07 -16.74
N GLU B 189 30.26 24.88 -16.86
CA GLU B 189 30.82 23.79 -17.65
C GLU B 189 31.18 22.62 -16.76
N LEU B 190 30.71 21.41 -17.14
CA LEU B 190 30.96 20.22 -16.31
C LEU B 190 32.45 19.99 -16.11
N THR B 191 33.21 20.00 -17.21
CA THR B 191 34.65 19.78 -17.18
C THR B 191 35.35 21.01 -17.75
N PRO B 192 35.56 22.05 -16.94
CA PRO B 192 36.23 23.25 -17.43
C PRO B 192 37.56 22.93 -18.08
N GLY B 193 37.76 23.45 -19.29
CA GLY B 193 38.98 23.16 -20.02
C GLY B 193 39.17 21.69 -20.32
N GLY B 194 38.11 20.90 -20.26
CA GLY B 194 38.18 19.50 -20.56
C GLY B 194 38.80 18.63 -19.50
N ARG B 195 38.75 19.05 -18.22
CA ARG B 195 39.36 18.31 -17.14
C ARG B 195 38.41 18.19 -15.94
N TRP B 196 38.39 17.01 -15.34
CA TRP B 196 37.46 16.73 -14.25
C TRP B 196 37.92 17.36 -12.95
N ARG B 197 36.95 17.73 -12.12
CA ARG B 197 37.24 18.23 -10.79
C ARG B 197 36.20 17.73 -9.79
N CYS B 198 35.44 16.69 -10.16
CA CYS B 198 34.50 16.03 -9.27
C CYS B 198 34.48 14.57 -9.67
N ASN B 199 33.98 13.71 -8.80
CA ASN B 199 34.04 12.26 -9.01
C ASN B 199 32.65 11.72 -9.32
N ILE B 200 32.39 11.46 -10.60
CA ILE B 200 31.14 10.86 -11.04
C ILE B 200 31.52 9.68 -11.94
N TRP B 201 30.65 9.30 -12.86
CA TRP B 201 30.91 8.13 -13.70
C TRP B 201 31.26 8.60 -15.11
N GLN B 202 32.21 7.92 -15.74
CA GLN B 202 32.46 8.06 -17.17
C GLN B 202 32.48 6.67 -17.79
N GLY B 203 31.96 6.56 -19.01
CA GLY B 203 31.90 5.29 -19.72
C GLY B 203 30.48 4.83 -19.93
N ARG B 204 30.36 3.55 -20.28
CA ARG B 204 29.06 2.95 -20.54
C ARG B 204 28.50 2.47 -19.21
N PHE B 205 27.62 3.27 -18.61
CA PHE B 205 26.91 2.85 -17.42
C PHE B 205 25.89 1.76 -17.77
N PRO B 206 25.70 0.75 -16.92
CA PRO B 206 26.37 0.51 -15.65
C PRO B 206 27.51 -0.49 -15.77
N HIS B 207 28.12 -0.66 -16.95
CA HIS B 207 29.02 -1.78 -17.18
C HIS B 207 30.49 -1.39 -17.18
N VAL B 208 30.82 -0.19 -17.66
CA VAL B 208 32.22 0.20 -17.86
C VAL B 208 32.44 1.60 -17.31
N ASN B 209 33.50 1.75 -16.52
CA ASN B 209 33.86 3.00 -15.85
C ASN B 209 35.31 3.32 -16.23
N THR B 210 35.51 4.37 -17.01
CA THR B 210 36.84 4.67 -17.54
C THR B 210 37.71 5.49 -16.58
N ALA B 211 37.18 5.85 -15.41
CA ALA B 211 37.96 6.48 -14.35
C ALA B 211 38.73 7.71 -14.83
N GLU B 212 38.11 8.50 -15.71
CA GLU B 212 38.75 9.75 -16.14
C GLU B 212 38.97 10.70 -14.96
N ASP B 213 38.00 10.76 -14.05
CA ASP B 213 38.17 11.62 -12.89
C ASP B 213 39.11 11.02 -11.84
N GLY B 214 39.70 9.86 -12.12
CA GLY B 214 40.71 9.31 -11.24
C GLY B 214 40.21 8.36 -10.16
N HIS B 215 38.89 8.14 -10.06
CA HIS B 215 38.37 7.23 -9.05
C HIS B 215 37.22 6.39 -9.60
N LEU B 216 37.30 5.07 -9.41
CA LEU B 216 36.17 4.22 -9.74
C LEU B 216 35.10 4.29 -8.67
N SER B 217 35.51 4.30 -7.41
CA SER B 217 34.65 4.30 -6.23
C SER B 217 34.71 5.69 -5.58
N THR B 218 34.42 5.76 -4.28
CA THR B 218 34.65 6.97 -3.50
C THR B 218 36.10 7.43 -3.55
N ALA B 219 36.27 8.74 -3.58
CA ALA B 219 37.55 9.44 -3.47
C ALA B 219 37.72 9.94 -2.05
N PRO B 220 38.94 10.29 -1.62
CA PRO B 220 39.09 10.96 -0.32
C PRO B 220 38.29 12.27 -0.32
N VAL B 221 37.87 12.68 0.88
CA VAL B 221 36.90 13.78 0.95
C VAL B 221 37.51 15.10 0.55
N LYS B 222 38.81 15.28 0.78
CA LYS B 222 39.50 16.47 0.32
C LYS B 222 40.19 16.06 -0.98
N SER B 223 39.51 16.31 -2.08
CA SER B 223 39.85 15.76 -3.38
C SER B 223 39.51 16.81 -4.42
N TYR B 224 40.40 16.96 -5.41
CA TYR B 224 40.32 17.90 -6.52
C TYR B 224 40.66 19.32 -6.06
N ARG B 225 39.70 20.03 -5.43
CA ARG B 225 39.82 21.41 -5.00
C ARG B 225 38.50 21.86 -4.37
N PRO B 226 38.51 22.80 -3.42
CA PRO B 226 37.24 23.20 -2.80
C PRO B 226 36.52 24.23 -3.68
N ASN B 227 35.30 24.56 -3.26
CA ASN B 227 34.53 25.54 -4.01
C ASN B 227 34.70 26.91 -3.34
N GLY B 228 33.93 27.90 -3.82
CA GLY B 228 34.12 29.28 -3.37
C GLY B 228 33.99 29.45 -1.88
N HIS B 229 33.16 28.64 -1.23
CA HIS B 229 32.97 28.78 0.20
C HIS B 229 33.86 27.87 1.02
N GLY B 230 34.72 27.08 0.38
CA GLY B 230 35.59 26.17 1.10
C GLY B 230 35.08 24.75 1.24
N LEU B 231 34.04 24.38 0.49
CA LEU B 231 33.39 23.08 0.59
C LEU B 231 33.93 22.16 -0.50
N TRP B 232 34.35 20.96 -0.08
CA TRP B 232 34.95 19.94 -0.93
C TRP B 232 33.91 18.94 -1.40
N ASN B 233 33.78 18.79 -2.71
CA ASN B 233 33.09 17.64 -3.29
C ASN B 233 31.59 17.66 -3.00
N THR B 234 30.95 18.84 -3.06
CA THR B 234 29.50 18.86 -3.00
C THR B 234 28.89 18.17 -4.22
N ALA B 235 29.54 18.28 -5.37
CA ALA B 235 29.13 17.54 -6.56
C ALA B 235 29.89 16.22 -6.61
N GLY B 236 29.18 15.10 -6.48
CA GLY B 236 29.78 13.80 -6.73
C GLY B 236 30.35 13.13 -5.49
N ASN B 237 31.24 12.17 -5.71
CA ASN B 237 31.71 11.30 -4.64
C ASN B 237 30.53 10.56 -4.03
N VAL B 238 29.87 11.11 -2.98
CA VAL B 238 28.71 10.44 -2.39
C VAL B 238 27.52 11.40 -2.30
N TRP B 239 26.31 10.83 -2.30
CA TRP B 239 25.10 11.56 -1.94
C TRP B 239 25.16 12.02 -0.48
N GLU B 240 24.42 13.09 -0.16
CA GLU B 240 24.55 13.71 1.16
C GLU B 240 23.18 14.02 1.76
N TRP B 241 22.87 13.36 2.89
CA TRP B 241 21.58 13.58 3.55
C TRP B 241 21.41 15.04 3.97
N CYS B 242 20.18 15.55 3.84
CA CYS B 242 19.78 16.83 4.43
C CYS B 242 18.69 16.61 5.48
N SER B 243 18.45 17.65 6.29
CA SER B 243 17.44 17.52 7.33
C SER B 243 16.00 17.51 6.79
N ASP B 244 15.75 18.09 5.61
CA ASP B 244 14.39 18.33 5.15
C ASP B 244 13.64 17.03 4.84
N TRP B 245 12.31 17.08 5.02
CA TRP B 245 11.43 16.20 4.25
C TRP B 245 11.40 16.68 2.81
N PHE B 246 11.33 15.75 1.87
CA PHE B 246 11.30 16.08 0.45
C PHE B 246 9.88 16.32 -0.03
N SER B 247 9.69 17.35 -0.87
CA SER B 247 8.43 17.54 -1.57
C SER B 247 8.78 18.15 -2.91
N PRO B 248 8.21 17.66 -4.00
CA PRO B 248 8.42 18.31 -5.30
C PRO B 248 7.60 19.56 -5.50
N THR B 249 6.84 20.00 -4.50
CA THR B 249 6.14 21.27 -4.59
C THR B 249 6.63 22.30 -3.59
N TYR B 250 7.53 21.94 -2.68
CA TYR B 250 7.94 22.87 -1.62
C TYR B 250 8.54 24.16 -2.17
N TYR B 251 9.21 24.11 -3.33
CA TYR B 251 9.83 25.32 -3.86
C TYR B 251 8.76 26.40 -4.10
N ALA B 252 7.63 26.01 -4.69
CA ALA B 252 6.53 26.95 -4.91
C ALA B 252 5.85 27.39 -3.62
N GLU B 253 5.92 26.62 -2.54
CA GLU B 253 5.25 26.98 -1.29
C GLU B 253 6.21 27.52 -0.24
N SER B 254 7.39 28.01 -0.64
CA SER B 254 8.36 28.02 0.45
C SER B 254 8.46 29.37 1.13
N PRO B 255 8.59 29.40 2.46
CA PRO B 255 8.85 30.67 3.14
C PRO B 255 10.16 31.28 2.64
N THR B 256 10.38 32.54 3.03
CA THR B 256 11.56 33.24 2.54
C THR B 256 12.76 33.00 3.45
N VAL B 257 12.55 32.95 4.75
CA VAL B 257 13.63 32.90 5.73
C VAL B 257 13.81 31.47 6.24
N ASP B 258 15.05 30.99 6.18
CA ASP B 258 15.46 29.75 6.83
C ASP B 258 14.46 28.61 6.59
N PRO B 259 14.15 28.30 5.33
CA PRO B 259 13.15 27.26 5.07
C PRO B 259 13.67 25.91 5.53
N HIS B 260 12.84 25.20 6.29
CA HIS B 260 13.19 23.91 6.88
C HIS B 260 12.60 22.73 6.10
N GLY B 261 11.83 22.98 5.03
CA GLY B 261 11.06 21.97 4.35
C GLY B 261 9.71 21.70 5.01
N PRO B 262 8.82 20.95 4.32
CA PRO B 262 7.49 20.66 4.90
C PRO B 262 7.59 19.92 6.23
N GLY B 263 6.45 19.84 6.93
CA GLY B 263 6.43 19.27 8.27
C GLY B 263 6.30 17.77 8.31
N THR B 264 5.79 17.16 7.25
CA THR B 264 5.68 15.72 7.11
C THR B 264 6.14 15.30 5.72
N GLY B 265 6.40 14.02 5.56
CA GLY B 265 6.80 13.49 4.27
C GLY B 265 7.22 12.04 4.41
N ALA B 266 7.64 11.47 3.29
CA ALA B 266 7.99 10.06 3.24
C ALA B 266 9.48 9.80 3.09
N ALA B 267 10.20 10.68 2.40
CA ALA B 267 11.63 10.57 2.16
C ALA B 267 12.31 11.87 2.57
N ARG B 268 13.52 11.78 3.11
CA ARG B 268 14.32 12.96 3.37
C ARG B 268 15.19 13.31 2.17
N VAL B 269 15.57 14.59 2.08
CA VAL B 269 16.27 15.12 0.91
C VAL B 269 17.70 14.59 0.87
N LEU B 270 18.17 14.24 -0.33
CA LEU B 270 19.57 13.96 -0.63
C LEU B 270 20.03 14.93 -1.71
N ARG B 271 21.30 15.35 -1.63
CA ARG B 271 21.84 16.23 -2.66
C ARG B 271 23.25 15.80 -3.03
N GLY B 272 23.66 16.19 -4.24
CA GLY B 272 25.06 16.18 -4.63
C GLY B 272 25.41 15.19 -5.72
N GLY B 273 24.64 14.11 -5.85
CA GLY B 273 25.04 13.04 -6.76
C GLY B 273 26.20 12.25 -6.17
N SER B 274 26.67 11.25 -6.92
CA SER B 274 27.68 10.34 -6.41
C SER B 274 28.59 9.87 -7.53
N TYR B 275 29.54 8.99 -7.16
CA TYR B 275 30.49 8.48 -8.14
C TYR B 275 29.82 7.63 -9.20
N LEU B 276 28.55 7.27 -9.02
CA LEU B 276 27.79 6.54 -10.04
C LEU B 276 27.03 7.45 -10.99
N CYS B 277 26.93 8.76 -10.73
CA CYS B 277 26.15 9.62 -11.60
C CYS B 277 26.71 9.63 -13.01
N HIS B 278 25.80 9.62 -13.99
CA HIS B 278 26.17 9.72 -15.40
C HIS B 278 25.02 10.36 -16.17
N ASP B 279 25.39 11.05 -17.27
CA ASP B 279 24.40 11.82 -18.01
C ASP B 279 23.36 10.94 -18.69
N SER B 280 23.67 9.67 -18.94
CA SER B 280 22.73 8.81 -19.65
C SER B 280 21.50 8.49 -18.81
N TYR B 281 21.53 8.70 -17.50
CA TYR B 281 20.42 8.21 -16.69
C TYR B 281 20.10 9.09 -15.48
N CYS B 282 21.09 9.85 -14.99
CA CYS B 282 20.93 10.69 -13.82
C CYS B 282 22.07 11.69 -13.68
N ASN B 283 21.80 12.95 -14.03
CA ASN B 283 22.76 14.05 -13.91
C ASN B 283 22.52 14.91 -12.67
N ARG B 284 22.19 14.30 -11.53
CA ARG B 284 21.86 15.06 -10.33
C ARG B 284 23.08 15.56 -9.57
N TYR B 285 24.24 15.67 -10.24
CA TYR B 285 25.39 16.40 -9.72
C TYR B 285 25.33 17.88 -10.05
N ARG B 286 24.45 18.29 -10.98
CA ARG B 286 24.06 19.70 -11.09
C ARG B 286 23.72 20.23 -9.71
N VAL B 287 24.17 21.45 -9.44
CA VAL B 287 24.05 22.00 -8.09
C VAL B 287 22.61 22.23 -7.69
N ALA B 288 21.68 22.36 -8.64
CA ALA B 288 20.28 22.53 -8.31
C ALA B 288 19.55 21.21 -8.10
N ALA B 289 20.03 20.11 -8.70
CA ALA B 289 19.27 18.87 -8.71
C ALA B 289 19.01 18.36 -7.31
N ARG B 290 17.92 17.60 -7.15
CA ARG B 290 17.55 17.08 -5.85
C ARG B 290 17.05 15.65 -6.00
N SER B 291 17.18 14.89 -4.91
CA SER B 291 16.60 13.56 -4.80
C SER B 291 16.23 13.32 -3.35
N SER B 292 15.79 12.10 -3.05
CA SER B 292 15.31 11.79 -1.71
C SER B 292 15.35 10.27 -1.52
N ASN B 293 15.12 9.85 -0.28
CA ASN B 293 15.11 8.44 0.07
C ASN B 293 14.57 8.28 1.48
N THR B 294 13.97 7.14 1.77
CA THR B 294 13.36 6.97 3.09
C THR B 294 14.45 6.96 4.16
N PRO B 295 14.16 7.48 5.35
CA PRO B 295 15.23 7.74 6.33
C PRO B 295 16.02 6.52 6.79
N ASP B 296 15.50 5.30 6.64
CA ASP B 296 16.29 4.13 7.03
C ASP B 296 17.03 3.50 5.86
N SER B 297 16.98 4.12 4.68
CA SER B 297 17.73 3.64 3.53
C SER B 297 19.23 3.74 3.77
N SER B 298 19.99 2.93 3.03
CA SER B 298 21.44 2.96 3.12
C SER B 298 22.00 2.29 1.87
N SER B 299 23.06 2.86 1.31
CA SER B 299 23.75 2.24 0.19
C SER B 299 25.21 2.68 0.20
N GLY B 300 26.02 2.05 -0.64
CA GLY B 300 27.44 2.32 -0.70
C GLY B 300 27.85 3.56 -1.45
N ASN B 301 26.91 4.46 -1.75
CA ASN B 301 27.23 5.72 -2.42
C ASN B 301 26.50 6.87 -1.76
N LEU B 302 26.26 6.75 -0.45
CA LEU B 302 25.40 7.65 0.29
C LEU B 302 26.01 7.88 1.67
N GLY B 303 26.42 9.13 1.94
CA GLY B 303 26.88 9.63 3.22
C GLY B 303 26.21 10.96 3.54
N PHE B 304 26.93 11.84 4.26
CA PHE B 304 26.37 13.12 4.67
C PHE B 304 27.50 14.08 5.08
N ARG B 305 27.10 15.32 5.38
CA ARG B 305 27.98 16.33 5.96
C ARG B 305 27.17 17.17 6.94
N CYS B 306 27.81 17.62 8.02
CA CYS B 306 27.08 18.30 9.08
C CYS B 306 27.14 19.83 8.93
N ALA B 307 26.35 20.50 9.78
CA ALA B 307 26.22 21.94 9.85
C ALA B 307 26.03 22.37 11.31
N ASN B 308 25.84 23.67 11.53
CA ASN B 308 25.52 24.21 12.85
C ASN B 308 24.96 25.62 12.67
N ASP B 309 24.35 26.14 13.74
CA ASP B 309 23.96 27.54 13.73
C ASP B 309 25.17 28.41 14.03
N ALA B 310 25.00 29.72 13.86
CA ALA B 310 25.99 30.68 14.33
C ALA B 310 25.41 31.54 15.44
N ASP B 311 26.28 32.17 16.22
CA ASP B 311 25.86 33.08 17.28
C ASP B 311 25.40 34.42 16.72
N ALA C 23 -47.51 -14.97 -31.20
CA ALA C 23 -46.76 -13.74 -31.35
C ALA C 23 -45.94 -13.42 -30.08
N ARG C 24 -45.26 -12.27 -30.11
CA ARG C 24 -44.41 -11.78 -29.03
C ARG C 24 -44.49 -10.26 -29.02
N PRO C 25 -44.22 -9.63 -27.88
CA PRO C 25 -44.43 -8.17 -27.80
C PRO C 25 -43.24 -7.41 -28.38
N ARG C 26 -43.54 -6.44 -29.24
CA ARG C 26 -42.47 -5.63 -29.84
C ARG C 26 -41.66 -4.91 -28.75
N SER C 27 -40.33 -4.89 -28.93
CA SER C 27 -39.43 -4.25 -27.97
C SER C 27 -38.35 -3.46 -28.70
N THR C 28 -38.05 -2.27 -28.17
CA THR C 28 -37.00 -1.39 -28.68
C THR C 28 -35.93 -1.15 -27.62
N ARG C 29 -35.84 -2.06 -26.65
CA ARG C 29 -34.80 -2.00 -25.65
C ARG C 29 -33.45 -1.91 -26.32
N GLY C 30 -32.66 -0.93 -25.91
CA GLY C 30 -31.30 -0.82 -26.43
C GLY C 30 -31.17 -0.52 -27.90
N GLN C 31 -32.21 0.03 -28.53
CA GLN C 31 -32.21 0.33 -29.95
C GLN C 31 -32.30 1.83 -30.18
N VAL C 32 -31.58 2.29 -31.20
CA VAL C 32 -31.62 3.67 -31.70
C VAL C 32 -32.72 3.78 -32.73
N ARG C 33 -33.45 4.90 -32.73
CA ARG C 33 -34.44 5.18 -33.77
C ARG C 33 -33.82 6.07 -34.82
N LEU C 34 -33.82 5.61 -36.08
CA LEU C 34 -33.27 6.39 -37.16
C LEU C 34 -34.36 6.78 -38.14
N PRO C 35 -34.35 8.01 -38.65
CA PRO C 35 -35.47 8.47 -39.48
C PRO C 35 -35.45 7.87 -40.87
N GLY C 36 -34.29 7.47 -41.37
CA GLY C 36 -34.20 6.88 -42.70
C GLY C 36 -33.96 7.94 -43.75
N GLY C 37 -34.77 7.91 -44.82
CA GLY C 37 -34.58 8.81 -45.94
C GLY C 37 -33.70 8.19 -47.00
N GLU C 38 -32.97 9.01 -47.76
CA GLU C 38 -32.22 8.54 -48.92
C GLU C 38 -30.73 8.50 -48.63
N PHE C 39 -30.06 7.46 -49.11
CA PHE C 39 -28.61 7.43 -49.01
C PHE C 39 -28.02 6.68 -50.19
N ALA C 40 -26.71 6.83 -50.37
CA ALA C 40 -25.97 6.20 -51.47
C ALA C 40 -25.37 4.90 -50.96
N MET C 41 -26.00 3.79 -51.28
CA MET C 41 -25.53 2.49 -50.80
C MET C 41 -24.55 1.88 -51.81
N GLY C 42 -23.35 1.55 -51.34
CA GLY C 42 -22.42 0.82 -52.19
C GLY C 42 -21.00 1.35 -52.09
N ASP C 43 -20.06 0.70 -52.77
CA ASP C 43 -18.64 1.09 -52.69
C ASP C 43 -18.38 2.36 -53.48
N ALA C 44 -18.28 3.49 -52.77
CA ALA C 44 -18.07 4.79 -53.38
C ALA C 44 -16.73 4.94 -54.08
N PHE C 45 -15.76 4.04 -53.83
CA PHE C 45 -14.43 4.23 -54.35
C PHE C 45 -14.08 3.29 -55.49
N GLY C 46 -14.95 2.33 -55.81
CA GLY C 46 -14.62 1.37 -56.84
C GLY C 46 -13.35 0.59 -56.54
N GLU C 47 -13.12 0.24 -55.28
CA GLU C 47 -11.86 -0.33 -54.84
C GLU C 47 -12.05 -1.69 -54.18
N GLY C 48 -13.25 -2.19 -54.13
CA GLY C 48 -13.54 -3.43 -53.42
C GLY C 48 -13.34 -4.63 -54.30
N TYR C 49 -14.02 -5.71 -53.92
CA TYR C 49 -13.83 -6.99 -54.57
C TYR C 49 -14.96 -7.18 -55.56
N PRO C 50 -14.67 -7.36 -56.85
CA PRO C 50 -15.77 -7.37 -57.82
C PRO C 50 -16.68 -8.57 -57.64
N ALA C 51 -16.17 -9.69 -57.15
CA ALA C 51 -17.02 -10.86 -56.94
C ALA C 51 -18.15 -10.60 -55.95
N ASP C 52 -18.03 -9.59 -55.08
CA ASP C 52 -19.00 -9.40 -54.02
C ASP C 52 -20.17 -8.49 -54.41
N GLY C 53 -20.07 -7.76 -55.52
CA GLY C 53 -21.18 -6.92 -55.90
C GLY C 53 -21.35 -5.73 -55.00
N GLU C 54 -20.24 -5.08 -54.63
CA GLU C 54 -20.31 -3.84 -53.87
C GLU C 54 -20.80 -2.67 -54.71
N THR C 55 -20.87 -2.83 -56.02
CA THR C 55 -21.31 -1.81 -56.95
C THR C 55 -22.42 -2.38 -57.81
N PRO C 56 -23.23 -1.53 -58.46
CA PRO C 56 -23.20 -0.06 -58.56
C PRO C 56 -23.68 0.67 -57.31
N VAL C 57 -23.02 1.77 -56.94
CA VAL C 57 -23.59 2.66 -55.95
C VAL C 57 -25.00 3.03 -56.40
N HIS C 58 -25.97 2.84 -55.52
CA HIS C 58 -27.35 3.08 -55.90
C HIS C 58 -28.07 3.82 -54.79
N THR C 59 -28.98 4.71 -55.18
CA THR C 59 -29.78 5.45 -54.21
C THR C 59 -30.84 4.54 -53.59
N VAL C 60 -30.93 4.56 -52.27
CA VAL C 60 -31.91 3.76 -51.55
C VAL C 60 -32.70 4.70 -50.67
N ARG C 61 -34.02 4.47 -50.55
CA ARG C 61 -34.87 5.22 -49.63
C ARG C 61 -35.40 4.25 -48.59
N LEU C 62 -35.16 4.57 -47.31
CA LEU C 62 -35.56 3.73 -46.19
C LEU C 62 -36.64 4.40 -45.36
N ARG C 63 -37.62 3.61 -44.93
CA ARG C 63 -38.56 4.06 -43.92
C ARG C 63 -37.85 4.13 -42.58
N PRO C 64 -38.30 4.98 -41.67
CA PRO C 64 -37.72 5.00 -40.33
C PRO C 64 -37.73 3.61 -39.72
N PHE C 65 -36.76 3.35 -38.85
CA PHE C 65 -36.64 2.03 -38.25
C PHE C 65 -35.73 2.15 -37.03
N HIS C 66 -35.71 1.09 -36.21
CA HIS C 66 -34.85 0.97 -35.06
C HIS C 66 -33.74 -0.04 -35.35
N ILE C 67 -32.60 0.12 -34.67
CA ILE C 67 -31.50 -0.84 -34.78
C ILE C 67 -30.70 -0.80 -33.48
N ASP C 68 -30.17 -1.97 -33.10
CA ASP C 68 -29.42 -2.11 -31.86
C ASP C 68 -28.20 -1.21 -31.85
N GLU C 69 -27.95 -0.54 -30.73
CA GLU C 69 -26.70 0.20 -30.67
C GLU C 69 -25.49 -0.73 -30.55
N THR C 70 -25.68 -2.00 -30.16
CA THR C 70 -24.58 -2.94 -30.07
C THR C 70 -24.99 -4.30 -30.63
N ALA C 71 -23.99 -5.12 -30.92
CA ALA C 71 -24.26 -6.50 -31.26
C ALA C 71 -24.81 -7.20 -30.03
N VAL C 72 -25.56 -8.29 -30.26
CA VAL C 72 -26.23 -8.99 -29.17
C VAL C 72 -25.19 -9.63 -28.27
N THR C 73 -25.33 -9.43 -26.96
CA THR C 73 -24.32 -9.92 -26.02
C THR C 73 -24.59 -11.35 -25.53
N ASN C 74 -23.53 -11.98 -25.03
CA ASN C 74 -23.67 -13.27 -24.35
C ASN C 74 -24.75 -13.23 -23.28
N ALA C 75 -24.71 -12.20 -22.42
CA ALA C 75 -25.71 -12.08 -21.35
C ALA C 75 -27.13 -12.09 -21.90
N ARG C 76 -27.38 -11.35 -22.98
CA ARG C 76 -28.73 -11.26 -23.52
C ARG C 76 -29.11 -12.54 -24.27
N PHE C 77 -28.16 -13.18 -24.92
CA PHE C 77 -28.50 -14.43 -25.60
C PHE C 77 -28.77 -15.52 -24.59
N ALA C 78 -28.08 -15.49 -23.43
CA ALA C 78 -28.31 -16.48 -22.39
C ALA C 78 -29.72 -16.36 -21.82
N ALA C 79 -30.20 -15.12 -21.64
CA ALA C 79 -31.59 -14.94 -21.21
C ALA C 79 -32.56 -15.55 -22.21
N PHE C 80 -32.25 -15.44 -23.50
CA PHE C 80 -33.07 -16.06 -24.55
C PHE C 80 -33.06 -17.58 -24.45
N VAL C 81 -31.89 -18.17 -24.18
CA VAL C 81 -31.81 -19.63 -24.06
C VAL C 81 -32.50 -20.10 -22.78
N LYS C 82 -32.21 -19.42 -21.66
CA LYS C 82 -32.83 -19.76 -20.37
C LYS C 82 -34.36 -19.79 -20.46
N ALA C 83 -34.96 -18.83 -21.19
CA ALA C 83 -36.41 -18.70 -21.27
C ALA C 83 -37.07 -19.64 -22.28
N THR C 84 -36.33 -20.13 -23.29
CA THR C 84 -36.92 -20.92 -24.37
C THR C 84 -36.29 -22.29 -24.54
N GLY C 85 -35.16 -22.55 -23.89
CA GLY C 85 -34.49 -23.82 -24.10
C GLY C 85 -33.93 -24.01 -25.49
N HIS C 86 -33.80 -22.92 -26.26
CA HIS C 86 -33.34 -23.00 -27.65
C HIS C 86 -32.01 -23.74 -27.76
N VAL C 87 -31.88 -24.50 -28.84
CA VAL C 87 -30.66 -25.22 -29.16
C VAL C 87 -30.13 -24.68 -30.48
N THR C 88 -28.90 -24.16 -30.46
CA THR C 88 -28.25 -23.56 -31.61
C THR C 88 -27.75 -24.61 -32.60
N ASP C 89 -27.56 -24.16 -33.85
CA ASP C 89 -27.16 -25.06 -34.92
C ASP C 89 -25.80 -25.70 -34.63
N ALA C 90 -24.88 -24.93 -34.02
CA ALA C 90 -23.58 -25.49 -33.66
C ALA C 90 -23.71 -26.66 -32.70
N GLU C 91 -24.70 -26.59 -31.79
CA GLU C 91 -24.90 -27.67 -30.82
C GLU C 91 -25.45 -28.93 -31.48
N ARG C 92 -26.35 -28.77 -32.45
CA ARG C 92 -26.91 -29.92 -33.13
C ARG C 92 -25.92 -30.51 -34.12
N PHE C 93 -25.10 -29.67 -34.76
CA PHE C 93 -24.08 -30.20 -35.64
C PHE C 93 -22.97 -30.86 -34.84
N GLY C 94 -22.71 -30.38 -33.62
CA GLY C 94 -21.77 -30.99 -32.71
C GLY C 94 -20.43 -30.30 -32.60
N SER C 95 -20.13 -29.38 -33.50
CA SER C 95 -18.87 -28.66 -33.47
C SER C 95 -19.08 -27.30 -34.11
N SER C 96 -18.17 -26.38 -33.81
CA SER C 96 -18.14 -25.11 -34.50
C SER C 96 -16.68 -24.73 -34.72
N ALA C 97 -16.46 -23.73 -35.59
CA ALA C 97 -15.11 -23.34 -35.99
C ALA C 97 -14.54 -22.35 -35.00
N VAL C 98 -13.26 -22.52 -34.68
CA VAL C 98 -12.58 -21.73 -33.67
C VAL C 98 -11.23 -21.33 -34.24
N PHE C 99 -10.88 -20.06 -34.14
CA PHE C 99 -9.58 -19.65 -34.65
C PHE C 99 -8.47 -20.34 -33.89
N HIS C 100 -7.38 -20.70 -34.60
CA HIS C 100 -6.45 -21.71 -34.07
C HIS C 100 -5.70 -21.22 -32.84
N LEU C 101 -5.40 -19.92 -32.77
CA LEU C 101 -4.63 -19.38 -31.65
C LEU C 101 -5.39 -19.39 -30.34
N VAL C 102 -6.72 -19.61 -30.35
CA VAL C 102 -7.51 -19.54 -29.13
C VAL C 102 -8.19 -20.86 -28.80
N VAL C 103 -7.87 -21.95 -29.50
CA VAL C 103 -8.54 -23.21 -29.21
C VAL C 103 -8.24 -23.61 -27.78
N ALA C 104 -9.29 -23.93 -27.03
CA ALA C 104 -9.19 -24.39 -25.65
C ALA C 104 -10.09 -25.64 -25.58
N ALA C 105 -9.47 -26.81 -25.84
CA ALA C 105 -10.18 -28.06 -25.95
C ALA C 105 -9.19 -29.22 -25.87
N PRO C 106 -9.60 -30.38 -25.34
CA PRO C 106 -8.72 -31.55 -25.36
C PRO C 106 -8.43 -31.98 -26.79
N ASP C 107 -7.30 -32.67 -26.97
CA ASP C 107 -6.93 -33.06 -28.32
C ASP C 107 -7.97 -33.95 -28.97
N ALA C 108 -8.70 -34.72 -28.15
CA ALA C 108 -9.77 -35.59 -28.68
C ALA C 108 -10.87 -34.80 -29.36
N ASP C 109 -10.97 -33.50 -29.07
CA ASP C 109 -12.05 -32.67 -29.59
C ASP C 109 -11.64 -31.86 -30.81
N VAL C 110 -10.37 -31.90 -31.20
CA VAL C 110 -9.89 -31.22 -32.41
C VAL C 110 -10.18 -32.15 -33.57
N LEU C 111 -11.08 -31.73 -34.47
CA LEU C 111 -11.57 -32.61 -35.53
C LEU C 111 -10.87 -32.38 -36.87
N GLY C 112 -10.02 -31.36 -36.97
CA GLY C 112 -9.35 -30.97 -38.20
C GLY C 112 -9.66 -29.54 -38.58
N SER C 113 -9.05 -29.11 -39.69
CA SER C 113 -9.17 -27.75 -40.20
C SER C 113 -10.39 -27.60 -41.09
N ALA C 114 -10.87 -26.36 -41.21
CA ALA C 114 -11.98 -25.98 -42.09
C ALA C 114 -11.54 -25.95 -43.55
N ALA C 115 -12.53 -26.14 -44.44
CA ALA C 115 -12.27 -26.29 -45.87
C ALA C 115 -11.69 -25.00 -46.45
N GLY C 116 -10.42 -25.06 -46.85
CA GLY C 116 -9.79 -23.95 -47.55
C GLY C 116 -9.21 -22.87 -46.65
N ALA C 117 -9.45 -22.93 -45.35
CA ALA C 117 -8.88 -21.98 -44.40
C ALA C 117 -8.39 -22.77 -43.21
N PRO C 118 -7.14 -23.25 -43.26
CA PRO C 118 -6.66 -24.17 -42.22
C PRO C 118 -6.50 -23.53 -40.84
N TRP C 119 -6.52 -22.19 -40.74
CA TRP C 119 -6.46 -21.53 -39.44
C TRP C 119 -7.76 -21.56 -38.66
N TRP C 120 -8.88 -22.00 -39.26
CA TRP C 120 -10.08 -22.29 -38.50
C TRP C 120 -10.08 -23.77 -38.11
N ILE C 121 -10.17 -24.06 -36.82
CA ILE C 121 -10.16 -25.43 -36.31
C ILE C 121 -11.59 -25.86 -35.97
N ASN C 122 -11.99 -27.02 -36.47
CA ASN C 122 -13.32 -27.57 -36.16
C ASN C 122 -13.27 -28.26 -34.79
N VAL C 123 -13.89 -27.64 -33.79
CA VAL C 123 -13.69 -28.06 -32.40
C VAL C 123 -15.01 -28.64 -31.89
N ARG C 124 -14.96 -29.91 -31.48
CA ARG C 124 -16.17 -30.57 -31.00
C ARG C 124 -16.66 -29.86 -29.76
N GLY C 125 -17.96 -29.61 -29.70
CA GLY C 125 -18.52 -29.01 -28.52
C GLY C 125 -18.38 -27.52 -28.40
N ALA C 126 -17.67 -26.86 -29.31
CA ALA C 126 -17.60 -25.42 -29.26
C ALA C 126 -18.94 -24.84 -29.71
N HIS C 127 -19.54 -24.00 -28.87
CA HIS C 127 -20.79 -23.29 -29.20
C HIS C 127 -20.81 -21.99 -28.37
N TRP C 128 -21.93 -21.27 -28.41
CA TRP C 128 -21.93 -19.93 -27.82
C TRP C 128 -21.51 -19.93 -26.35
N ARG C 129 -21.93 -20.94 -25.58
CA ARG C 129 -21.62 -20.99 -24.16
C ARG C 129 -20.13 -21.25 -23.89
N ARG C 130 -19.46 -21.96 -24.79
CA ARG C 130 -18.04 -22.34 -24.66
C ARG C 130 -17.37 -22.02 -26.00
N PRO C 131 -17.10 -20.74 -26.26
CA PRO C 131 -16.79 -20.31 -27.64
C PRO C 131 -15.47 -20.83 -28.16
N GLU C 132 -14.62 -21.43 -27.32
CA GLU C 132 -13.34 -21.93 -27.75
C GLU C 132 -13.20 -23.44 -27.56
N GLY C 133 -14.25 -24.12 -27.12
CA GLY C 133 -14.15 -25.52 -26.81
C GLY C 133 -14.53 -25.79 -25.37
N ALA C 134 -14.40 -27.07 -24.99
CA ALA C 134 -14.89 -27.49 -23.67
C ALA C 134 -14.13 -26.85 -22.51
N ARG C 135 -12.92 -26.36 -22.71
CA ARG C 135 -12.18 -25.75 -21.63
C ARG C 135 -12.39 -24.24 -21.54
N SER C 136 -13.44 -23.70 -22.14
CA SER C 136 -13.73 -22.28 -22.08
C SER C 136 -15.16 -22.04 -21.58
N ASP C 137 -15.38 -20.84 -21.06
CA ASP C 137 -16.71 -20.42 -20.64
C ASP C 137 -16.86 -18.95 -20.97
N ILE C 138 -18.08 -18.44 -20.87
CA ILE C 138 -18.35 -17.02 -21.10
C ILE C 138 -18.58 -16.28 -19.78
N THR C 139 -18.21 -16.88 -18.65
CA THR C 139 -18.53 -16.26 -17.36
C THR C 139 -17.79 -14.94 -17.17
N GLY C 140 -16.57 -14.83 -17.67
CA GLY C 140 -15.98 -13.51 -17.65
C GLY C 140 -16.39 -12.60 -18.79
N ARG C 141 -17.27 -13.03 -19.70
CA ARG C 141 -17.47 -12.27 -20.94
C ARG C 141 -18.92 -11.85 -21.19
N PRO C 142 -19.66 -11.37 -20.19
CA PRO C 142 -21.11 -11.19 -20.38
C PRO C 142 -21.45 -10.14 -21.41
N ASN C 143 -20.59 -9.15 -21.65
CA ASN C 143 -20.90 -8.07 -22.58
C ASN C 143 -20.05 -8.09 -23.83
N HIS C 144 -19.41 -9.23 -24.12
CA HIS C 144 -18.87 -9.55 -25.43
C HIS C 144 -20.01 -10.00 -26.33
N PRO C 145 -19.85 -9.90 -27.65
CA PRO C 145 -20.95 -10.33 -28.53
C PRO C 145 -21.05 -11.86 -28.57
N VAL C 146 -22.29 -12.33 -28.72
CA VAL C 146 -22.50 -13.77 -28.76
C VAL C 146 -22.01 -14.31 -30.09
N VAL C 147 -21.19 -15.36 -30.04
CA VAL C 147 -20.65 -15.95 -31.26
C VAL C 147 -21.18 -17.38 -31.38
N HIS C 148 -20.85 -18.06 -32.48
CA HIS C 148 -21.33 -19.40 -32.77
C HIS C 148 -22.84 -19.43 -32.93
N VAL C 149 -23.44 -18.34 -33.39
CA VAL C 149 -24.87 -18.30 -33.67
C VAL C 149 -25.05 -18.28 -35.18
N SER C 150 -25.92 -19.16 -35.69
CA SER C 150 -26.20 -19.18 -37.10
C SER C 150 -27.20 -18.07 -37.44
N TRP C 151 -27.50 -17.94 -38.74
CA TRP C 151 -28.62 -17.10 -39.17
C TRP C 151 -29.91 -17.59 -38.52
N ASN C 152 -30.03 -18.90 -38.32
CA ASN C 152 -31.26 -19.42 -37.70
C ASN C 152 -31.32 -19.02 -36.24
N ASP C 153 -30.20 -19.10 -35.53
CA ASP C 153 -30.22 -18.69 -34.12
C ASP C 153 -30.42 -17.19 -33.98
N ALA C 154 -29.93 -16.40 -34.95
CA ALA C 154 -30.13 -14.97 -34.88
C ALA C 154 -31.59 -14.63 -35.10
N THR C 155 -32.20 -15.20 -36.15
CA THR C 155 -33.61 -14.98 -36.44
C THR C 155 -34.49 -15.42 -35.27
N ALA C 156 -34.15 -16.55 -34.64
CA ALA C 156 -34.91 -17.03 -33.50
C ALA C 156 -34.78 -16.11 -32.30
N TYR C 157 -33.55 -15.70 -31.96
CA TYR C 157 -33.39 -14.68 -30.92
C TYR C 157 -34.24 -13.45 -31.22
N ALA C 158 -34.23 -13.00 -32.48
CA ALA C 158 -34.89 -11.74 -32.79
C ALA C 158 -36.38 -11.81 -32.49
N ARG C 159 -37.06 -12.88 -32.96
CA ARG C 159 -38.47 -13.09 -32.67
C ARG C 159 -38.73 -13.03 -31.18
N TRP C 160 -37.98 -13.80 -30.41
CA TRP C 160 -38.23 -13.88 -28.97
C TRP C 160 -38.04 -12.53 -28.28
N ALA C 161 -37.08 -11.73 -28.74
CA ALA C 161 -36.81 -10.44 -28.10
C ALA C 161 -37.78 -9.34 -28.54
N GLY C 162 -38.73 -9.63 -29.41
CA GLY C 162 -39.59 -8.59 -29.95
C GLY C 162 -38.94 -7.76 -31.03
N LYS C 163 -37.92 -8.28 -31.70
CA LYS C 163 -37.20 -7.53 -32.72
C LYS C 163 -37.12 -8.33 -34.03
N ARG C 164 -36.38 -7.82 -35.01
CA ARG C 164 -36.05 -8.59 -36.21
C ARG C 164 -34.57 -8.39 -36.51
N LEU C 165 -34.10 -8.98 -37.66
CA LEU C 165 -32.77 -8.69 -38.20
C LEU C 165 -32.83 -7.46 -39.13
N PRO C 166 -31.76 -6.68 -39.22
CA PRO C 166 -31.76 -5.57 -40.18
C PRO C 166 -31.62 -6.08 -41.61
N THR C 167 -32.27 -5.39 -42.55
CA THR C 167 -31.89 -5.59 -43.94
C THR C 167 -30.45 -5.14 -44.14
N GLU C 168 -29.85 -5.61 -45.23
CA GLU C 168 -28.53 -5.12 -45.59
C GLU C 168 -28.56 -3.62 -45.87
N ALA C 169 -29.58 -3.16 -46.60
CA ALA C 169 -29.69 -1.72 -46.86
C ALA C 169 -29.73 -0.93 -45.56
N GLU C 170 -30.58 -1.37 -44.63
CA GLU C 170 -30.63 -0.77 -43.29
C GLU C 170 -29.27 -0.83 -42.60
N TRP C 171 -28.62 -2.00 -42.64
CA TRP C 171 -27.34 -2.16 -41.96
C TRP C 171 -26.33 -1.12 -42.42
N GLU C 172 -26.22 -0.91 -43.73
CA GLU C 172 -25.21 0.02 -44.22
C GLU C 172 -25.60 1.46 -43.91
N TYR C 173 -26.85 1.84 -44.21
CA TYR C 173 -27.30 3.19 -43.82
C TYR C 173 -26.94 3.46 -42.37
N ALA C 174 -27.17 2.49 -41.48
CA ALA C 174 -26.92 2.71 -40.06
C ALA C 174 -25.43 2.86 -39.78
N ALA C 175 -24.60 2.02 -40.39
CA ALA C 175 -23.19 2.06 -40.10
C ALA C 175 -22.54 3.32 -40.66
N ARG C 176 -23.04 3.84 -41.79
CA ARG C 176 -22.47 5.06 -42.34
C ARG C 176 -22.60 6.25 -41.39
N GLY C 177 -23.49 6.19 -40.41
CA GLY C 177 -23.57 7.23 -39.39
C GLY C 177 -23.93 8.62 -39.87
N GLY C 178 -24.79 8.73 -40.89
CA GLY C 178 -25.16 10.02 -41.44
C GLY C 178 -24.12 10.67 -42.35
N LEU C 179 -22.99 10.02 -42.61
CA LEU C 179 -21.98 10.54 -43.50
C LEU C 179 -22.15 9.95 -44.90
N ALA C 180 -21.72 10.70 -45.92
CA ALA C 180 -21.98 10.32 -47.30
C ALA C 180 -20.70 9.79 -47.97
N GLY C 181 -20.78 8.59 -48.52
CA GLY C 181 -19.73 8.10 -49.38
C GLY C 181 -18.37 7.90 -48.73
N ARG C 182 -18.30 7.72 -47.42
CA ARG C 182 -17.01 7.50 -46.81
C ARG C 182 -16.59 6.04 -46.96
N ARG C 183 -15.29 5.79 -46.73
CA ARG C 183 -14.79 4.43 -46.79
C ARG C 183 -15.20 3.63 -45.56
N TYR C 184 -15.17 4.26 -44.39
CA TYR C 184 -15.49 3.62 -43.12
C TYR C 184 -16.63 4.34 -42.40
N ALA C 185 -17.09 3.73 -41.31
CA ALA C 185 -18.18 4.31 -40.54
C ALA C 185 -17.86 5.72 -40.07
N TRP C 186 -16.59 6.09 -39.98
CA TRP C 186 -16.17 7.31 -39.33
C TRP C 186 -15.42 8.26 -40.25
N GLY C 187 -15.19 7.90 -41.50
CA GLY C 187 -14.45 8.73 -42.44
C GLY C 187 -13.64 7.83 -43.34
N ASP C 188 -12.57 8.38 -43.93
CA ASP C 188 -11.81 7.68 -44.97
C ASP C 188 -10.46 7.11 -44.51
N GLU C 189 -9.96 7.48 -43.32
CA GLU C 189 -8.72 6.96 -42.79
C GLU C 189 -8.97 5.82 -41.81
N LEU C 190 -8.28 4.70 -41.97
CA LEU C 190 -8.48 3.54 -41.11
C LEU C 190 -8.24 3.88 -39.64
N THR C 191 -7.09 4.49 -39.34
CA THR C 191 -6.70 4.85 -37.97
C THR C 191 -6.49 6.35 -37.92
N PRO C 192 -7.58 7.14 -37.88
CA PRO C 192 -7.42 8.60 -37.79
C PRO C 192 -6.62 8.96 -36.55
N GLY C 193 -5.64 9.84 -36.73
CA GLY C 193 -4.79 10.23 -35.62
C GLY C 193 -3.99 9.09 -35.04
N GLY C 194 -3.79 8.01 -35.79
CA GLY C 194 -3.02 6.89 -35.29
C GLY C 194 -3.72 6.01 -34.26
N ARG C 195 -5.00 6.26 -33.98
CA ARG C 195 -5.73 5.48 -32.98
C ARG C 195 -6.65 4.47 -33.65
N TRP C 196 -6.66 3.25 -33.14
CA TRP C 196 -7.56 2.24 -33.68
C TRP C 196 -8.99 2.58 -33.32
N ARG C 197 -9.89 2.41 -34.28
CA ARG C 197 -11.32 2.64 -34.12
C ARG C 197 -12.17 1.37 -34.24
N CYS C 198 -11.55 0.22 -34.50
CA CYS C 198 -12.29 -1.04 -34.57
C CYS C 198 -11.33 -2.18 -34.25
N ASN C 199 -11.90 -3.36 -34.08
CA ASN C 199 -11.13 -4.52 -33.64
C ASN C 199 -10.93 -5.40 -34.85
N ILE C 200 -9.75 -5.32 -35.47
CA ILE C 200 -9.43 -6.19 -36.59
C ILE C 200 -8.09 -6.86 -36.28
N TRP C 201 -7.30 -7.19 -37.30
CA TRP C 201 -6.03 -7.86 -37.10
C TRP C 201 -4.88 -6.89 -37.38
N GLN C 202 -3.85 -6.96 -36.55
CA GLN C 202 -2.57 -6.33 -36.84
C GLN C 202 -1.47 -7.37 -36.69
N GLY C 203 -0.45 -7.27 -37.53
CA GLY C 203 0.63 -8.23 -37.52
C GLY C 203 0.64 -9.15 -38.72
N ARG C 204 1.13 -10.37 -38.53
CA ARG C 204 1.39 -11.29 -39.62
C ARG C 204 0.30 -12.35 -39.62
N PHE C 205 -0.79 -12.08 -40.34
CA PHE C 205 -1.88 -13.05 -40.36
C PHE C 205 -1.43 -14.33 -41.05
N PRO C 206 -1.84 -15.51 -40.54
CA PRO C 206 -2.63 -15.81 -39.34
C PRO C 206 -1.78 -16.27 -38.15
N HIS C 207 -0.52 -15.86 -38.09
CA HIS C 207 0.41 -16.45 -37.14
C HIS C 207 0.73 -15.58 -35.94
N VAL C 208 0.71 -14.25 -36.10
CA VAL C 208 1.05 -13.32 -35.03
C VAL C 208 0.06 -12.15 -35.05
N ASN C 209 -0.57 -11.89 -33.91
CA ASN C 209 -1.50 -10.77 -33.75
C ASN C 209 -0.92 -9.82 -32.72
N THR C 210 -0.50 -8.63 -33.15
CA THR C 210 0.14 -7.74 -32.20
C THR C 210 -0.84 -7.08 -31.25
N ALA C 211 -2.14 -7.21 -31.51
CA ALA C 211 -3.17 -6.71 -30.59
C ALA C 211 -3.01 -5.22 -30.31
N GLU C 212 -2.61 -4.46 -31.32
CA GLU C 212 -2.46 -3.03 -31.06
C GLU C 212 -3.79 -2.34 -30.85
N ASP C 213 -4.88 -2.89 -31.41
CA ASP C 213 -6.19 -2.30 -31.17
C ASP C 213 -6.76 -2.73 -29.83
N GLY C 214 -6.02 -3.55 -29.09
CA GLY C 214 -6.36 -3.95 -27.74
C GLY C 214 -6.91 -5.35 -27.58
N HIS C 215 -7.22 -6.07 -28.67
CA HIS C 215 -7.92 -7.36 -28.57
C HIS C 215 -7.43 -8.39 -29.58
N LEU C 216 -7.16 -9.60 -29.11
CA LEU C 216 -6.92 -10.71 -30.01
C LEU C 216 -8.24 -11.28 -30.53
N SER C 217 -9.11 -11.67 -29.61
CA SER C 217 -10.39 -12.28 -29.93
C SER C 217 -11.50 -11.23 -29.87
N THR C 218 -12.71 -11.60 -29.44
CA THR C 218 -13.77 -10.61 -29.38
C THR C 218 -13.43 -9.54 -28.36
N ALA C 219 -14.11 -8.40 -28.50
CA ALA C 219 -14.00 -7.23 -27.63
C ALA C 219 -15.37 -6.90 -27.05
N PRO C 220 -15.43 -6.24 -25.88
CA PRO C 220 -16.74 -5.81 -25.36
C PRO C 220 -17.50 -4.98 -26.38
N VAL C 221 -18.82 -5.22 -26.46
CA VAL C 221 -19.65 -4.64 -27.51
C VAL C 221 -19.65 -3.12 -27.54
N LYS C 222 -19.05 -2.45 -26.57
CA LYS C 222 -18.99 -0.99 -26.59
C LYS C 222 -17.56 -0.49 -26.57
N SER C 223 -16.63 -1.29 -27.06
CA SER C 223 -15.25 -0.83 -27.19
C SER C 223 -15.17 0.20 -28.30
N TYR C 224 -14.11 1.00 -28.25
CA TYR C 224 -13.88 2.09 -29.21
C TYR C 224 -15.05 3.07 -29.10
N ARG C 225 -15.44 3.73 -30.20
CA ARG C 225 -16.40 4.82 -30.12
C ARG C 225 -17.59 4.57 -31.01
N PRO C 226 -18.74 5.11 -30.65
CA PRO C 226 -19.92 4.95 -31.49
C PRO C 226 -19.78 5.80 -32.74
N ASN C 227 -20.59 5.49 -33.75
CA ASN C 227 -20.55 6.27 -34.97
C ASN C 227 -21.59 7.40 -34.87
N GLY C 228 -21.79 8.14 -35.97
CA GLY C 228 -22.72 9.25 -35.99
C GLY C 228 -24.16 8.88 -35.74
N HIS C 229 -24.52 7.60 -35.78
CA HIS C 229 -25.87 7.18 -35.45
C HIS C 229 -25.95 6.54 -34.07
N GLY C 230 -24.88 6.60 -33.30
CA GLY C 230 -24.83 5.97 -32.00
C GLY C 230 -24.63 4.47 -31.99
N LEU C 231 -24.22 3.85 -33.11
CA LEU C 231 -23.98 2.41 -33.16
C LEU C 231 -22.51 2.11 -32.84
N TRP C 232 -22.29 1.07 -32.06
CA TRP C 232 -20.95 0.64 -31.68
C TRP C 232 -20.48 -0.57 -32.51
N ASN C 233 -19.21 -0.53 -32.92
CA ASN C 233 -18.51 -1.67 -33.54
C ASN C 233 -19.29 -2.29 -34.68
N THR C 234 -19.82 -1.44 -35.56
CA THR C 234 -20.31 -1.95 -36.83
C THR C 234 -19.16 -2.38 -37.72
N ALA C 235 -18.01 -1.74 -37.61
CA ALA C 235 -16.79 -2.22 -38.27
C ALA C 235 -16.03 -3.12 -37.31
N GLY C 236 -15.73 -4.33 -37.73
CA GLY C 236 -14.81 -5.15 -36.93
C GLY C 236 -15.49 -5.92 -35.81
N ASN C 237 -14.66 -6.48 -34.95
CA ASN C 237 -15.09 -7.35 -33.86
C ASN C 237 -15.74 -8.64 -34.38
N VAL C 238 -16.99 -8.60 -34.81
CA VAL C 238 -17.61 -9.81 -35.36
C VAL C 238 -18.45 -9.49 -36.59
N TRP C 239 -18.50 -10.43 -37.52
CA TRP C 239 -19.47 -10.35 -38.61
C TRP C 239 -20.89 -10.32 -38.06
N GLU C 240 -21.80 -9.70 -38.78
CA GLU C 240 -23.17 -9.57 -38.30
C GLU C 240 -24.14 -10.06 -39.36
N TRP C 241 -25.05 -10.93 -38.97
CA TRP C 241 -26.03 -11.45 -39.92
C TRP C 241 -27.01 -10.37 -40.33
N CYS C 242 -27.54 -10.49 -41.55
CA CYS C 242 -28.65 -9.65 -41.99
C CYS C 242 -29.74 -10.56 -42.54
N SER C 243 -30.89 -9.96 -42.82
CA SER C 243 -32.02 -10.74 -43.30
C SER C 243 -31.88 -11.15 -44.76
N ASP C 244 -31.15 -10.38 -45.57
CA ASP C 244 -31.15 -10.57 -47.01
C ASP C 244 -30.53 -11.93 -47.39
N TRP C 245 -31.09 -12.50 -48.46
CA TRP C 245 -30.31 -13.40 -49.30
C TRP C 245 -29.20 -12.62 -49.98
N PHE C 246 -28.02 -13.24 -50.08
CA PHE C 246 -26.91 -12.59 -50.77
C PHE C 246 -26.96 -12.88 -52.27
N SER C 247 -26.73 -11.84 -53.07
CA SER C 247 -26.55 -12.02 -54.49
C SER C 247 -25.55 -10.99 -54.96
N PRO C 248 -24.54 -11.40 -55.73
CA PRO C 248 -23.56 -10.44 -56.25
C PRO C 248 -24.08 -9.49 -57.31
N THR C 249 -25.33 -9.60 -57.74
CA THR C 249 -25.89 -8.66 -58.70
C THR C 249 -27.08 -7.87 -58.18
N TYR C 250 -27.45 -8.04 -56.91
CA TYR C 250 -28.69 -7.42 -56.43
C TYR C 250 -28.64 -5.90 -56.55
N TYR C 251 -27.47 -5.28 -56.36
CA TYR C 251 -27.42 -3.82 -56.40
C TYR C 251 -27.88 -3.31 -57.75
N ALA C 252 -27.44 -3.93 -58.84
CA ALA C 252 -27.88 -3.51 -60.16
C ALA C 252 -29.38 -3.71 -60.35
N GLU C 253 -30.01 -4.57 -59.54
CA GLU C 253 -31.44 -4.87 -59.65
C GLU C 253 -32.27 -4.26 -58.52
N SER C 254 -31.71 -3.41 -57.66
CA SER C 254 -32.43 -3.16 -56.43
C SER C 254 -33.62 -2.23 -56.66
N PRO C 255 -34.74 -2.47 -55.97
CA PRO C 255 -35.78 -1.45 -55.89
C PRO C 255 -35.23 -0.23 -55.18
N THR C 256 -35.98 0.86 -55.25
CA THR C 256 -35.51 2.06 -54.56
C THR C 256 -35.89 2.06 -53.10
N VAL C 257 -37.01 1.46 -52.74
CA VAL C 257 -37.57 1.64 -51.41
C VAL C 257 -37.48 0.33 -50.64
N ASP C 258 -36.97 0.41 -49.42
CA ASP C 258 -36.89 -0.72 -48.49
C ASP C 258 -36.42 -2.00 -49.18
N PRO C 259 -35.29 -1.98 -49.92
CA PRO C 259 -34.83 -3.21 -50.58
C PRO C 259 -34.62 -4.32 -49.57
N HIS C 260 -35.12 -5.51 -49.90
CA HIS C 260 -35.09 -6.64 -48.98
C HIS C 260 -34.11 -7.73 -49.42
N GLY C 261 -33.43 -7.57 -50.57
CA GLY C 261 -32.64 -8.63 -51.15
C GLY C 261 -33.50 -9.57 -52.00
N PRO C 262 -32.88 -10.45 -52.79
CA PRO C 262 -33.65 -11.29 -53.72
C PRO C 262 -34.59 -12.25 -52.99
N GLY C 263 -35.57 -12.76 -53.74
CA GLY C 263 -36.53 -13.68 -53.15
C GLY C 263 -35.92 -14.98 -52.67
N THR C 264 -34.99 -15.54 -53.44
CA THR C 264 -34.34 -16.80 -53.06
C THR C 264 -32.82 -16.65 -53.12
N GLY C 265 -32.15 -17.62 -52.51
CA GLY C 265 -30.70 -17.59 -52.38
C GLY C 265 -30.19 -18.82 -51.68
N ALA C 266 -28.87 -18.88 -51.54
CA ALA C 266 -28.19 -19.96 -50.85
C ALA C 266 -27.40 -19.51 -49.63
N ALA C 267 -26.95 -18.26 -49.59
CA ALA C 267 -26.28 -17.71 -48.44
C ALA C 267 -26.99 -16.44 -48.01
N ARG C 268 -27.07 -16.23 -46.70
CA ARG C 268 -27.56 -14.96 -46.18
C ARG C 268 -26.39 -14.00 -46.03
N VAL C 269 -26.73 -12.70 -46.05
CA VAL C 269 -25.74 -11.62 -46.02
C VAL C 269 -25.11 -11.48 -44.64
N LEU C 270 -23.81 -11.13 -44.64
CA LEU C 270 -23.02 -10.79 -43.47
C LEU C 270 -22.38 -9.44 -43.71
N ARG C 271 -22.33 -8.58 -42.70
CA ARG C 271 -21.63 -7.32 -42.89
C ARG C 271 -20.70 -7.09 -41.70
N GLY C 272 -19.76 -6.17 -41.90
CA GLY C 272 -18.98 -5.67 -40.78
C GLY C 272 -17.51 -6.03 -40.75
N GLY C 273 -17.17 -7.27 -41.03
CA GLY C 273 -15.81 -7.70 -40.76
C GLY C 273 -15.67 -8.16 -39.33
N SER C 274 -14.50 -8.72 -39.03
CA SER C 274 -14.27 -9.38 -37.75
C SER C 274 -12.85 -9.08 -37.25
N TYR C 275 -12.55 -9.64 -36.10
CA TYR C 275 -11.22 -9.47 -35.52
C TYR C 275 -10.13 -10.20 -36.31
N LEU C 276 -10.48 -10.87 -37.41
CA LEU C 276 -9.49 -11.55 -38.23
C LEU C 276 -9.17 -10.82 -39.54
N CYS C 277 -9.92 -9.77 -39.89
CA CYS C 277 -9.66 -9.01 -41.11
C CYS C 277 -8.29 -8.35 -41.08
N HIS C 278 -7.60 -8.42 -42.21
CA HIS C 278 -6.35 -7.72 -42.42
C HIS C 278 -6.34 -7.30 -43.89
N ASP C 279 -5.70 -6.15 -44.17
CA ASP C 279 -5.69 -5.66 -45.54
C ASP C 279 -5.12 -6.68 -46.51
N SER C 280 -4.18 -7.52 -46.05
CA SER C 280 -3.49 -8.42 -46.97
C SER C 280 -4.44 -9.40 -47.64
N TYR C 281 -5.48 -9.87 -46.97
CA TYR C 281 -6.32 -10.87 -47.61
C TYR C 281 -7.80 -10.53 -47.64
N CYS C 282 -8.28 -9.70 -46.71
CA CYS C 282 -9.73 -9.45 -46.57
C CYS C 282 -9.96 -8.16 -45.80
N ASN C 283 -10.16 -7.06 -46.53
CA ASN C 283 -10.44 -5.76 -45.92
C ASN C 283 -11.94 -5.47 -45.86
N ARG C 284 -12.75 -6.43 -45.46
CA ARG C 284 -14.19 -6.21 -45.56
C ARG C 284 -14.78 -5.46 -44.37
N TYR C 285 -13.95 -4.68 -43.65
CA TYR C 285 -14.45 -3.75 -42.64
C TYR C 285 -14.90 -2.43 -43.25
N ARG C 286 -14.67 -2.20 -44.54
CA ARG C 286 -15.19 -0.99 -45.16
C ARG C 286 -16.71 -1.04 -45.15
N VAL C 287 -17.37 0.10 -44.85
CA VAL C 287 -18.83 0.08 -44.71
C VAL C 287 -19.48 -0.58 -45.90
N ALA C 288 -18.90 -0.41 -47.09
CA ALA C 288 -19.57 -0.89 -48.29
C ALA C 288 -19.35 -2.37 -48.56
N ALA C 289 -18.36 -2.99 -47.93
CA ALA C 289 -18.02 -4.38 -48.22
C ALA C 289 -19.13 -5.33 -47.79
N ARG C 290 -19.31 -6.40 -48.56
CA ARG C 290 -20.32 -7.40 -48.29
C ARG C 290 -19.69 -8.78 -48.23
N SER C 291 -20.34 -9.68 -47.50
CA SER C 291 -20.03 -11.10 -47.52
C SER C 291 -21.32 -11.87 -47.24
N SER C 292 -21.21 -13.18 -47.18
CA SER C 292 -22.37 -14.06 -47.09
C SER C 292 -21.96 -15.36 -46.41
N ASN C 293 -22.95 -16.18 -46.06
CA ASN C 293 -22.73 -17.50 -45.48
C ASN C 293 -24.03 -18.29 -45.52
N THR C 294 -23.91 -19.61 -45.71
CA THR C 294 -25.07 -20.48 -45.70
C THR C 294 -25.70 -20.42 -44.30
N PRO C 295 -27.03 -20.36 -44.19
CA PRO C 295 -27.65 -19.91 -42.92
C PRO C 295 -27.43 -20.80 -41.70
N ASP C 296 -27.06 -22.07 -41.86
CA ASP C 296 -26.76 -22.87 -40.68
C ASP C 296 -25.31 -22.73 -40.23
N SER C 297 -24.50 -21.92 -40.92
CA SER C 297 -23.09 -21.73 -40.57
C SER C 297 -22.92 -21.05 -39.22
N SER C 298 -21.81 -21.35 -38.56
CA SER C 298 -21.47 -20.71 -37.30
C SER C 298 -19.95 -20.75 -37.13
N SER C 299 -19.44 -19.79 -36.38
CA SER C 299 -18.00 -19.72 -36.16
C SER C 299 -17.75 -18.80 -34.99
N GLY C 300 -16.51 -18.82 -34.49
CA GLY C 300 -16.12 -17.95 -33.41
C GLY C 300 -16.03 -16.47 -33.70
N ASN C 301 -16.33 -15.99 -34.93
CA ASN C 301 -16.24 -14.55 -35.20
C ASN C 301 -17.50 -14.05 -35.89
N LEU C 302 -18.62 -14.70 -35.64
CA LEU C 302 -19.84 -14.46 -36.40
C LEU C 302 -20.98 -14.30 -35.42
N GLY C 303 -21.56 -13.11 -35.37
CA GLY C 303 -22.63 -12.76 -34.47
C GLY C 303 -23.74 -12.04 -35.22
N PHE C 304 -24.41 -11.11 -34.53
CA PHE C 304 -25.52 -10.34 -35.12
C PHE C 304 -25.95 -9.22 -34.19
N ARG C 305 -26.75 -8.30 -34.77
CA ARG C 305 -27.44 -7.25 -34.03
C ARG C 305 -28.86 -7.16 -34.60
N CYS C 306 -29.78 -6.64 -33.80
CA CYS C 306 -31.19 -6.65 -34.19
C CYS C 306 -31.66 -5.27 -34.63
N ALA C 307 -32.87 -5.24 -35.15
CA ALA C 307 -33.50 -4.04 -35.67
C ALA C 307 -34.99 -4.18 -35.42
N ASN C 308 -35.78 -3.23 -35.95
CA ASN C 308 -37.22 -3.22 -35.79
C ASN C 308 -37.81 -2.16 -36.71
N ASP C 309 -39.04 -2.41 -37.19
CA ASP C 309 -39.81 -1.39 -37.90
C ASP C 309 -40.10 -0.21 -36.95
N ALA C 310 -40.69 0.86 -37.48
CA ALA C 310 -41.05 2.00 -36.65
C ALA C 310 -42.56 2.11 -36.45
N ASP C 311 -42.96 3.03 -35.58
CA ASP C 311 -44.35 3.53 -35.42
C ASP C 311 -45.40 2.43 -35.21
N ALA D 22 31.71 -3.67 16.20
CA ALA D 22 30.37 -4.20 16.45
C ALA D 22 29.74 -3.61 17.73
N ALA D 23 30.43 -3.73 18.89
CA ALA D 23 29.88 -3.33 20.17
C ALA D 23 30.95 -2.72 21.07
N ARG D 24 30.50 -1.87 22.01
CA ARG D 24 31.37 -1.35 23.07
C ARG D 24 31.82 -2.49 24.01
N PRO D 25 32.99 -2.36 24.65
CA PRO D 25 33.41 -3.38 25.62
C PRO D 25 32.30 -3.62 26.64
N ARG D 26 31.93 -4.89 26.80
CA ARG D 26 30.83 -5.21 27.69
C ARG D 26 31.09 -4.65 29.09
N SER D 27 30.02 -4.17 29.74
CA SER D 27 30.03 -3.84 31.16
C SER D 27 28.98 -4.65 31.87
N THR D 28 29.36 -5.27 32.99
CA THR D 28 28.40 -5.93 33.89
C THR D 28 28.25 -5.15 35.19
N ARG D 29 28.68 -3.89 35.20
CA ARG D 29 28.50 -3.06 36.39
C ARG D 29 27.03 -3.05 36.81
N GLY D 30 26.79 -3.44 38.05
CA GLY D 30 25.43 -3.49 38.55
C GLY D 30 24.60 -4.65 38.08
N GLN D 31 25.21 -5.72 37.57
CA GLN D 31 24.49 -6.88 37.08
C GLN D 31 24.86 -8.13 37.88
N VAL D 32 23.87 -9.02 38.10
CA VAL D 32 24.08 -10.32 38.74
C VAL D 32 24.22 -11.35 37.63
N ARG D 33 25.15 -12.30 37.80
CA ARG D 33 25.31 -13.42 36.87
C ARG D 33 24.39 -14.55 37.31
N LEU D 34 23.45 -14.95 36.43
CA LEU D 34 22.52 -16.07 36.67
C LEU D 34 22.86 -17.23 35.74
N PRO D 35 22.89 -18.48 36.26
CA PRO D 35 23.39 -19.59 35.43
C PRO D 35 22.38 -20.04 34.38
N GLY D 36 21.10 -19.76 34.57
CA GLY D 36 20.11 -20.17 33.60
C GLY D 36 19.64 -21.59 33.87
N GLY D 37 19.58 -22.39 32.83
CA GLY D 37 18.99 -23.70 32.96
C GLY D 37 17.54 -23.71 32.54
N GLU D 38 16.83 -24.71 33.03
CA GLU D 38 15.45 -24.92 32.66
C GLU D 38 14.55 -24.28 33.68
N PHE D 39 13.40 -23.79 33.20
CA PHE D 39 12.34 -23.33 34.10
C PHE D 39 11.01 -23.42 33.37
N ALA D 40 9.94 -23.44 34.17
CA ALA D 40 8.58 -23.45 33.63
C ALA D 40 8.15 -22.01 33.38
N MET D 41 8.17 -21.59 32.11
CA MET D 41 7.74 -20.25 31.73
C MET D 41 6.26 -20.25 31.37
N GLY D 42 5.50 -19.33 31.97
CA GLY D 42 4.08 -19.25 31.73
C GLY D 42 3.30 -19.13 33.02
N ASP D 43 1.99 -19.00 32.87
CA ASP D 43 1.09 -18.72 33.98
C ASP D 43 0.73 -20.04 34.67
N ALA D 44 1.34 -20.29 35.84
CA ALA D 44 1.18 -21.59 36.52
C ALA D 44 -0.25 -21.86 36.96
N PHE D 45 -1.12 -20.85 36.97
CA PHE D 45 -2.42 -20.97 37.60
C PHE D 45 -3.59 -20.92 36.63
N GLY D 46 -3.36 -20.49 35.39
CA GLY D 46 -4.46 -20.33 34.45
C GLY D 46 -5.44 -19.24 34.85
N GLU D 47 -4.96 -18.17 35.47
CA GLU D 47 -5.77 -17.08 36.01
C GLU D 47 -5.58 -15.78 35.27
N GLY D 48 -4.72 -15.75 34.26
CA GLY D 48 -4.39 -14.53 33.57
C GLY D 48 -5.36 -14.23 32.46
N TYR D 49 -4.93 -13.34 31.58
CA TYR D 49 -5.81 -12.78 30.57
C TYR D 49 -5.68 -13.58 29.28
N PRO D 50 -6.75 -14.27 28.85
CA PRO D 50 -6.71 -15.02 27.59
C PRO D 50 -6.03 -14.34 26.42
N ALA D 51 -6.28 -13.04 26.24
CA ALA D 51 -5.76 -12.36 25.06
C ALA D 51 -4.24 -12.30 25.04
N ASP D 52 -3.60 -12.25 26.22
CA ASP D 52 -2.16 -12.06 26.34
C ASP D 52 -1.35 -13.34 26.10
N GLY D 53 -1.95 -14.52 26.20
CA GLY D 53 -1.23 -15.75 25.92
C GLY D 53 -0.17 -16.11 26.94
N GLU D 54 -0.54 -16.04 28.23
CA GLU D 54 0.29 -16.48 29.34
C GLU D 54 0.46 -17.99 29.39
N THR D 55 -0.28 -18.73 28.57
CA THR D 55 -0.25 -20.18 28.51
C THR D 55 -0.05 -20.56 27.06
N PRO D 56 0.43 -21.80 26.78
CA PRO D 56 0.82 -22.89 27.69
C PRO D 56 2.03 -22.59 28.55
N VAL D 57 1.99 -22.97 29.83
CA VAL D 57 3.23 -23.11 30.57
C VAL D 57 4.11 -24.05 29.76
N HIS D 58 5.31 -23.59 29.38
CA HIS D 58 6.21 -24.32 28.49
C HIS D 58 7.61 -24.32 29.09
N THR D 59 8.38 -25.39 28.84
CA THR D 59 9.73 -25.49 29.39
C THR D 59 10.73 -24.73 28.53
N VAL D 60 11.55 -23.91 29.17
CA VAL D 60 12.55 -23.10 28.49
C VAL D 60 13.91 -23.40 29.09
N ARG D 61 14.95 -23.45 28.25
CA ARG D 61 16.31 -23.56 28.72
C ARG D 61 17.07 -22.30 28.31
N LEU D 62 17.65 -21.62 29.30
CA LEU D 62 18.48 -20.44 29.08
C LEU D 62 19.94 -20.75 29.35
N ARG D 63 20.81 -20.22 28.49
CA ARG D 63 22.23 -20.17 28.78
C ARG D 63 22.45 -19.13 29.87
N PRO D 64 23.62 -19.16 30.55
CA PRO D 64 23.86 -18.15 31.60
C PRO D 64 23.85 -16.74 31.03
N PHE D 65 23.51 -15.76 31.89
CA PHE D 65 23.45 -14.36 31.47
C PHE D 65 23.57 -13.45 32.71
N HIS D 66 23.81 -12.16 32.45
CA HIS D 66 23.77 -11.11 33.47
C HIS D 66 22.51 -10.27 33.29
N ILE D 67 21.99 -9.73 34.41
CA ILE D 67 20.82 -8.85 34.38
C ILE D 67 20.95 -7.81 35.48
N ASP D 68 20.64 -6.53 35.14
CA ASP D 68 20.66 -5.41 36.09
C ASP D 68 19.90 -5.76 37.36
N GLU D 69 20.48 -5.43 38.52
CA GLU D 69 19.78 -5.72 39.77
C GLU D 69 18.68 -4.69 40.07
N THR D 70 18.71 -3.55 39.39
CA THR D 70 17.65 -2.55 39.49
C THR D 70 17.33 -2.03 38.09
N ALA D 71 16.16 -1.43 37.97
CA ALA D 71 15.87 -0.65 36.78
C ALA D 71 16.90 0.47 36.62
N VAL D 72 17.15 0.86 35.37
CA VAL D 72 18.03 1.98 35.11
C VAL D 72 17.48 3.22 35.83
N THR D 73 18.38 3.99 36.44
CA THR D 73 17.99 5.14 37.25
C THR D 73 18.03 6.43 36.42
N ASN D 74 17.40 7.47 36.97
CA ASN D 74 17.56 8.81 36.40
C ASN D 74 19.03 9.21 36.32
N ALA D 75 19.77 9.01 37.42
CA ALA D 75 21.19 9.40 37.46
C ALA D 75 21.96 8.75 36.31
N ARG D 76 21.76 7.44 36.10
CA ARG D 76 22.52 6.72 35.06
C ARG D 76 22.04 7.09 33.66
N PHE D 77 20.72 7.23 33.46
CA PHE D 77 20.25 7.63 32.14
C PHE D 77 20.74 9.04 31.79
N ALA D 78 20.86 9.92 32.79
CA ALA D 78 21.41 11.25 32.53
C ALA D 78 22.86 11.18 32.04
N ALA D 79 23.65 10.25 32.60
CA ALA D 79 25.02 10.05 32.10
C ALA D 79 25.03 9.64 30.63
N PHE D 80 24.15 8.71 30.24
CA PHE D 80 24.04 8.31 28.84
C PHE D 80 23.74 9.51 27.94
N VAL D 81 22.77 10.36 28.32
CA VAL D 81 22.37 11.49 27.47
C VAL D 81 23.50 12.51 27.38
N LYS D 82 24.20 12.75 28.50
CA LYS D 82 25.33 13.67 28.51
C LYS D 82 26.43 13.23 27.55
N ALA D 83 26.68 11.92 27.46
CA ALA D 83 27.73 11.41 26.58
C ALA D 83 27.33 11.37 25.10
N THR D 84 26.04 11.17 24.79
CA THR D 84 25.64 10.86 23.43
C THR D 84 24.79 11.94 22.77
N GLY D 85 24.17 12.83 23.55
CA GLY D 85 23.24 13.78 22.97
C GLY D 85 21.93 13.16 22.56
N HIS D 86 21.67 11.93 23.02
CA HIS D 86 20.48 11.18 22.63
C HIS D 86 19.22 12.00 22.90
N VAL D 87 18.34 12.08 21.91
CA VAL D 87 17.04 12.73 22.04
C VAL D 87 15.98 11.62 22.14
N THR D 88 15.32 11.52 23.30
CA THR D 88 14.30 10.50 23.51
C THR D 88 13.13 10.67 22.54
N ASP D 89 12.35 9.60 22.36
CA ASP D 89 11.19 9.67 21.48
C ASP D 89 10.16 10.66 22.01
N ALA D 90 9.97 10.70 23.33
CA ALA D 90 9.05 11.64 23.94
C ALA D 90 9.42 13.08 23.59
N GLU D 91 10.72 13.36 23.51
CA GLU D 91 11.14 14.69 23.12
C GLU D 91 10.90 14.93 21.63
N ARG D 92 11.31 13.99 20.80
CA ARG D 92 11.04 14.06 19.36
C ARG D 92 9.57 14.36 19.07
N PHE D 93 8.66 13.63 19.72
CA PHE D 93 7.23 13.75 19.45
C PHE D 93 6.66 15.03 20.04
N GLY D 94 7.16 15.46 21.19
CA GLY D 94 6.78 16.71 21.80
C GLY D 94 5.94 16.56 23.04
N SER D 95 5.35 15.39 23.29
CA SER D 95 4.57 15.15 24.49
C SER D 95 4.75 13.70 24.92
N SER D 96 4.31 13.41 26.13
CA SER D 96 4.27 12.05 26.64
C SER D 96 3.12 11.94 27.63
N ALA D 97 2.67 10.72 27.86
CA ALA D 97 1.49 10.47 28.68
C ALA D 97 1.82 10.54 30.18
N VAL D 98 1.09 11.39 30.92
CA VAL D 98 1.32 11.61 32.36
C VAL D 98 0.05 11.30 33.13
N PHE D 99 0.19 10.68 34.30
CA PHE D 99 -1.00 10.31 35.06
C PHE D 99 -1.71 11.55 35.61
N HIS D 100 -3.04 11.53 35.58
CA HIS D 100 -3.77 12.79 35.75
C HIS D 100 -3.56 13.39 37.13
N LEU D 101 -3.47 12.57 38.18
CA LEU D 101 -3.36 13.13 39.52
C LEU D 101 -2.01 13.80 39.80
N VAL D 102 -1.04 13.76 38.87
CA VAL D 102 0.30 14.27 39.16
C VAL D 102 0.76 15.30 38.13
N VAL D 103 -0.02 15.56 37.07
CA VAL D 103 0.35 16.61 36.12
C VAL D 103 0.78 17.87 36.84
N ALA D 104 1.94 18.41 36.44
CA ALA D 104 2.49 19.66 36.98
C ALA D 104 2.97 20.44 35.76
N ALA D 105 2.04 21.17 35.13
CA ALA D 105 2.31 21.78 33.83
C ALA D 105 1.35 22.94 33.61
N PRO D 106 1.78 23.96 32.86
CA PRO D 106 0.83 25.00 32.41
C PRO D 106 -0.34 24.38 31.68
N ASP D 107 -1.50 25.04 31.80
CA ASP D 107 -2.71 24.53 31.16
C ASP D 107 -2.57 24.53 29.65
N ALA D 108 -1.79 25.46 29.09
CA ALA D 108 -1.55 25.45 27.65
C ALA D 108 -0.84 24.17 27.22
N ASP D 109 -0.02 23.60 28.11
CA ASP D 109 0.77 22.40 27.80
C ASP D 109 -0.05 21.12 27.84
N VAL D 110 -1.21 21.13 28.50
CA VAL D 110 -2.09 19.97 28.56
C VAL D 110 -2.82 19.84 27.23
N LEU D 111 -2.63 18.71 26.54
CA LEU D 111 -3.26 18.51 25.24
C LEU D 111 -4.41 17.51 25.31
N GLY D 112 -4.95 17.27 26.51
CA GLY D 112 -6.13 16.45 26.71
C GLY D 112 -5.82 15.00 27.08
N SER D 113 -6.87 14.31 27.53
CA SER D 113 -6.78 12.89 27.82
C SER D 113 -6.54 12.07 26.54
N ALA D 114 -5.79 10.99 26.68
CA ALA D 114 -5.76 9.94 25.66
C ALA D 114 -7.02 9.11 25.85
N ALA D 115 -7.91 9.11 24.86
CA ALA D 115 -9.02 8.18 24.92
C ALA D 115 -8.46 6.74 24.92
N GLY D 116 -9.34 5.81 25.29
CA GLY D 116 -8.88 4.50 25.72
C GLY D 116 -8.74 4.52 27.23
N ALA D 117 -7.82 5.33 27.74
CA ALA D 117 -7.56 5.45 29.18
C ALA D 117 -7.52 6.92 29.57
N PRO D 118 -8.69 7.53 29.82
CA PRO D 118 -8.75 8.98 30.04
C PRO D 118 -8.02 9.47 31.30
N TRP D 119 -7.47 8.56 32.13
CA TRP D 119 -6.65 9.00 33.26
C TRP D 119 -5.22 9.29 32.85
N TRP D 120 -4.87 9.05 31.59
CA TRP D 120 -3.57 9.42 31.04
C TRP D 120 -3.70 10.72 30.27
N ILE D 121 -3.03 11.76 30.75
CA ILE D 121 -3.03 13.07 30.15
C ILE D 121 -1.80 13.21 29.25
N ASN D 122 -2.00 13.51 27.97
CA ASN D 122 -0.89 13.81 27.06
C ASN D 122 -0.40 15.24 27.34
N VAL D 123 0.79 15.36 27.93
CA VAL D 123 1.36 16.65 28.35
C VAL D 123 2.52 17.01 27.43
N ARG D 124 2.40 18.15 26.72
CA ARG D 124 3.52 18.68 25.96
C ARG D 124 4.68 19.01 26.90
N GLY D 125 5.89 18.61 26.48
CA GLY D 125 7.08 18.90 27.24
C GLY D 125 7.41 17.89 28.32
N ALA D 126 6.50 16.95 28.60
CA ALA D 126 6.78 15.90 29.57
C ALA D 126 7.73 14.89 28.95
N HIS D 127 8.86 14.66 29.62
CA HIS D 127 9.87 13.70 29.16
C HIS D 127 10.69 13.32 30.38
N TRP D 128 11.75 12.53 30.15
CA TRP D 128 12.43 11.88 31.27
C TRP D 128 12.96 12.88 32.31
N ARG D 129 13.42 14.07 31.87
CA ARG D 129 13.96 15.08 32.78
C ARG D 129 12.89 15.79 33.60
N ARG D 130 11.66 15.80 33.09
CA ARG D 130 10.55 16.55 33.69
C ARG D 130 9.33 15.65 33.63
N PRO D 131 9.28 14.63 34.48
CA PRO D 131 8.35 13.50 34.25
C PRO D 131 6.89 13.87 34.34
N GLU D 132 6.53 14.91 35.09
CA GLU D 132 5.13 15.29 35.24
C GLU D 132 4.76 16.53 34.43
N GLY D 133 5.65 17.01 33.57
CA GLY D 133 5.43 18.21 32.79
C GLY D 133 6.49 19.26 33.10
N ALA D 134 6.23 20.49 32.64
CA ALA D 134 7.26 21.52 32.68
C ALA D 134 7.53 22.06 34.08
N ARG D 135 6.61 21.89 35.03
CA ARG D 135 6.80 22.38 36.38
C ARG D 135 7.34 21.32 37.31
N SER D 136 8.04 20.33 36.78
CA SER D 136 8.67 19.29 37.59
C SER D 136 10.12 19.09 37.16
N ASP D 137 10.89 18.43 38.03
CA ASP D 137 12.23 18.02 37.66
C ASP D 137 12.54 16.69 38.34
N ILE D 138 13.77 16.21 38.16
CA ILE D 138 14.22 14.96 38.78
C ILE D 138 15.34 15.19 39.77
N THR D 139 15.57 16.43 40.21
CA THR D 139 16.71 16.75 41.07
C THR D 139 16.69 15.96 42.38
N GLY D 140 15.50 15.76 42.94
CA GLY D 140 15.35 14.96 44.14
C GLY D 140 14.99 13.51 43.92
N ARG D 141 15.12 13.01 42.68
CA ARG D 141 14.80 11.61 42.38
C ARG D 141 15.91 10.92 41.57
N PRO D 142 17.18 11.09 41.98
CA PRO D 142 18.27 10.53 41.17
C PRO D 142 18.32 9.00 41.22
N ASN D 143 17.69 8.36 42.21
CA ASN D 143 17.75 6.91 42.30
C ASN D 143 16.39 6.26 42.06
N HIS D 144 15.53 6.94 41.43
CA HIS D 144 14.24 6.51 40.91
C HIS D 144 14.42 5.98 39.49
N PRO D 145 13.59 5.04 39.04
CA PRO D 145 13.73 4.55 37.67
C PRO D 145 13.44 5.65 36.66
N VAL D 146 14.25 5.73 35.61
CA VAL D 146 13.96 6.69 34.54
C VAL D 146 12.70 6.26 33.81
N VAL D 147 11.84 7.24 33.46
CA VAL D 147 10.57 6.97 32.80
C VAL D 147 10.46 7.83 31.54
N HIS D 148 9.31 7.73 30.86
CA HIS D 148 9.12 8.34 29.54
C HIS D 148 10.21 7.90 28.56
N VAL D 149 10.71 6.67 28.69
CA VAL D 149 11.72 6.17 27.78
C VAL D 149 11.08 5.08 26.94
N SER D 150 11.20 5.19 25.61
CA SER D 150 10.63 4.22 24.68
C SER D 150 11.55 3.01 24.52
N TRP D 151 11.05 1.98 23.83
CA TRP D 151 11.90 0.83 23.49
C TRP D 151 13.14 1.27 22.72
N ASN D 152 13.01 2.31 21.88
CA ASN D 152 14.17 2.82 21.13
C ASN D 152 15.18 3.47 22.06
N ASP D 153 14.72 4.30 23.00
CA ASP D 153 15.64 4.86 23.98
C ASP D 153 16.26 3.79 24.86
N ALA D 154 15.48 2.75 25.20
CA ALA D 154 15.98 1.72 26.09
C ALA D 154 17.14 0.96 25.45
N THR D 155 16.92 0.46 24.22
CA THR D 155 17.99 -0.22 23.51
C THR D 155 19.18 0.71 23.23
N ALA D 156 18.94 2.01 23.03
CA ALA D 156 20.05 2.94 22.82
C ALA D 156 20.90 3.08 24.08
N TYR D 157 20.26 3.17 25.25
CA TYR D 157 21.04 3.28 26.48
C TYR D 157 21.89 2.03 26.69
N ALA D 158 21.33 0.86 26.38
CA ALA D 158 22.05 -0.39 26.66
C ALA D 158 23.29 -0.49 25.79
N ARG D 159 23.18 -0.14 24.50
CA ARG D 159 24.35 -0.15 23.62
C ARG D 159 25.45 0.78 24.11
N TRP D 160 25.10 2.00 24.54
CA TRP D 160 26.09 2.88 25.11
C TRP D 160 26.68 2.30 26.40
N ALA D 161 25.86 1.62 27.21
CA ALA D 161 26.31 1.12 28.51
C ALA D 161 27.14 -0.14 28.38
N GLY D 162 27.35 -0.65 27.18
CA GLY D 162 27.95 -1.95 26.97
C GLY D 162 27.03 -3.09 27.33
N LYS D 163 25.72 -2.92 27.20
CA LYS D 163 24.76 -3.91 27.65
C LYS D 163 23.74 -4.15 26.53
N ARG D 164 22.62 -4.78 26.90
CA ARG D 164 21.49 -5.07 26.00
C ARG D 164 20.27 -5.19 26.88
N LEU D 165 19.09 -5.35 26.26
CA LEU D 165 17.87 -5.66 26.98
C LEU D 165 17.75 -7.18 27.20
N PRO D 166 17.02 -7.60 28.22
CA PRO D 166 16.76 -9.03 28.37
C PRO D 166 15.67 -9.50 27.42
N THR D 167 15.74 -10.79 27.07
CA THR D 167 14.59 -11.42 26.44
C THR D 167 13.47 -11.56 27.46
N GLU D 168 12.25 -11.74 26.98
CA GLU D 168 11.16 -12.01 27.91
C GLU D 168 11.43 -13.27 28.72
N ALA D 169 11.93 -14.33 28.09
CA ALA D 169 12.23 -15.54 28.84
C ALA D 169 13.27 -15.28 29.93
N GLU D 170 14.34 -14.55 29.58
CA GLU D 170 15.33 -14.12 30.58
C GLU D 170 14.67 -13.30 31.69
N TRP D 171 13.80 -12.34 31.32
CA TRP D 171 13.17 -11.47 32.31
C TRP D 171 12.37 -12.29 33.31
N GLU D 172 11.53 -13.23 32.83
CA GLU D 172 10.68 -13.95 33.77
C GLU D 172 11.50 -14.93 34.61
N TYR D 173 12.51 -15.58 34.01
CA TYR D 173 13.37 -16.44 34.83
C TYR D 173 14.04 -15.62 35.91
N ALA D 174 14.58 -14.45 35.53
CA ALA D 174 15.23 -13.57 36.51
C ALA D 174 14.27 -13.19 37.62
N ALA D 175 12.99 -12.91 37.29
CA ALA D 175 12.07 -12.38 38.29
C ALA D 175 11.55 -13.47 39.22
N ARG D 176 11.36 -14.68 38.68
CA ARG D 176 10.95 -15.80 39.55
C ARG D 176 11.96 -16.07 40.65
N GLY D 177 13.19 -15.58 40.52
CA GLY D 177 14.11 -15.61 41.64
C GLY D 177 14.51 -17.00 42.13
N GLY D 178 14.39 -18.02 41.27
CA GLY D 178 14.77 -19.35 41.64
C GLY D 178 13.66 -20.21 42.20
N LEU D 179 12.49 -19.63 42.48
CA LEU D 179 11.34 -20.44 42.85
C LEU D 179 10.65 -20.93 41.58
N ALA D 180 9.83 -21.97 41.73
CA ALA D 180 9.20 -22.61 40.57
C ALA D 180 7.68 -22.45 40.65
N GLY D 181 7.08 -21.99 39.54
CA GLY D 181 5.64 -21.86 39.41
C GLY D 181 4.93 -21.04 40.47
N ARG D 182 5.59 -20.01 41.02
CA ARG D 182 4.89 -19.11 41.94
C ARG D 182 4.07 -18.07 41.18
N ARG D 183 3.19 -17.39 41.93
CA ARG D 183 2.37 -16.33 41.36
C ARG D 183 3.17 -15.05 41.16
N TYR D 184 3.92 -14.62 42.18
CA TYR D 184 4.77 -13.44 42.16
C TYR D 184 6.22 -13.82 42.45
N ALA D 185 7.12 -12.85 42.19
CA ALA D 185 8.56 -13.05 42.40
C ALA D 185 8.89 -13.70 43.74
N TRP D 186 8.10 -13.45 44.77
CA TRP D 186 8.41 -13.85 46.14
C TRP D 186 7.53 -14.97 46.68
N GLY D 187 6.63 -15.52 45.88
CA GLY D 187 5.76 -16.58 46.37
C GLY D 187 4.35 -16.44 45.83
N ASP D 188 3.36 -16.91 46.59
CA ASP D 188 1.99 -16.99 46.10
C ASP D 188 1.02 -15.98 46.71
N GLU D 189 1.38 -15.36 47.83
CA GLU D 189 0.55 -14.34 48.46
C GLU D 189 1.05 -12.96 48.05
N LEU D 190 0.11 -12.08 47.70
CA LEU D 190 0.48 -10.74 47.25
C LEU D 190 1.15 -9.95 48.36
N THR D 191 0.63 -10.05 49.58
CA THR D 191 1.19 -9.38 50.75
C THR D 191 1.40 -10.44 51.82
N PRO D 192 2.50 -11.19 51.75
CA PRO D 192 2.81 -12.13 52.83
C PRO D 192 2.93 -11.38 54.15
N GLY D 193 2.28 -11.92 55.17
CA GLY D 193 2.29 -11.35 56.50
C GLY D 193 1.60 -10.02 56.57
N GLY D 194 0.88 -9.66 55.50
CA GLY D 194 0.24 -8.37 55.42
C GLY D 194 1.19 -7.22 55.11
N ARG D 195 2.37 -7.49 54.59
CA ARG D 195 3.35 -6.46 54.24
C ARG D 195 3.53 -6.36 52.73
N TRP D 196 3.64 -5.14 52.22
CA TRP D 196 3.76 -4.92 50.79
C TRP D 196 5.19 -5.20 50.34
N ARG D 197 5.29 -5.87 49.19
CA ARG D 197 6.56 -6.23 48.58
C ARG D 197 6.82 -5.53 47.25
N CYS D 198 5.86 -4.72 46.78
CA CYS D 198 6.00 -4.05 45.50
C CYS D 198 5.17 -2.77 45.52
N ASN D 199 5.51 -1.87 44.61
CA ASN D 199 4.84 -0.57 44.50
C ASN D 199 3.78 -0.66 43.41
N ILE D 200 2.57 -1.04 43.78
CA ILE D 200 1.44 -0.93 42.87
C ILE D 200 0.44 0.11 43.40
N TRP D 201 -0.83 -0.08 43.08
CA TRP D 201 -1.88 0.83 43.48
C TRP D 201 -2.78 0.16 44.51
N GLN D 202 -3.11 0.89 45.57
CA GLN D 202 -4.18 0.51 46.49
C GLN D 202 -5.20 1.64 46.57
N GLY D 203 -6.48 1.27 46.67
CA GLY D 203 -7.52 2.27 46.72
C GLY D 203 -8.52 2.15 45.59
N ARG D 204 -9.26 3.22 45.36
CA ARG D 204 -10.27 3.20 44.30
C ARG D 204 -9.62 3.78 43.05
N PHE D 205 -9.09 2.89 42.21
CA PHE D 205 -8.51 3.32 40.93
C PHE D 205 -9.61 3.84 40.01
N PRO D 206 -9.39 4.99 39.33
CA PRO D 206 -8.15 5.75 39.28
C PRO D 206 -8.20 7.07 40.01
N HIS D 207 -8.92 7.16 41.13
CA HIS D 207 -9.12 8.46 41.76
C HIS D 207 -8.44 8.60 43.10
N VAL D 208 -8.40 7.53 43.91
CA VAL D 208 -7.87 7.58 45.26
C VAL D 208 -6.79 6.50 45.39
N ASN D 209 -5.56 6.93 45.65
CA ASN D 209 -4.44 6.03 45.91
C ASN D 209 -4.13 6.12 47.41
N THR D 210 -4.36 5.03 48.14
CA THR D 210 -4.15 5.07 49.59
C THR D 210 -2.68 5.11 49.99
N ALA D 211 -1.74 4.92 49.05
CA ALA D 211 -0.29 4.88 49.34
C ALA D 211 0.01 3.93 50.50
N GLU D 212 -0.68 2.80 50.52
CA GLU D 212 -0.53 1.81 51.58
C GLU D 212 0.79 1.07 51.48
N ASP D 213 1.24 0.78 50.26
CA ASP D 213 2.55 0.20 50.03
C ASP D 213 3.66 1.24 50.19
N GLY D 214 3.31 2.50 50.43
CA GLY D 214 4.29 3.50 50.75
C GLY D 214 4.59 4.50 49.66
N HIS D 215 4.00 4.36 48.47
CA HIS D 215 4.31 5.26 47.37
C HIS D 215 3.09 5.56 46.51
N LEU D 216 2.92 6.84 46.19
CA LEU D 216 1.94 7.24 45.18
C LEU D 216 2.50 7.00 43.78
N SER D 217 3.66 7.60 43.47
CA SER D 217 4.29 7.44 42.17
C SER D 217 5.41 6.39 42.21
N THR D 218 6.46 6.62 41.42
CA THR D 218 7.62 5.74 41.43
C THR D 218 8.32 5.79 42.79
N ALA D 219 8.91 4.66 43.17
CA ALA D 219 9.73 4.50 44.36
C ALA D 219 11.21 4.38 43.98
N PRO D 220 12.13 4.68 44.90
CA PRO D 220 13.55 4.39 44.64
C PRO D 220 13.75 2.96 44.16
N VAL D 221 14.68 2.77 43.21
CA VAL D 221 14.81 1.49 42.53
C VAL D 221 15.20 0.34 43.44
N LYS D 222 15.65 0.61 44.67
CA LYS D 222 15.99 -0.46 45.63
C LYS D 222 15.00 -0.56 46.79
N SER D 223 13.76 -0.13 46.58
CA SER D 223 12.71 -0.24 47.59
C SER D 223 12.27 -1.69 47.74
N TYR D 224 11.60 -1.98 48.85
CA TYR D 224 11.14 -3.33 49.23
C TYR D 224 12.37 -4.24 49.35
N ARG D 225 12.19 -5.54 49.17
CA ARG D 225 13.36 -6.41 49.30
C ARG D 225 13.56 -7.23 48.02
N PRO D 226 14.81 -7.56 47.69
CA PRO D 226 15.09 -8.28 46.44
C PRO D 226 14.47 -9.67 46.39
N ASN D 227 14.36 -10.21 45.19
CA ASN D 227 13.94 -11.59 45.04
C ASN D 227 15.14 -12.52 45.18
N GLY D 228 14.90 -13.82 45.02
CA GLY D 228 15.95 -14.82 45.23
C GLY D 228 17.15 -14.68 44.32
N HIS D 229 17.03 -13.96 43.21
CA HIS D 229 18.16 -13.72 42.32
C HIS D 229 18.80 -12.36 42.54
N GLY D 230 18.51 -11.69 43.66
CA GLY D 230 19.07 -10.38 43.92
C GLY D 230 18.47 -9.22 43.15
N LEU D 231 17.28 -9.39 42.55
CA LEU D 231 16.68 -8.34 41.72
C LEU D 231 15.65 -7.57 42.52
N TRP D 232 15.66 -6.25 42.39
CA TRP D 232 14.72 -5.37 43.09
C TRP D 232 13.62 -4.90 42.16
N ASN D 233 12.36 -4.99 42.63
CA ASN D 233 11.23 -4.32 41.99
C ASN D 233 10.98 -4.79 40.57
N THR D 234 11.09 -6.11 40.36
CA THR D 234 10.67 -6.70 39.09
C THR D 234 9.15 -6.67 38.96
N ALA D 235 8.43 -6.71 40.07
CA ALA D 235 6.98 -6.54 40.10
C ALA D 235 6.66 -5.13 40.62
N GLY D 236 5.95 -4.35 39.83
CA GLY D 236 5.57 -3.04 40.27
C GLY D 236 6.61 -1.98 39.96
N ASN D 237 6.30 -0.78 40.47
CA ASN D 237 7.07 0.44 40.24
C ASN D 237 6.95 0.91 38.80
N VAL D 238 7.72 0.36 37.85
CA VAL D 238 7.60 0.75 36.46
C VAL D 238 7.66 -0.47 35.55
N TRP D 239 6.88 -0.42 34.47
CA TRP D 239 6.99 -1.38 33.38
C TRP D 239 8.40 -1.40 32.84
N GLU D 240 8.82 -2.55 32.31
CA GLU D 240 10.20 -2.74 31.90
C GLU D 240 10.26 -3.36 30.51
N TRP D 241 10.88 -2.66 29.56
CA TRP D 241 10.98 -3.13 28.18
C TRP D 241 11.81 -4.42 28.09
N CYS D 242 11.38 -5.35 27.22
CA CYS D 242 12.24 -6.47 26.83
C CYS D 242 12.51 -6.40 25.33
N SER D 243 13.41 -7.29 24.85
CA SER D 243 13.84 -7.27 23.46
C SER D 243 12.83 -7.92 22.53
N ASP D 244 11.98 -8.79 23.06
CA ASP D 244 11.09 -9.61 22.23
C ASP D 244 10.01 -8.77 21.54
N TRP D 245 9.73 -9.11 20.28
CA TRP D 245 8.44 -8.81 19.71
C TRP D 245 7.37 -9.55 20.50
N PHE D 246 6.20 -8.93 20.63
CA PHE D 246 5.09 -9.58 21.35
C PHE D 246 4.21 -10.38 20.39
N SER D 247 3.89 -11.62 20.77
CA SER D 247 2.78 -12.36 20.16
C SER D 247 2.07 -13.19 21.23
N PRO D 248 0.75 -13.24 21.20
CA PRO D 248 0.02 -14.07 22.18
C PRO D 248 -0.05 -15.54 21.80
N THR D 249 0.54 -15.92 20.67
CA THR D 249 0.65 -17.32 20.30
C THR D 249 2.06 -17.86 20.43
N TYR D 250 3.03 -17.03 20.84
CA TYR D 250 4.43 -17.45 20.78
C TYR D 250 4.72 -18.62 21.72
N TYR D 251 4.15 -18.60 22.94
CA TYR D 251 4.44 -19.66 23.89
C TYR D 251 4.18 -21.04 23.30
N ALA D 252 3.12 -21.17 22.51
CA ALA D 252 2.82 -22.46 21.92
C ALA D 252 3.77 -22.79 20.78
N GLU D 253 4.47 -21.80 20.22
CA GLU D 253 5.43 -21.99 19.13
C GLU D 253 6.90 -21.87 19.57
N SER D 254 7.19 -21.69 20.85
CA SER D 254 8.51 -21.27 21.28
C SER D 254 9.54 -22.37 21.04
N PRO D 255 10.75 -22.02 20.61
CA PRO D 255 11.86 -22.98 20.71
C PRO D 255 12.17 -23.28 22.17
N THR D 256 12.90 -24.38 22.39
CA THR D 256 13.18 -24.73 23.78
C THR D 256 14.30 -23.88 24.38
N VAL D 257 15.30 -23.53 23.57
CA VAL D 257 16.52 -22.92 24.05
C VAL D 257 16.56 -21.46 23.61
N ASP D 258 16.78 -20.58 24.57
CA ASP D 258 17.07 -19.17 24.30
C ASP D 258 16.01 -18.55 23.37
N PRO D 259 14.73 -18.66 23.69
CA PRO D 259 13.69 -18.07 22.83
C PRO D 259 13.88 -16.58 22.76
N HIS D 260 13.84 -16.02 21.55
CA HIS D 260 14.00 -14.58 21.33
C HIS D 260 12.69 -13.86 21.02
N GLY D 261 11.57 -14.57 20.92
CA GLY D 261 10.35 -14.01 20.39
C GLY D 261 10.27 -14.22 18.89
N PRO D 262 9.10 -13.95 18.30
CA PRO D 262 8.99 -14.09 16.84
C PRO D 262 9.80 -13.01 16.14
N GLY D 263 10.12 -13.26 14.87
CA GLY D 263 11.03 -12.40 14.15
C GLY D 263 10.44 -11.07 13.71
N THR D 264 9.12 -10.95 13.67
CA THR D 264 8.43 -9.68 13.41
C THR D 264 7.32 -9.47 14.41
N GLY D 265 6.82 -8.25 14.46
CA GLY D 265 5.76 -7.90 15.38
C GLY D 265 5.37 -6.45 15.18
N ALA D 266 4.45 -6.00 16.03
CA ALA D 266 4.05 -4.59 16.05
C ALA D 266 4.34 -3.92 17.38
N ALA D 267 4.24 -4.64 18.49
CA ALA D 267 4.60 -4.15 19.81
C ALA D 267 5.70 -5.01 20.43
N ARG D 268 6.66 -4.36 21.12
CA ARG D 268 7.66 -5.05 21.92
C ARG D 268 7.10 -5.37 23.30
N VAL D 269 7.69 -6.40 23.92
CA VAL D 269 7.20 -6.90 25.18
C VAL D 269 7.51 -5.93 26.32
N LEU D 270 6.59 -5.89 27.30
CA LEU D 270 6.77 -5.20 28.57
C LEU D 270 6.42 -6.18 29.66
N ARG D 271 7.07 -6.05 30.82
CA ARG D 271 6.73 -6.94 31.92
C ARG D 271 6.81 -6.17 33.22
N GLY D 272 6.06 -6.62 34.21
CA GLY D 272 6.31 -6.27 35.60
C GLY D 272 5.18 -5.49 36.25
N GLY D 273 4.50 -4.64 35.48
CA GLY D 273 3.51 -3.77 36.05
C GLY D 273 4.16 -2.55 36.64
N SER D 274 3.31 -1.64 37.13
CA SER D 274 3.71 -0.30 37.53
C SER D 274 3.02 0.06 38.84
N TYR D 275 3.22 1.30 39.27
CA TYR D 275 2.52 1.81 40.45
C TYR D 275 1.06 2.08 40.18
N LEU D 276 0.59 1.92 38.94
CA LEU D 276 -0.81 2.11 38.59
C LEU D 276 -1.60 0.82 38.55
N CYS D 277 -0.95 -0.32 38.80
CA CYS D 277 -1.60 -1.62 38.66
C CYS D 277 -2.57 -1.84 39.80
N HIS D 278 -3.70 -2.48 39.48
CA HIS D 278 -4.70 -2.81 40.48
C HIS D 278 -5.53 -3.98 39.95
N ASP D 279 -5.92 -4.87 40.88
CA ASP D 279 -6.63 -6.09 40.52
C ASP D 279 -7.94 -5.82 39.77
N SER D 280 -8.53 -4.64 39.94
CA SER D 280 -9.80 -4.36 39.29
C SER D 280 -9.68 -4.31 37.77
N TYR D 281 -8.57 -3.84 37.22
CA TYR D 281 -8.45 -3.78 35.77
C TYR D 281 -7.19 -4.40 35.17
N CYS D 282 -6.06 -4.43 35.92
CA CYS D 282 -4.78 -4.90 35.37
C CYS D 282 -3.88 -5.41 36.50
N ASN D 283 -3.91 -6.73 36.75
CA ASN D 283 -3.06 -7.38 37.77
C ASN D 283 -1.76 -7.95 37.18
N ARG D 284 -1.10 -7.23 36.29
CA ARG D 284 0.03 -7.78 35.56
C ARG D 284 1.35 -7.63 36.32
N TYR D 285 1.32 -7.38 37.63
CA TYR D 285 2.47 -7.55 38.50
C TYR D 285 2.71 -9.03 38.80
N ARG D 286 1.77 -9.90 38.45
CA ARG D 286 2.02 -11.33 38.50
C ARG D 286 3.23 -11.66 37.64
N VAL D 287 4.12 -12.52 38.17
CA VAL D 287 5.39 -12.74 37.48
C VAL D 287 5.17 -13.26 36.08
N ALA D 288 4.08 -14.01 35.87
CA ALA D 288 3.81 -14.60 34.56
C ALA D 288 3.12 -13.65 33.58
N ALA D 289 2.75 -12.44 34.01
CA ALA D 289 1.87 -11.62 33.19
C ALA D 289 2.65 -10.92 32.09
N ARG D 290 2.03 -10.82 30.92
CA ARG D 290 2.64 -10.18 29.77
C ARG D 290 1.87 -8.91 29.37
N SER D 291 2.57 -8.03 28.68
CA SER D 291 1.98 -6.87 28.04
C SER D 291 2.93 -6.42 26.93
N SER D 292 2.52 -5.39 26.20
CA SER D 292 3.32 -4.96 25.05
C SER D 292 3.02 -3.50 24.74
N ASN D 293 3.83 -2.93 23.85
CA ASN D 293 3.61 -1.56 23.38
C ASN D 293 4.44 -1.29 22.13
N THR D 294 3.98 -0.34 21.33
CA THR D 294 4.73 0.06 20.14
C THR D 294 6.10 0.60 20.57
N PRO D 295 7.15 0.40 19.77
CA PRO D 295 8.49 0.70 20.28
C PRO D 295 8.76 2.19 20.50
N ASP D 296 8.01 3.09 19.88
CA ASP D 296 8.31 4.50 20.09
C ASP D 296 7.46 5.13 21.19
N SER D 297 6.51 4.41 21.77
CA SER D 297 5.64 5.04 22.76
C SER D 297 6.33 5.16 24.12
N SER D 298 5.81 6.07 24.94
CA SER D 298 6.41 6.44 26.22
C SER D 298 5.33 6.87 27.20
N SER D 299 5.69 6.86 28.47
CA SER D 299 4.73 7.11 29.52
C SER D 299 5.48 7.21 30.84
N GLY D 300 4.81 7.81 31.83
CA GLY D 300 5.38 8.06 33.14
C GLY D 300 5.44 6.88 34.07
N ASN D 301 5.01 5.68 33.64
CA ASN D 301 5.09 4.47 34.46
C ASN D 301 5.85 3.35 33.72
N LEU D 302 6.77 3.73 32.83
CA LEU D 302 7.36 2.80 31.87
C LEU D 302 8.84 3.11 31.78
N GLY D 303 9.67 2.14 32.23
CA GLY D 303 11.12 2.22 32.33
C GLY D 303 11.75 1.00 31.67
N PHE D 304 12.94 0.61 32.15
CA PHE D 304 13.59 -0.61 31.69
C PHE D 304 14.76 -0.98 32.59
N ARG D 305 15.23 -2.21 32.43
CA ARG D 305 16.50 -2.64 33.00
C ARG D 305 17.26 -3.42 31.93
N CYS D 306 18.58 -3.49 32.09
CA CYS D 306 19.47 -4.07 31.11
C CYS D 306 19.91 -5.49 31.51
N ALA D 307 20.65 -6.12 30.60
CA ALA D 307 21.05 -7.52 30.70
C ALA D 307 22.29 -7.69 29.84
N ASN D 308 22.88 -8.89 29.86
CA ASN D 308 24.09 -9.13 29.10
C ASN D 308 24.27 -10.62 28.94
N ASP D 309 24.89 -11.01 27.81
CA ASP D 309 25.40 -12.37 27.68
C ASP D 309 26.42 -12.67 28.77
N ALA D 310 26.56 -13.94 29.12
CA ALA D 310 27.58 -14.39 30.05
C ALA D 310 28.44 -15.43 29.36
N ASP D 311 29.51 -15.84 30.04
CA ASP D 311 30.34 -16.98 29.61
C ASP D 311 30.06 -18.16 30.53
N LEU D 312 30.02 -19.37 29.94
CA LEU D 312 29.68 -20.56 30.72
C LEU D 312 30.76 -20.93 31.74
N THR D 313 32.04 -20.91 31.34
CA THR D 313 33.12 -21.41 32.21
C THR D 313 34.08 -20.30 32.67
N SER D 314 35.33 -20.70 32.96
CA SER D 314 36.37 -19.89 33.57
C SER D 314 36.74 -18.67 32.72
N PRO E 25 -21.97 17.98 -4.40
CA PRO E 25 -23.41 18.27 -4.49
C PRO E 25 -24.18 18.12 -3.15
N ARG E 26 -24.65 19.22 -2.57
CA ARG E 26 -25.17 19.25 -1.19
C ARG E 26 -26.41 18.37 -1.00
N SER E 27 -26.44 17.62 0.13
CA SER E 27 -27.59 16.77 0.50
C SER E 27 -27.97 16.94 1.96
N THR E 28 -29.28 16.93 2.23
CA THR E 28 -29.83 17.04 3.58
C THR E 28 -30.67 15.83 3.93
N ARG E 29 -30.53 14.72 3.20
CA ARG E 29 -31.30 13.51 3.50
C ARG E 29 -31.04 13.08 4.95
N GLY E 30 -32.12 12.81 5.68
CA GLY E 30 -31.99 12.35 7.05
C GLY E 30 -31.41 13.33 8.04
N GLN E 31 -31.44 14.62 7.74
CA GLN E 31 -31.01 15.66 8.66
C GLN E 31 -32.20 16.52 9.08
N VAL E 32 -32.12 17.08 10.28
CA VAL E 32 -33.10 18.03 10.75
C VAL E 32 -32.45 19.39 10.68
N ARG E 33 -33.27 20.43 10.46
CA ARG E 33 -32.80 21.79 10.35
C ARG E 33 -33.00 22.48 11.70
N LEU E 34 -31.93 22.98 12.26
CA LEU E 34 -32.05 23.72 13.49
C LEU E 34 -31.72 25.19 13.23
N PRO E 35 -32.48 26.12 13.80
CA PRO E 35 -32.33 27.53 13.41
C PRO E 35 -31.09 28.16 14.00
N GLY E 36 -30.51 27.55 15.03
CA GLY E 36 -29.36 28.13 15.67
C GLY E 36 -29.72 28.97 16.87
N GLY E 37 -29.07 30.11 17.01
CA GLY E 37 -29.32 30.96 18.14
C GLY E 37 -28.28 30.83 19.22
N GLU E 38 -28.67 31.24 20.41
CA GLU E 38 -27.77 31.27 21.55
C GLU E 38 -28.01 30.07 22.43
N PHE E 39 -26.92 29.49 22.95
CA PHE E 39 -27.03 28.51 24.01
C PHE E 39 -25.81 28.61 24.91
N ALA E 40 -25.96 28.05 26.11
CA ALA E 40 -24.89 28.05 27.10
C ALA E 40 -24.11 26.73 26.95
N MET E 41 -22.96 26.79 26.30
CA MET E 41 -22.16 25.59 26.03
C MET E 41 -21.20 25.36 27.17
N GLY E 42 -21.13 24.13 27.67
CA GLY E 42 -20.17 23.78 28.70
C GLY E 42 -20.82 22.99 29.82
N ASP E 43 -20.00 22.67 30.82
CA ASP E 43 -20.45 21.81 31.92
C ASP E 43 -21.15 22.67 32.95
N ALA E 44 -22.49 22.61 32.96
CA ALA E 44 -23.28 23.47 33.84
C ALA E 44 -23.07 23.18 35.31
N PHE E 45 -22.43 22.06 35.67
CA PHE E 45 -22.36 21.63 37.06
C PHE E 45 -20.98 21.75 37.68
N GLY E 46 -19.95 22.09 36.90
CA GLY E 46 -18.58 22.06 37.40
C GLY E 46 -18.23 20.71 37.99
N GLU E 47 -18.61 19.63 37.30
CA GLU E 47 -18.48 18.26 37.81
C GLU E 47 -17.61 17.38 36.92
N GLY E 48 -17.11 17.89 35.78
CA GLY E 48 -16.42 17.07 34.81
C GLY E 48 -14.96 16.84 35.13
N TYR E 49 -14.16 16.71 34.08
CA TYR E 49 -12.75 16.39 34.20
C TYR E 49 -11.91 17.61 33.86
N PRO E 50 -11.14 18.12 34.82
CA PRO E 50 -10.36 19.34 34.61
C PRO E 50 -9.49 19.35 33.37
N ALA E 51 -8.79 18.25 33.08
CA ALA E 51 -7.93 18.26 31.90
C ALA E 51 -8.72 18.29 30.59
N ASP E 52 -10.03 18.11 30.62
CA ASP E 52 -10.80 18.12 29.38
C ASP E 52 -11.36 19.51 29.04
N GLY E 53 -11.28 20.47 29.96
CA GLY E 53 -11.71 21.83 29.68
C GLY E 53 -13.18 21.93 29.28
N GLU E 54 -14.06 21.40 30.13
CA GLU E 54 -15.49 21.52 29.90
C GLU E 54 -16.03 22.88 30.34
N THR E 55 -15.24 23.62 31.12
CA THR E 55 -15.55 24.96 31.59
C THR E 55 -14.49 25.92 31.06
N PRO E 56 -14.82 27.23 30.94
CA PRO E 56 -16.04 27.94 31.40
C PRO E 56 -17.29 27.70 30.55
N VAL E 57 -18.45 27.55 31.20
CA VAL E 57 -19.69 27.67 30.45
C VAL E 57 -19.67 29.04 29.77
N HIS E 58 -19.91 29.05 28.47
CA HIS E 58 -19.77 30.26 27.69
C HIS E 58 -20.91 30.32 26.69
N THR E 59 -21.43 31.52 26.45
CA THR E 59 -22.50 31.71 25.50
C THR E 59 -21.99 31.62 24.04
N VAL E 60 -22.68 30.85 23.21
CA VAL E 60 -22.30 30.62 21.83
C VAL E 60 -23.50 30.93 20.96
N ARG E 61 -23.26 31.57 19.81
CA ARG E 61 -24.32 31.86 18.86
C ARG E 61 -24.02 31.10 17.58
N LEU E 62 -24.97 30.30 17.14
CA LEU E 62 -24.83 29.48 15.94
C LEU E 62 -25.82 29.93 14.86
N ARG E 63 -25.31 30.00 13.63
CA ARG E 63 -26.16 30.21 12.47
C ARG E 63 -26.98 28.94 12.25
N PRO E 64 -28.03 29.00 11.42
CA PRO E 64 -28.81 27.78 11.17
C PRO E 64 -27.94 26.72 10.50
N PHE E 65 -28.29 25.46 10.74
CA PHE E 65 -27.55 24.33 10.19
C PHE E 65 -28.42 23.09 10.24
N HIS E 66 -27.97 22.06 9.54
CA HIS E 66 -28.61 20.76 9.55
C HIS E 66 -27.69 19.77 10.29
N ILE E 67 -28.28 18.76 10.90
CA ILE E 67 -27.51 17.72 11.57
C ILE E 67 -28.29 16.41 11.46
N ASP E 68 -27.55 15.32 11.18
CA ASP E 68 -28.10 13.98 11.02
C ASP E 68 -28.97 13.61 12.22
N GLU E 69 -30.08 12.93 11.99
CA GLU E 69 -30.85 12.53 13.15
C GLU E 69 -30.30 11.28 13.82
N THR E 70 -29.48 10.48 13.11
CA THR E 70 -28.82 9.30 13.66
C THR E 70 -27.35 9.32 13.30
N ALA E 71 -26.56 8.55 14.04
CA ALA E 71 -25.21 8.24 13.62
C ALA E 71 -25.22 7.60 12.22
N VAL E 72 -24.13 7.76 11.47
CA VAL E 72 -24.06 7.12 10.15
C VAL E 72 -24.13 5.61 10.33
N THR E 73 -24.91 4.94 9.49
CA THR E 73 -25.16 3.52 9.65
C THR E 73 -24.25 2.70 8.72
N ASN E 74 -24.19 1.38 8.99
CA ASN E 74 -23.45 0.49 8.10
C ASN E 74 -24.03 0.53 6.69
N ALA E 75 -25.36 0.46 6.56
CA ALA E 75 -25.96 0.46 5.23
C ALA E 75 -25.52 1.67 4.42
N ARG E 76 -25.51 2.85 5.04
CA ARG E 76 -25.17 4.05 4.28
C ARG E 76 -23.66 4.17 4.08
N PHE E 77 -22.85 3.68 5.03
CA PHE E 77 -21.41 3.70 4.80
C PHE E 77 -21.01 2.68 3.73
N ALA E 78 -21.65 1.50 3.75
CA ALA E 78 -21.50 0.54 2.66
C ALA E 78 -21.70 1.21 1.30
N ALA E 79 -22.80 1.96 1.16
CA ALA E 79 -23.10 2.63 -0.10
C ALA E 79 -21.95 3.52 -0.55
N PHE E 80 -21.34 4.25 0.40
CA PHE E 80 -20.23 5.14 0.10
C PHE E 80 -19.01 4.37 -0.39
N VAL E 81 -18.70 3.22 0.24
CA VAL E 81 -17.55 2.44 -0.21
C VAL E 81 -17.85 1.79 -1.55
N LYS E 82 -19.07 1.30 -1.74
CA LYS E 82 -19.41 0.68 -3.02
C LYS E 82 -19.27 1.66 -4.17
N ALA E 83 -19.55 2.93 -3.93
CA ALA E 83 -19.50 3.95 -4.98
C ALA E 83 -18.11 4.54 -5.17
N THR E 84 -17.23 4.47 -4.18
CA THR E 84 -15.95 5.17 -4.25
C THR E 84 -14.72 4.27 -4.11
N GLY E 85 -14.88 3.02 -3.68
CA GLY E 85 -13.73 2.19 -3.38
C GLY E 85 -12.87 2.76 -2.26
N HIS E 86 -13.48 3.52 -1.34
CA HIS E 86 -12.72 4.08 -0.23
C HIS E 86 -12.13 2.96 0.61
N VAL E 87 -10.91 3.18 1.08
CA VAL E 87 -10.20 2.21 1.91
C VAL E 87 -9.95 2.88 3.25
N THR E 88 -10.60 2.38 4.29
CA THR E 88 -10.53 3.01 5.60
C THR E 88 -9.11 2.99 6.14
N ASP E 89 -8.83 3.92 7.05
CA ASP E 89 -7.52 3.93 7.70
C ASP E 89 -7.23 2.61 8.39
N ALA E 90 -8.28 1.90 8.80
CA ALA E 90 -8.12 0.66 9.54
C ALA E 90 -7.68 -0.48 8.62
N GLU E 91 -8.31 -0.60 7.44
CA GLU E 91 -7.85 -1.56 6.45
C GLU E 91 -6.42 -1.26 6.01
N ARG E 92 -6.05 0.02 5.92
CA ARG E 92 -4.67 0.36 5.57
C ARG E 92 -3.70 -0.08 6.66
N PHE E 93 -4.02 0.23 7.92
CA PHE E 93 -3.13 -0.10 9.03
C PHE E 93 -3.09 -1.60 9.31
N GLY E 94 -4.10 -2.35 8.89
CA GLY E 94 -4.13 -3.78 9.05
C GLY E 94 -4.86 -4.28 10.29
N SER E 95 -4.95 -3.46 11.35
CA SER E 95 -5.69 -3.83 12.54
C SER E 95 -6.53 -2.66 13.04
N SER E 96 -7.44 -2.96 13.97
CA SER E 96 -8.14 -1.93 14.73
C SER E 96 -8.51 -2.49 16.09
N ALA E 97 -8.87 -1.58 17.01
CA ALA E 97 -9.09 -1.98 18.39
C ALA E 97 -10.47 -2.60 18.57
N VAL E 98 -10.50 -3.77 19.18
CA VAL E 98 -11.75 -4.46 19.47
C VAL E 98 -11.84 -4.69 20.98
N PHE E 99 -13.04 -4.58 21.53
CA PHE E 99 -13.20 -4.78 22.98
C PHE E 99 -13.12 -6.26 23.28
N HIS E 100 -12.41 -6.61 24.37
CA HIS E 100 -11.95 -8.00 24.51
C HIS E 100 -13.13 -8.97 24.58
N LEU E 101 -14.19 -8.63 25.32
CA LEU E 101 -15.33 -9.52 25.45
C LEU E 101 -15.97 -9.90 24.12
N VAL E 102 -15.69 -9.20 23.02
CA VAL E 102 -16.42 -9.42 21.77
C VAL E 102 -15.50 -9.81 20.63
N VAL E 103 -14.19 -9.92 20.87
CA VAL E 103 -13.26 -10.35 19.83
C VAL E 103 -13.76 -11.64 19.21
N ALA E 104 -13.74 -11.68 17.89
CA ALA E 104 -14.15 -12.86 17.12
C ALA E 104 -13.14 -13.01 15.99
N ALA E 105 -12.08 -13.76 16.24
CA ALA E 105 -10.97 -13.85 15.31
C ALA E 105 -10.13 -15.08 15.68
N PRO E 106 -9.36 -15.63 14.73
CA PRO E 106 -8.37 -16.64 15.08
C PRO E 106 -7.30 -16.04 15.99
N ASP E 107 -6.62 -16.91 16.73
CA ASP E 107 -5.63 -16.43 17.70
C ASP E 107 -4.46 -15.75 17.01
N ALA E 108 -4.18 -16.17 15.77
CA ALA E 108 -3.18 -15.56 14.91
C ALA E 108 -3.46 -14.08 14.65
N ASP E 109 -4.72 -13.65 14.75
CA ASP E 109 -5.07 -12.29 14.39
C ASP E 109 -4.98 -11.33 15.57
N VAL E 110 -4.77 -11.83 16.78
CA VAL E 110 -4.67 -10.98 17.98
C VAL E 110 -3.24 -10.45 18.09
N LEU E 111 -3.04 -9.16 17.92
CA LEU E 111 -1.68 -8.63 17.94
C LEU E 111 -1.27 -8.14 19.32
N GLY E 112 -2.03 -8.47 20.35
CA GLY E 112 -1.79 -7.93 21.67
C GLY E 112 -2.77 -6.81 22.03
N SER E 113 -2.68 -6.42 23.30
CA SER E 113 -3.55 -5.43 23.88
C SER E 113 -2.94 -4.05 23.75
N ALA E 114 -3.81 -3.05 23.59
CA ALA E 114 -3.38 -1.66 23.66
C ALA E 114 -2.83 -1.36 25.05
N ALA E 115 -1.59 -0.88 25.11
CA ALA E 115 -1.01 -0.56 26.41
C ALA E 115 -1.64 0.72 26.95
N GLY E 116 -1.83 0.74 28.28
CA GLY E 116 -2.61 1.74 28.96
C GLY E 116 -4.04 1.33 29.18
N ALA E 117 -4.59 0.52 28.28
CA ALA E 117 -5.99 0.07 28.36
C ALA E 117 -6.07 -1.33 27.79
N PRO E 118 -5.71 -2.34 28.59
CA PRO E 118 -5.60 -3.70 28.07
C PRO E 118 -6.93 -4.35 27.67
N TRP E 119 -8.08 -3.75 28.02
CA TRP E 119 -9.35 -4.31 27.54
C TRP E 119 -9.57 -4.09 26.05
N TRP E 120 -8.72 -3.30 25.40
CA TRP E 120 -8.79 -3.09 23.96
C TRP E 120 -7.77 -3.99 23.29
N ILE E 121 -8.24 -4.91 22.46
CA ILE E 121 -7.39 -5.86 21.75
C ILE E 121 -7.20 -5.37 20.33
N ASN E 122 -5.93 -5.23 19.89
CA ASN E 122 -5.68 -4.95 18.47
C ASN E 122 -5.86 -6.24 17.71
N VAL E 123 -6.70 -6.22 16.68
CA VAL E 123 -7.09 -7.42 15.97
C VAL E 123 -6.80 -7.17 14.50
N ARG E 124 -5.99 -8.03 13.89
CA ARG E 124 -5.74 -7.92 12.47
C ARG E 124 -7.02 -8.16 11.69
N GLY E 125 -7.25 -7.37 10.64
CA GLY E 125 -8.41 -7.54 9.80
C GLY E 125 -9.70 -6.94 10.33
N ALA E 126 -9.68 -6.38 11.54
CA ALA E 126 -10.88 -5.77 12.11
C ALA E 126 -11.10 -4.41 11.47
N HIS E 127 -12.26 -4.25 10.82
CA HIS E 127 -12.64 -3.00 10.18
C HIS E 127 -14.17 -2.92 10.15
N TRP E 128 -14.71 -1.88 9.51
CA TRP E 128 -16.16 -1.62 9.55
C TRP E 128 -16.99 -2.79 9.01
N ARG E 129 -16.49 -3.53 8.02
CA ARG E 129 -17.22 -4.70 7.52
C ARG E 129 -17.16 -5.90 8.46
N ARG E 130 -16.14 -5.98 9.31
CA ARG E 130 -15.93 -7.14 10.18
C ARG E 130 -15.50 -6.61 11.54
N PRO E 131 -16.42 -6.01 12.29
CA PRO E 131 -16.03 -5.11 13.38
C PRO E 131 -15.56 -5.80 14.65
N GLU E 132 -15.59 -7.12 14.73
CA GLU E 132 -14.99 -7.83 15.86
C GLU E 132 -13.85 -8.73 15.42
N GLY E 133 -13.48 -8.70 14.15
CA GLY E 133 -12.42 -9.52 13.62
C GLY E 133 -12.93 -10.31 12.44
N ALA E 134 -12.11 -11.28 12.00
CA ALA E 134 -12.37 -11.92 10.72
C ALA E 134 -13.57 -12.84 10.77
N ARG E 135 -14.02 -13.24 11.96
CA ARG E 135 -15.15 -14.14 12.12
C ARG E 135 -16.44 -13.40 12.46
N SER E 136 -16.54 -12.14 12.06
CA SER E 136 -17.76 -11.38 12.27
C SER E 136 -18.17 -10.75 10.95
N ASP E 137 -19.41 -10.28 10.92
CA ASP E 137 -19.92 -9.55 9.77
C ASP E 137 -20.99 -8.58 10.28
N ILE E 138 -21.43 -7.70 9.38
CA ILE E 138 -22.45 -6.70 9.71
C ILE E 138 -23.74 -6.96 8.96
N THR E 139 -23.93 -8.19 8.50
CA THR E 139 -25.09 -8.51 7.68
C THR E 139 -26.38 -8.36 8.46
N GLY E 140 -26.39 -8.82 9.70
CA GLY E 140 -27.53 -8.58 10.56
C GLY E 140 -27.51 -7.26 11.30
N ARG E 141 -26.63 -6.31 10.90
CA ARG E 141 -26.58 -4.99 11.55
C ARG E 141 -26.52 -3.85 10.53
N PRO E 142 -27.43 -3.81 9.56
CA PRO E 142 -27.40 -2.71 8.60
C PRO E 142 -27.68 -1.36 9.26
N ASN E 143 -28.42 -1.38 10.37
CA ASN E 143 -28.88 -0.15 11.04
C ASN E 143 -28.13 0.16 12.32
N HIS E 144 -27.02 -0.53 12.58
CA HIS E 144 -26.12 -0.13 13.65
C HIS E 144 -25.21 0.97 13.14
N PRO E 145 -24.66 1.80 14.02
CA PRO E 145 -23.68 2.80 13.56
C PRO E 145 -22.42 2.13 13.01
N VAL E 146 -21.87 2.68 11.93
CA VAL E 146 -20.61 2.18 11.42
C VAL E 146 -19.52 2.49 12.42
N VAL E 147 -18.60 1.53 12.64
CA VAL E 147 -17.49 1.72 13.56
C VAL E 147 -16.17 1.43 12.85
N HIS E 148 -15.06 1.52 13.59
CA HIS E 148 -13.72 1.43 13.02
C HIS E 148 -13.50 2.45 11.91
N VAL E 149 -14.11 3.64 12.01
CA VAL E 149 -13.88 4.70 11.04
C VAL E 149 -13.11 5.83 11.72
N SER E 150 -12.09 6.34 11.04
CA SER E 150 -11.31 7.44 11.59
C SER E 150 -11.96 8.79 11.26
N TRP E 151 -11.36 9.85 11.79
CA TRP E 151 -11.70 11.21 11.38
C TRP E 151 -11.60 11.38 9.88
N ASN E 152 -10.61 10.72 9.27
CA ASN E 152 -10.43 10.83 7.82
C ASN E 152 -11.53 10.08 7.09
N ASP E 153 -11.82 8.86 7.52
CA ASP E 153 -12.96 8.15 6.93
C ASP E 153 -14.25 8.92 7.12
N ALA E 154 -14.41 9.54 8.29
CA ALA E 154 -15.65 10.28 8.57
C ALA E 154 -15.76 11.48 7.64
N THR E 155 -14.73 12.33 7.65
CA THR E 155 -14.69 13.50 6.78
C THR E 155 -14.88 13.11 5.32
N ALA E 156 -14.27 12.01 4.89
CA ALA E 156 -14.39 11.58 3.51
C ALA E 156 -15.80 11.10 3.19
N TYR E 157 -16.43 10.37 4.10
CA TYR E 157 -17.81 9.94 3.86
C TYR E 157 -18.69 11.16 3.65
N ALA E 158 -18.66 12.09 4.61
CA ALA E 158 -19.55 13.24 4.57
C ALA E 158 -19.39 13.97 3.25
N ARG E 159 -18.14 14.31 2.89
CA ARG E 159 -17.85 14.95 1.60
C ARG E 159 -18.56 14.24 0.46
N TRP E 160 -18.38 12.92 0.34
CA TRP E 160 -19.04 12.18 -0.72
C TRP E 160 -20.57 12.33 -0.67
N ALA E 161 -21.14 12.47 0.52
CA ALA E 161 -22.58 12.41 0.68
C ALA E 161 -23.21 13.78 0.64
N GLY E 162 -22.42 14.83 0.41
CA GLY E 162 -22.93 16.18 0.32
C GLY E 162 -23.04 16.88 1.65
N LYS E 163 -22.23 16.50 2.63
CA LYS E 163 -22.36 16.95 4.01
C LYS E 163 -20.98 17.29 4.55
N ARG E 164 -20.89 17.41 5.87
CA ARG E 164 -19.65 17.74 6.56
C ARG E 164 -19.79 17.23 8.00
N LEU E 165 -18.74 17.36 8.76
CA LEU E 165 -18.95 16.99 10.16
C LEU E 165 -19.49 18.19 10.95
N PRO E 166 -20.31 17.94 11.98
CA PRO E 166 -20.73 19.04 12.85
C PRO E 166 -19.55 19.60 13.61
N THR E 167 -19.59 20.90 13.91
CA THR E 167 -18.60 21.41 14.84
C THR E 167 -18.93 20.89 16.24
N GLU E 168 -17.98 21.04 17.17
CA GLU E 168 -18.29 20.69 18.55
C GLU E 168 -19.48 21.50 19.06
N ALA E 169 -19.44 22.83 18.88
CA ALA E 169 -20.56 23.67 19.30
C ALA E 169 -21.89 23.19 18.71
N GLU E 170 -21.94 22.92 17.41
CA GLU E 170 -23.17 22.39 16.82
C GLU E 170 -23.56 21.07 17.46
N TRP E 171 -22.56 20.23 17.76
CA TRP E 171 -22.85 18.91 18.32
C TRP E 171 -23.53 19.02 19.67
N GLU E 172 -22.92 19.79 20.59
CA GLU E 172 -23.52 19.93 21.92
C GLU E 172 -24.88 20.61 21.86
N TYR E 173 -25.01 21.67 21.03
CA TYR E 173 -26.29 22.36 20.96
C TYR E 173 -27.37 21.42 20.45
N ALA E 174 -27.08 20.69 19.37
CA ALA E 174 -28.05 19.73 18.87
C ALA E 174 -28.39 18.69 19.92
N ALA E 175 -27.38 18.25 20.69
CA ALA E 175 -27.58 17.15 21.63
C ALA E 175 -28.39 17.59 22.83
N ARG E 176 -28.18 18.81 23.29
CA ARG E 176 -29.00 19.29 24.42
C ARG E 176 -30.48 19.25 24.14
N GLY E 177 -30.89 19.27 22.87
CA GLY E 177 -32.28 19.00 22.55
C GLY E 177 -33.25 20.12 22.88
N GLY E 178 -32.76 21.34 23.04
CA GLY E 178 -33.64 22.46 23.37
C GLY E 178 -33.75 22.73 24.85
N LEU E 179 -33.13 21.91 25.70
CA LEU E 179 -33.10 22.14 27.14
C LEU E 179 -31.85 22.94 27.49
N ALA E 180 -31.93 23.71 28.58
CA ALA E 180 -30.85 24.59 28.99
C ALA E 180 -30.20 24.03 30.24
N GLY E 181 -28.87 24.00 30.24
CA GLY E 181 -28.10 23.65 31.42
C GLY E 181 -28.38 22.29 32.03
N ARG E 182 -28.81 21.31 31.25
CA ARG E 182 -29.02 19.99 31.83
C ARG E 182 -27.71 19.17 31.85
N ARG E 183 -27.74 18.08 32.61
CA ARG E 183 -26.58 17.20 32.68
C ARG E 183 -26.49 16.28 31.48
N TYR E 184 -27.63 15.71 31.07
CA TYR E 184 -27.75 14.82 29.93
C TYR E 184 -28.69 15.43 28.89
N ALA E 185 -28.73 14.77 27.73
CA ALA E 185 -29.56 15.24 26.63
C ALA E 185 -31.03 15.39 27.03
N TRP E 186 -31.52 14.54 27.93
CA TRP E 186 -32.93 14.43 28.29
C TRP E 186 -33.26 15.06 29.62
N GLY E 187 -32.27 15.45 30.41
CA GLY E 187 -32.56 15.91 31.75
C GLY E 187 -31.34 15.76 32.65
N ASP E 188 -31.60 15.69 33.96
CA ASP E 188 -30.52 15.63 34.95
C ASP E 188 -30.33 14.26 35.58
N GLU E 189 -31.29 13.35 35.44
CA GLU E 189 -31.22 12.01 36.01
C GLU E 189 -30.81 11.01 34.93
N LEU E 190 -29.81 10.17 35.22
CA LEU E 190 -29.33 9.22 34.21
C LEU E 190 -30.43 8.30 33.74
N THR E 191 -31.16 7.70 34.69
CA THR E 191 -32.26 6.79 34.38
C THR E 191 -33.53 7.40 34.99
N PRO E 192 -34.13 8.39 34.33
CA PRO E 192 -35.37 8.97 34.85
C PRO E 192 -36.45 7.90 34.94
N GLY E 193 -37.02 7.76 36.12
CA GLY E 193 -38.04 6.74 36.31
C GLY E 193 -37.50 5.35 36.16
N GLY E 194 -36.22 5.15 36.49
CA GLY E 194 -35.59 3.85 36.44
C GLY E 194 -35.41 3.22 35.07
N ARG E 195 -35.77 3.91 33.98
CA ARG E 195 -35.70 3.34 32.64
C ARG E 195 -34.49 3.90 31.88
N TRP E 196 -33.80 3.03 31.15
CA TRP E 196 -32.54 3.40 30.54
C TRP E 196 -32.80 4.26 29.31
N ARG E 197 -32.04 5.35 29.19
CA ARG E 197 -32.22 6.29 28.10
C ARG E 197 -31.10 6.24 27.07
N CYS E 198 -30.04 5.46 27.31
CA CYS E 198 -28.91 5.41 26.39
C CYS E 198 -28.13 4.13 26.63
N ASN E 199 -27.18 3.86 25.73
CA ASN E 199 -26.43 2.59 25.70
C ASN E 199 -25.04 2.83 26.25
N ILE E 200 -24.86 2.59 27.55
CA ILE E 200 -23.55 2.65 28.16
C ILE E 200 -23.30 1.30 28.80
N TRP E 201 -22.53 1.27 29.89
CA TRP E 201 -22.14 0.02 30.56
C TRP E 201 -22.84 -0.10 31.90
N GLN E 202 -23.36 -1.31 32.18
CA GLN E 202 -23.79 -1.66 33.53
C GLN E 202 -23.04 -2.92 34.00
N GLY E 203 -22.61 -2.91 35.26
CA GLY E 203 -21.89 -4.03 35.81
C GLY E 203 -20.49 -3.63 36.19
N ARG E 204 -19.60 -4.61 36.36
CA ARG E 204 -18.24 -4.37 36.82
C ARG E 204 -17.34 -4.21 35.59
N PHE E 205 -17.05 -2.97 35.21
CA PHE E 205 -16.17 -2.75 34.06
C PHE E 205 -14.73 -3.10 34.44
N PRO E 206 -13.97 -3.76 33.55
CA PRO E 206 -14.27 -4.21 32.18
C PRO E 206 -14.62 -5.69 31.99
N HIS E 207 -15.15 -6.35 33.01
CA HIS E 207 -15.23 -7.80 32.98
C HIS E 207 -16.63 -8.35 32.82
N VAL E 208 -17.64 -7.67 33.38
CA VAL E 208 -19.02 -8.15 33.35
C VAL E 208 -19.92 -7.00 32.93
N ASN E 209 -20.64 -7.17 31.82
CA ASN E 209 -21.58 -6.20 31.30
C ASN E 209 -22.97 -6.81 31.35
N THR E 210 -23.81 -6.37 32.29
CA THR E 210 -25.12 -6.99 32.43
C THR E 210 -26.10 -6.64 31.32
N ALA E 211 -25.73 -5.74 30.40
CA ALA E 211 -26.61 -5.38 29.29
C ALA E 211 -28.02 -4.99 29.78
N GLU E 212 -28.10 -4.41 30.97
CA GLU E 212 -29.40 -4.01 31.51
C GLU E 212 -30.11 -3.03 30.60
N ASP E 213 -29.36 -2.19 29.88
CA ASP E 213 -29.96 -1.23 28.96
C ASP E 213 -30.32 -1.86 27.62
N GLY E 214 -30.08 -3.16 27.47
CA GLY E 214 -30.52 -3.90 26.31
C GLY E 214 -29.41 -4.26 25.33
N HIS E 215 -28.21 -3.73 25.51
CA HIS E 215 -27.15 -3.88 24.51
C HIS E 215 -25.79 -3.94 25.18
N LEU E 216 -25.06 -5.04 24.94
CA LEU E 216 -23.66 -5.12 25.33
C LEU E 216 -22.77 -4.33 24.37
N SER E 217 -22.95 -4.53 23.07
CA SER E 217 -22.16 -3.85 22.05
C SER E 217 -22.98 -2.70 21.45
N THR E 218 -22.99 -2.51 20.14
CA THR E 218 -23.72 -1.40 19.55
C THR E 218 -25.22 -1.72 19.48
N ALA E 219 -26.04 -0.67 19.57
CA ALA E 219 -27.47 -0.78 19.34
C ALA E 219 -27.83 -0.16 18.00
N PRO E 220 -29.00 -0.49 17.44
CA PRO E 220 -29.47 0.24 16.24
C PRO E 220 -29.47 1.76 16.49
N VAL E 221 -29.24 2.52 15.41
CA VAL E 221 -29.09 3.96 15.59
C VAL E 221 -30.36 4.62 16.14
N LYS E 222 -31.52 3.97 16.06
CA LYS E 222 -32.76 4.58 16.54
C LYS E 222 -33.30 3.89 17.80
N SER E 223 -32.42 3.38 18.65
CA SER E 223 -32.83 2.81 19.92
C SER E 223 -33.14 3.94 20.91
N TYR E 224 -33.97 3.63 21.90
CA TYR E 224 -34.34 4.57 22.96
C TYR E 224 -35.15 5.70 22.30
N ARG E 225 -35.15 6.88 22.92
CA ARG E 225 -36.04 7.92 22.42
C ARG E 225 -35.24 9.10 21.91
N PRO E 226 -35.70 9.75 20.83
CA PRO E 226 -35.01 10.96 20.35
C PRO E 226 -34.98 12.01 21.44
N ASN E 227 -34.08 12.97 21.29
CA ASN E 227 -34.08 14.10 22.22
C ASN E 227 -35.03 15.18 21.68
N GLY E 228 -35.03 16.34 22.33
CA GLY E 228 -35.96 17.40 21.94
C GLY E 228 -35.77 17.89 20.52
N HIS E 229 -34.60 17.67 19.93
CA HIS E 229 -34.35 18.09 18.56
C HIS E 229 -34.53 16.96 17.57
N GLY E 230 -35.07 15.81 18.02
CA GLY E 230 -35.21 14.66 17.14
C GLY E 230 -33.93 13.91 16.81
N LEU E 231 -32.86 14.06 17.60
CA LEU E 231 -31.62 13.30 17.41
C LEU E 231 -31.61 12.06 18.29
N TRP E 232 -31.23 10.92 17.72
CA TRP E 232 -31.18 9.65 18.45
C TRP E 232 -29.77 9.35 18.96
N ASN E 233 -29.69 8.88 20.20
CA ASN E 233 -28.46 8.27 20.75
C ASN E 233 -27.26 9.19 20.66
N THR E 234 -27.45 10.47 20.99
CA THR E 234 -26.28 11.35 21.09
C THR E 234 -25.47 11.03 22.32
N ALA E 235 -26.11 10.54 23.38
CA ALA E 235 -25.36 10.02 24.51
C ALA E 235 -25.23 8.51 24.33
N GLY E 236 -24.01 7.99 24.49
CA GLY E 236 -23.83 6.54 24.44
C GLY E 236 -23.84 5.96 23.04
N ASN E 237 -23.86 4.62 23.00
CA ASN E 237 -23.69 3.83 21.79
C ASN E 237 -22.27 3.95 21.23
N VAL E 238 -21.98 4.92 20.35
CA VAL E 238 -20.62 5.10 19.85
C VAL E 238 -20.18 6.53 20.06
N TRP E 239 -18.87 6.71 20.21
CA TRP E 239 -18.33 8.07 20.17
C TRP E 239 -18.57 8.66 18.79
N GLU E 240 -18.64 9.99 18.69
CA GLU E 240 -18.90 10.63 17.41
C GLU E 240 -17.86 11.72 17.11
N TRP E 241 -17.29 11.67 15.91
CA TRP E 241 -16.24 12.59 15.48
C TRP E 241 -16.81 13.97 15.17
N CYS E 242 -16.11 15.03 15.59
CA CYS E 242 -16.44 16.40 15.18
C CYS E 242 -15.31 17.01 14.37
N SER E 243 -15.59 18.14 13.72
CA SER E 243 -14.58 18.77 12.89
C SER E 243 -13.49 19.48 13.70
N ASP E 244 -13.80 19.92 14.92
CA ASP E 244 -12.85 20.72 15.68
C ASP E 244 -11.55 19.96 15.98
N TRP E 245 -10.43 20.69 15.96
CA TRP E 245 -9.29 20.30 16.79
C TRP E 245 -9.67 20.46 18.25
N PHE E 246 -9.21 19.54 19.09
CA PHE E 246 -9.50 19.62 20.51
C PHE E 246 -8.47 20.49 21.21
N SER E 247 -8.94 21.34 22.11
CA SER E 247 -8.05 21.99 23.06
C SER E 247 -8.80 22.15 24.37
N PRO E 248 -8.14 21.90 25.50
CA PRO E 248 -8.77 22.11 26.81
C PRO E 248 -8.85 23.57 27.24
N THR E 249 -8.37 24.51 26.42
CA THR E 249 -8.50 25.92 26.74
C THR E 249 -9.35 26.68 25.75
N TYR E 250 -9.92 26.01 24.73
CA TYR E 250 -10.64 26.73 23.70
C TYR E 250 -11.87 27.44 24.28
N TYR E 251 -12.53 26.82 25.26
CA TYR E 251 -13.77 27.38 25.78
C TYR E 251 -13.55 28.78 26.32
N ALA E 252 -12.42 29.00 26.99
CA ALA E 252 -12.09 30.32 27.51
C ALA E 252 -11.69 31.32 26.41
N GLU E 253 -11.37 30.84 25.20
CA GLU E 253 -10.95 31.69 24.10
C GLU E 253 -11.95 31.72 22.96
N SER E 254 -13.10 31.08 23.12
CA SER E 254 -13.93 30.84 21.95
C SER E 254 -14.50 32.16 21.43
N PRO E 255 -14.60 32.32 20.11
CA PRO E 255 -15.44 33.41 19.58
C PRO E 255 -16.86 33.18 20.03
N THR E 256 -17.70 34.21 19.79
CA THR E 256 -19.11 34.04 20.12
C THR E 256 -19.86 33.32 19.01
N VAL E 257 -19.53 33.62 17.76
CA VAL E 257 -20.36 33.23 16.63
C VAL E 257 -19.68 32.10 15.86
N ASP E 258 -20.37 30.98 15.76
CA ASP E 258 -19.94 29.86 14.93
C ASP E 258 -18.51 29.40 15.25
N PRO E 259 -18.21 29.02 16.50
CA PRO E 259 -16.84 28.58 16.83
C PRO E 259 -16.47 27.37 16.01
N HIS E 260 -15.24 27.35 15.50
CA HIS E 260 -14.75 26.23 14.69
C HIS E 260 -13.62 25.43 15.37
N GLY E 261 -13.26 25.78 16.62
CA GLY E 261 -12.11 25.19 17.27
C GLY E 261 -10.82 25.89 16.88
N PRO E 262 -9.69 25.54 17.53
CA PRO E 262 -8.41 26.20 17.20
C PRO E 262 -7.96 25.83 15.81
N GLY E 263 -6.96 26.57 15.31
CA GLY E 263 -6.48 26.34 13.96
C GLY E 263 -5.59 25.13 13.85
N THR E 264 -4.83 24.84 14.91
CA THR E 264 -3.90 23.73 14.99
C THR E 264 -4.31 22.80 16.12
N GLY E 265 -3.73 21.61 16.12
CA GLY E 265 -3.96 20.66 17.20
C GLY E 265 -3.44 19.29 16.83
N ALA E 266 -3.46 18.41 17.84
CA ALA E 266 -3.04 17.01 17.72
C ALA E 266 -4.21 16.07 17.49
N ALA E 267 -5.26 16.21 18.30
CA ALA E 267 -6.40 15.32 18.26
C ALA E 267 -7.65 16.08 17.81
N ARG E 268 -8.43 15.50 16.90
CA ARG E 268 -9.77 15.97 16.64
C ARG E 268 -10.70 15.57 17.78
N VAL E 269 -11.84 16.28 17.88
CA VAL E 269 -12.78 16.17 18.99
C VAL E 269 -13.67 14.94 18.85
N LEU E 270 -14.06 14.36 20.00
CA LEU E 270 -15.01 13.26 20.09
C LEU E 270 -16.10 13.59 21.10
N ARG E 271 -17.35 13.24 20.80
CA ARG E 271 -18.42 13.53 21.75
C ARG E 271 -19.33 12.33 21.92
N GLY E 272 -19.94 12.24 23.10
CA GLY E 272 -21.15 11.46 23.29
C GLY E 272 -20.99 10.28 24.23
N GLY E 273 -19.79 9.71 24.28
CA GLY E 273 -19.59 8.48 25.02
C GLY E 273 -20.07 7.30 24.22
N SER E 274 -19.73 6.10 24.70
CA SER E 274 -19.98 4.87 23.95
C SER E 274 -20.60 3.83 24.88
N TYR E 275 -20.89 2.68 24.31
CA TYR E 275 -21.42 1.58 25.10
C TYR E 275 -20.43 1.03 26.11
N LEU E 276 -19.22 1.60 26.18
CA LEU E 276 -18.28 1.18 27.21
C LEU E 276 -18.24 2.12 28.41
N CYS E 277 -18.88 3.29 28.35
CA CYS E 277 -18.73 4.25 29.44
C CYS E 277 -19.38 3.74 30.71
N HIS E 278 -18.78 4.07 31.85
CA HIS E 278 -19.29 3.69 33.15
C HIS E 278 -18.77 4.70 34.14
N ASP E 279 -19.57 4.92 35.18
CA ASP E 279 -19.26 5.92 36.20
C ASP E 279 -17.92 5.67 36.89
N SER E 280 -17.46 4.42 36.92
CA SER E 280 -16.25 4.13 37.70
C SER E 280 -14.98 4.70 37.08
N TYR E 281 -15.01 5.09 35.80
CA TYR E 281 -13.79 5.53 35.14
C TYR E 281 -14.02 6.59 34.07
N CYS E 282 -15.19 6.60 33.42
CA CYS E 282 -15.44 7.55 32.34
C CYS E 282 -16.94 7.81 32.21
N ASN E 283 -17.41 8.92 32.78
CA ASN E 283 -18.82 9.31 32.64
C ASN E 283 -19.03 10.32 31.53
N ARG E 284 -18.39 10.14 30.37
CA ARG E 284 -18.42 11.17 29.33
C ARG E 284 -19.68 11.12 28.44
N TYR E 285 -20.73 10.41 28.86
CA TYR E 285 -22.02 10.47 28.20
C TYR E 285 -22.81 11.71 28.63
N ARG E 286 -22.33 12.43 29.65
CA ARG E 286 -22.84 13.76 29.94
C ARG E 286 -22.76 14.63 28.70
N VAL E 287 -23.84 15.39 28.45
CA VAL E 287 -23.88 16.18 27.22
C VAL E 287 -22.78 17.22 27.21
N ALA E 288 -22.26 17.61 28.37
CA ALA E 288 -21.17 18.59 28.36
C ALA E 288 -19.78 17.98 28.18
N ALA E 289 -19.63 16.65 28.24
CA ALA E 289 -18.29 16.06 28.28
C ALA E 289 -17.61 16.10 26.90
N ARG E 290 -16.28 16.19 26.92
CA ARG E 290 -15.49 16.20 25.69
C ARG E 290 -14.36 15.18 25.77
N SER E 291 -14.02 14.63 24.61
CA SER E 291 -12.81 13.83 24.44
C SER E 291 -12.25 14.10 23.06
N SER E 292 -11.22 13.35 22.69
CA SER E 292 -10.50 13.59 21.45
C SER E 292 -9.63 12.39 21.10
N ASN E 293 -9.18 12.37 19.85
CA ASN E 293 -8.32 11.31 19.37
C ASN E 293 -7.61 11.79 18.12
N THR E 294 -6.44 11.20 17.87
CA THR E 294 -5.67 11.56 16.69
C THR E 294 -6.45 11.19 15.44
N PRO E 295 -6.37 11.98 14.37
CA PRO E 295 -7.37 11.83 13.30
C PRO E 295 -7.41 10.45 12.66
N ASP E 296 -6.32 9.68 12.68
CA ASP E 296 -6.33 8.41 11.98
C ASP E 296 -6.65 7.23 12.89
N SER E 297 -7.03 7.48 14.15
CA SER E 297 -7.42 6.43 15.07
C SER E 297 -8.72 5.76 14.63
N SER E 298 -8.95 4.56 15.14
CA SER E 298 -10.20 3.85 14.92
C SER E 298 -10.36 2.79 16.01
N SER E 299 -11.61 2.46 16.31
CA SER E 299 -11.95 1.44 17.29
C SER E 299 -13.40 1.04 17.03
N GLY E 300 -13.80 -0.06 17.65
CA GLY E 300 -15.14 -0.54 17.43
C GLY E 300 -16.22 0.16 18.24
N ASN E 301 -15.88 1.27 18.88
CA ASN E 301 -16.87 2.02 19.64
C ASN E 301 -16.85 3.49 19.23
N LEU E 302 -16.41 3.74 18.00
CA LEU E 302 -16.13 5.09 17.51
C LEU E 302 -16.71 5.19 16.12
N GLY E 303 -17.60 6.19 15.93
CA GLY E 303 -18.33 6.41 14.69
C GLY E 303 -18.58 7.90 14.54
N PHE E 304 -19.64 8.29 13.83
CA PHE E 304 -19.84 9.71 13.58
C PHE E 304 -21.23 9.97 13.00
N ARG E 305 -21.69 11.24 13.10
CA ARG E 305 -22.88 11.73 12.39
C ARG E 305 -22.57 13.03 11.64
N CYS E 306 -23.21 13.24 10.50
CA CYS E 306 -22.89 14.38 9.65
C CYS E 306 -23.73 15.61 9.97
N ALA E 307 -23.39 16.71 9.29
CA ALA E 307 -24.04 18.02 9.43
C ALA E 307 -23.98 18.74 8.10
N ASN E 308 -24.37 20.02 8.08
CA ASN E 308 -24.44 20.79 6.85
C ASN E 308 -24.77 22.24 7.18
N ASP E 309 -24.30 23.15 6.34
CA ASP E 309 -24.72 24.55 6.42
C ASP E 309 -26.18 24.68 6.00
N ALA E 310 -26.77 25.86 6.27
CA ALA E 310 -28.18 26.14 5.96
C ALA E 310 -28.32 27.37 5.07
N ASP E 311 -29.58 27.71 4.79
CA ASP E 311 -30.05 29.04 4.38
C ASP E 311 -31.17 29.48 5.32
N LEU E 312 -31.49 30.79 5.34
CA LEU E 312 -32.59 31.28 6.18
C LEU E 312 -33.80 31.75 5.35
N THR E 313 -34.40 30.83 4.59
CA THR E 313 -35.74 30.94 4.01
C THR E 313 -36.30 29.51 3.95
N SER E 314 -37.60 29.38 4.25
CA SER E 314 -38.26 28.07 4.31
C SER E 314 -39.71 28.19 3.84
N GLY E 315 -40.30 27.05 3.46
CA GLY E 315 -41.68 26.97 3.02
C GLY E 315 -42.20 25.55 2.85
CA CA F . 7.05 -2.40 -26.15
CU CU G . 14.92 -6.43 -17.82
CU CU H . -0.94 -1.59 -26.01
CU CU I . -7.35 -10.99 0.93
CU CU J . 12.45 10.43 -19.81
N1 IMD K . 24.15 -4.90 -14.47
C2 IMD K . 22.86 -4.62 -14.79
N3 IMD K . 22.09 -5.55 -14.16
C4 IMD K . 22.89 -6.39 -13.45
C5 IMD K . 24.20 -5.98 -13.65
N1 IMD L . 21.72 6.82 19.21
C2 IMD L . 22.92 6.19 19.24
N3 IMD L . 23.74 6.85 20.12
C4 IMD L . 23.02 7.90 20.63
C5 IMD L . 21.76 7.87 20.05
CA CA M . 34.61 8.50 -10.99
CU CU N . 22.96 10.99 -10.33
CU CU O . 39.85 6.41 -5.34
CU CU P . 28.19 -4.54 -15.41
C1 GOL Q . -32.91 3.21 -24.97
O1 GOL Q . -33.80 2.13 -25.18
C2 GOL Q . -32.27 3.69 -26.28
O2 GOL Q . -32.71 5.00 -26.62
C3 GOL Q . -30.73 3.61 -26.24
O3 GOL Q . -30.13 4.57 -27.08
CA CA R . -7.72 -6.87 -32.95
CU CU S . -12.30 -9.32 -43.58
CU CU T . -35.63 -22.50 -30.41
CU CU U . -10.92 -2.22 -25.74
CU CU V . -37.99 4.86 -30.45
C FMT W . -10.96 -12.39 -52.53
O1 FMT W . -10.75 -12.10 -51.34
O2 FMT W . -12.03 -12.17 -53.13
C1 GOL X . -9.08 -26.90 -49.67
O1 GOL X . -7.97 -26.25 -50.30
C2 GOL X . -8.77 -27.38 -48.23
O2 GOL X . -8.72 -28.79 -48.24
C3 GOL X . -7.52 -26.77 -47.54
O3 GOL X . -7.02 -27.51 -46.42
C1 GOL Y . 0.63 -10.05 -43.09
O1 GOL Y . 0.14 -10.69 -44.26
C2 GOL Y . 1.76 -9.02 -43.34
O2 GOL Y . 1.50 -7.81 -42.65
C3 GOL Y . 3.16 -9.58 -43.02
O3 GOL Y . 3.96 -8.69 -42.25
N GLY Z . 37.12 -20.15 29.87
CA GLY Z . 37.19 -18.78 29.38
C GLY Z . 35.86 -18.05 29.23
O GLY Z . 34.78 -18.64 29.19
C1 GOL AA . 31.18 1.30 28.14
O1 GOL AA . 31.98 0.14 28.11
C2 GOL AA . 30.44 1.53 29.48
O2 GOL AA . 31.26 1.16 30.57
C3 GOL AA . 29.91 2.98 29.59
O3 GOL AA . 29.24 3.23 30.82
CA CA BA . 1.97 2.43 45.47
CU CU CA . -1.15 -3.70 35.54
CU CU DA . -9.22 11.00 39.42
CU CU EA . 29.86 -11.93 35.69
CU CU FA . 20.37 -14.68 22.59
CU CU GA . 9.58 2.65 50.24
S1 DTT HA . -2.22 5.77 24.81
C1 DTT HA . -1.33 5.76 26.38
C2 DTT HA . 0.21 5.70 26.30
O2 DTT HA . 0.70 5.16 25.08
C3 DTT HA . 0.81 5.02 27.57
O3 DTT HA . 0.06 5.47 28.69
C4 DTT HA . 0.88 3.46 27.54
S4 DTT HA . 1.68 2.52 28.92
N1 IMD IA . -9.49 -7.30 30.92
C2 IMD IA . -8.65 -6.31 31.36
N3 IMD IA . -7.45 -6.47 30.74
C4 IMD IA . -7.53 -7.55 29.91
C5 IMD IA . -8.82 -8.07 30.02
CA CA JA . -25.12 -1.13 27.18
CU CU KA . -17.01 7.30 28.78
CU CU LA . -32.95 -1.20 22.83
CU CU MA . -11.53 7.42 -0.35
CU CU NA . -33.92 21.32 5.54
N1 IMD OA . -16.70 -16.42 16.77
C2 IMD OA . -16.02 -15.97 17.86
N3 IMD OA . -14.74 -16.44 17.82
C4 IMD OA . -14.63 -17.18 16.69
C5 IMD OA . -15.86 -17.17 16.03
#